data_1Z7F
# 
_entry.id   1Z7F 
# 
_audit_conform.dict_name       mmcif_pdbx.dic 
_audit_conform.dict_version    5.376 
_audit_conform.dict_location   http://mmcif.pdb.org/dictionaries/ascii/mmcif_pdbx.dic 
# 
loop_
_database_2.database_id 
_database_2.database_code 
_database_2.pdbx_database_accession 
_database_2.pdbx_DOI 
PDB   1Z7F         pdb_00001z7f 10.2210/pdb1z7f/pdb 
NDB   AR0061       ?            ?                   
RCSB  RCSB032392   ?            ?                   
WWPDB D_1000032392 ?            ?                   
# 
loop_
_pdbx_database_related.db_name 
_pdbx_database_related.db_id 
_pdbx_database_related.details 
_pdbx_database_related.content_type 
NDB AR0002 'The same sequence at 2.5 A resolution' unspecified 
PDB 1Z7F   .                                       unspecified 
PDB 1YRM   .                                       unspecified 
PDB 1YY0   .                                       unspecified 
PDB 1YZD   .                                       unspecified 
# 
_pdbx_database_status.status_code                     REL 
_pdbx_database_status.entry_id                        1Z7F 
_pdbx_database_status.recvd_initial_deposition_date   2005-03-24 
_pdbx_database_status.deposit_site                    RCSB 
_pdbx_database_status.process_site                    RCSB 
_pdbx_database_status.status_code_sf                  REL 
_pdbx_database_status.status_code_mr                  ? 
_pdbx_database_status.SG_entry                        ? 
_pdbx_database_status.pdb_format_compatible           Y 
_pdbx_database_status.status_code_cs                  ? 
_pdbx_database_status.status_code_nmr_data            ? 
_pdbx_database_status.methods_development_category    ? 
# 
loop_
_audit_author.name 
_audit_author.pdbx_ordinal 
'Gherghe, C.M.' 1 
'Krahn, J.M.'   2 
'Weeks, K.M.'   3 
# 
_citation.id                        primary 
_citation.title                     
;Crystal structures, reactivity and inferred acylation transition States for 2'-amine substituted RNA.
;
_citation.journal_abbrev            J.Am.Chem.Soc. 
_citation.journal_volume            127 
_citation.page_first                13622 
_citation.page_last                 13628 
_citation.year                      2005 
_citation.journal_id_ASTM           JACSAT 
_citation.country                   US 
_citation.journal_id_ISSN           0002-7863 
_citation.journal_id_CSD            0004 
_citation.book_publisher            ? 
_citation.pdbx_database_id_PubMed   16190727 
_citation.pdbx_database_id_DOI      10.1021/ja053647y 
# 
loop_
_citation_author.citation_id 
_citation_author.name 
_citation_author.ordinal 
_citation_author.identifier_ORCID 
primary 'Gherghe, C.M.' 1 ? 
primary 'Krahn, J.M.'   2 ? 
primary 'Weeks, K.M.'   3 ? 
# 
_cell.entry_id           1Z7F 
_cell.length_a           43.000 
_cell.length_b           43.000 
_cell.length_c           122.000 
_cell.angle_alpha        90.00 
_cell.angle_beta         90.00 
_cell.angle_gamma        120.00 
_cell.Z_PDB              18 
_cell.pdbx_unique_axis   ? 
# 
_symmetry.entry_id                         1Z7F 
_symmetry.space_group_name_H-M             'P 31 2 1' 
_symmetry.pdbx_full_space_group_name_H-M   ? 
_symmetry.cell_setting                     ? 
_symmetry.Int_Tables_number                152 
_symmetry.space_group_name_Hall            ? 
# 
loop_
_entity.id 
_entity.type 
_entity.src_method 
_entity.pdbx_description 
_entity.formula_weight 
_entity.pdbx_number_of_molecules 
_entity.pdbx_ec 
_entity.pdbx_mutation 
_entity.pdbx_fragment 
_entity.details 
1 polymer     syn "5'-R(*GP*CP*AP*GP*AP*CP*UP*UP*AP*AP*AP*UP*CP*UP*GP*C)-3'" 5082.079 3  ? ? ? ? 
2 non-polymer syn 'STRONTIUM ION'                                            87.620   2  ? ? ? ? 
3 water       nat water                                                      18.015   67 ? ? ? ? 
# 
_entity_poly.entity_id                      1 
_entity_poly.type                           polyribonucleotide 
_entity_poly.nstd_linkage                   no 
_entity_poly.nstd_monomer                   no 
_entity_poly.pdbx_seq_one_letter_code       GCAGACUUAAAUCUGC 
_entity_poly.pdbx_seq_one_letter_code_can   GCAGACUUAAAUCUGC 
_entity_poly.pdbx_strand_id                 A,B,C 
_entity_poly.pdbx_target_identifier         ? 
# 
loop_
_entity_poly_seq.entity_id 
_entity_poly_seq.num 
_entity_poly_seq.mon_id 
_entity_poly_seq.hetero 
1 1  G n 
1 2  C n 
1 3  A n 
1 4  G n 
1 5  A n 
1 6  C n 
1 7  U n 
1 8  U n 
1 9  A n 
1 10 A n 
1 11 A n 
1 12 U n 
1 13 C n 
1 14 U n 
1 15 G n 
1 16 C n 
# 
_struct_ref.id                         1 
_struct_ref.entity_id                  1 
_struct_ref.db_name                    PDB 
_struct_ref.db_code                    1Z7F 
_struct_ref.pdbx_db_accession          1Z7F 
_struct_ref.pdbx_db_isoform            ? 
_struct_ref.pdbx_seq_one_letter_code   ? 
_struct_ref.pdbx_align_begin           ? 
# 
loop_
_struct_ref_seq.align_id 
_struct_ref_seq.ref_id 
_struct_ref_seq.pdbx_PDB_id_code 
_struct_ref_seq.pdbx_strand_id 
_struct_ref_seq.seq_align_beg 
_struct_ref_seq.pdbx_seq_align_beg_ins_code 
_struct_ref_seq.seq_align_end 
_struct_ref_seq.pdbx_seq_align_end_ins_code 
_struct_ref_seq.pdbx_db_accession 
_struct_ref_seq.db_align_beg 
_struct_ref_seq.pdbx_db_align_beg_ins_code 
_struct_ref_seq.db_align_end 
_struct_ref_seq.pdbx_db_align_end_ins_code 
_struct_ref_seq.pdbx_auth_seq_align_beg 
_struct_ref_seq.pdbx_auth_seq_align_end 
1 1 1Z7F A 1 ? 16 ? 1Z7F 1  ? 16 ? 1  16 
2 1 1Z7F B 1 ? 16 ? 1Z7F 1  ? 16 ? 1  16 
3 1 1Z7F C 1 ? 16 ? 1Z7F 17 ? 32 ? 17 32 
# 
loop_
_chem_comp.id 
_chem_comp.type 
_chem_comp.mon_nstd_flag 
_chem_comp.name 
_chem_comp.pdbx_synonyms 
_chem_comp.formula 
_chem_comp.formula_weight 
A   'RNA linking' y "ADENOSINE-5'-MONOPHOSPHATE" ? 'C10 H14 N5 O7 P' 347.221 
C   'RNA linking' y "CYTIDINE-5'-MONOPHOSPHATE"  ? 'C9 H14 N3 O8 P'  323.197 
G   'RNA linking' y "GUANOSINE-5'-MONOPHOSPHATE" ? 'C10 H14 N5 O8 P' 363.221 
HOH non-polymer   . WATER                        ? 'H2 O'            18.015  
SR  non-polymer   . 'STRONTIUM ION'              ? 'Sr 2'            87.620  
U   'RNA linking' y "URIDINE-5'-MONOPHOSPHATE"   ? 'C9 H13 N2 O9 P'  324.181 
# 
_exptl.entry_id          1Z7F 
_exptl.method            'X-RAY DIFFRACTION' 
_exptl.crystals_number   1 
# 
_exptl_crystal.id                    1 
_exptl_crystal.density_meas          ? 
_exptl_crystal.density_Matthews      2.14 
_exptl_crystal.density_percent_sol   42.40 
_exptl_crystal.description           ? 
_exptl_crystal.F_000                 ? 
_exptl_crystal.preparation           ? 
# 
_exptl_crystal_grow.crystal_id      1 
_exptl_crystal_grow.method          'VAPOR DIFFUSION, SITTING DROP' 
_exptl_crystal_grow.temp            273 
_exptl_crystal_grow.temp_details    ? 
_exptl_crystal_grow.pH              7.0 
_exptl_crystal_grow.pdbx_details    
'MPD, sodium cacodylate, spermine, strontium chloride, magnesium chloride, pH 7.0, VAPOR DIFFUSION, SITTING DROP, temperature 273K' 
_exptl_crystal_grow.pdbx_pH_range   . 
# 
loop_
_exptl_crystal_grow_comp.crystal_id 
_exptl_crystal_grow_comp.id 
_exptl_crystal_grow_comp.sol_id 
_exptl_crystal_grow_comp.name 
_exptl_crystal_grow_comp.volume 
_exptl_crystal_grow_comp.conc 
_exptl_crystal_grow_comp.details 
1 1  1 MPD                  ? ? ? 
1 2  1 'sodium cacodylate'  ? ? ? 
1 3  1 spermine             ? ? ? 
1 4  1 'strontium chloride' ? ? ? 
1 5  1 'magnesium chloride' ? ? ? 
1 6  1 H2O                  ? ? ? 
1 7  2 MPD                  ? ? ? 
1 8  2 'sodium cacodylate'  ? ? ? 
1 9  2 'strontium chloride' ? ? ? 
1 10 2 'magnesium chloride' ? ? ? 
# 
_diffrn.id                     1 
_diffrn.ambient_temp           100 
_diffrn.ambient_temp_details   ? 
_diffrn.crystal_id             1 
# 
_diffrn_detector.diffrn_id              1 
_diffrn_detector.detector               'IMAGE PLATE' 
_diffrn_detector.type                   RIGAKU 
_diffrn_detector.pdbx_collection_date   2004-02-14 
_diffrn_detector.details                ? 
# 
_diffrn_radiation.diffrn_id                        1 
_diffrn_radiation.wavelength_id                    1 
_diffrn_radiation.pdbx_monochromatic_or_laue_m_l   M 
_diffrn_radiation.monochromator                    ? 
_diffrn_radiation.pdbx_diffrn_protocol             'SINGLE WAVELENGTH' 
_diffrn_radiation.pdbx_scattering_type             x-ray 
# 
_diffrn_radiation_wavelength.id           1 
_diffrn_radiation_wavelength.wavelength   1.5418 
_diffrn_radiation_wavelength.wt           1.0 
# 
_diffrn_source.diffrn_id                   1 
_diffrn_source.source                      'ROTATING ANODE' 
_diffrn_source.type                        RIGAKU 
_diffrn_source.pdbx_synchrotron_site       ? 
_diffrn_source.pdbx_synchrotron_beamline   ? 
_diffrn_source.pdbx_wavelength             ? 
_diffrn_source.pdbx_wavelength_list        1.5418 
# 
_reflns.entry_id                     1Z7F 
_reflns.observed_criterion_sigma_I   1 
_reflns.observed_criterion_sigma_F   ? 
_reflns.d_resolution_low             27 
_reflns.d_resolution_high            2.00 
_reflns.number_obs                   8972 
_reflns.number_all                   9573 
_reflns.percent_possible_obs         93.8 
_reflns.pdbx_Rmerge_I_obs            0.083 
_reflns.pdbx_Rsym_value              0.108 
_reflns.pdbx_netI_over_sigmaI        22.11 
_reflns.B_iso_Wilson_estimate        26.5 
_reflns.pdbx_redundancy              12.02 
_reflns.R_free_details               ? 
_reflns.pdbx_chi_squared             ? 
_reflns.pdbx_scaling_rejects         ? 
_reflns.pdbx_diffrn_id               1 
_reflns.pdbx_ordinal                 1 
# 
_reflns_shell.d_res_high             2.00 
_reflns_shell.d_res_low              2.07 
_reflns_shell.percent_possible_all   68.7 
_reflns_shell.Rmerge_I_obs           0.176 
_reflns_shell.pdbx_Rsym_value        0.158 
_reflns_shell.meanI_over_sigI_obs    4.59 
_reflns_shell.pdbx_redundancy        ? 
_reflns_shell.percent_possible_obs   ? 
_reflns_shell.number_unique_all      638 
_reflns_shell.number_measured_all    ? 
_reflns_shell.number_measured_obs    ? 
_reflns_shell.number_unique_obs      ? 
_reflns_shell.pdbx_chi_squared       ? 
_reflns_shell.pdbx_diffrn_id         ? 
_reflns_shell.pdbx_ordinal           1 
# 
_refine.entry_id                                 1Z7F 
_refine.ls_number_reflns_obs                     7927 
_refine.ls_number_reflns_all                     ? 
_refine.pdbx_ls_sigma_I                          ? 
_refine.pdbx_ls_sigma_F                          0.0 
_refine.pdbx_data_cutoff_high_absF               1006060.31 
_refine.pdbx_data_cutoff_low_absF                0.000000 
_refine.pdbx_data_cutoff_high_rms_absF           ? 
_refine.ls_d_res_low                             19.01 
_refine.ls_d_res_high                            2.10 
_refine.ls_percent_reflns_obs                    97.2 
_refine.ls_R_factor_obs                          0.261 
_refine.ls_R_factor_all                          0.275 
_refine.ls_R_factor_R_work                       0.261 
_refine.ls_R_factor_R_free                       0.28 
_refine.ls_R_factor_R_free_error                 0.013 
_refine.ls_R_factor_R_free_error_details         ? 
_refine.ls_percent_reflns_R_free                 5.7 
_refine.ls_number_reflns_R_free                  448 
_refine.ls_number_parameters                     ? 
_refine.ls_number_restraints                     ? 
_refine.occupancy_min                            ? 
_refine.occupancy_max                            ? 
_refine.correlation_coeff_Fo_to_Fc               ? 
_refine.correlation_coeff_Fo_to_Fc_free          ? 
_refine.B_iso_mean                               33.4 
_refine.aniso_B[1][1]                            4.87 
_refine.aniso_B[2][2]                            4.87 
_refine.aniso_B[3][3]                            -9.73 
_refine.aniso_B[1][2]                            3.33 
_refine.aniso_B[1][3]                            0.00 
_refine.aniso_B[2][3]                            0.00 
_refine.solvent_model_details                    'FLAT MODEL' 
_refine.solvent_model_param_ksol                 0.353048 
_refine.solvent_model_param_bsol                 44.0469 
_refine.pdbx_solvent_vdw_probe_radii             ? 
_refine.pdbx_solvent_ion_probe_radii             ? 
_refine.pdbx_solvent_shrinkage_radii             ? 
_refine.pdbx_ls_cross_valid_method               THROUGHOUT 
_refine.details                                  ? 
_refine.pdbx_starting_model                      'pdb entry 1YRM' 
_refine.pdbx_method_to_determine_struct          'MOLECULAR REPLACEMENT' 
_refine.pdbx_isotropic_thermal_model             RESTRAINED 
_refine.pdbx_stereochemistry_target_values       ? 
_refine.pdbx_stereochem_target_val_spec_case     ? 
_refine.pdbx_R_Free_selection_details            RANDOM 
_refine.pdbx_overall_ESU_R_Free                  ? 
_refine.ls_redundancy_reflns_obs                 ? 
_refine.overall_SU_R_Cruickshank_DPI             ? 
_refine.overall_SU_R_free                        ? 
_refine.overall_SU_ML                            ? 
_refine.overall_SU_B                             ? 
_refine.pdbx_overall_ESU_R                       ? 
_refine.ls_wR_factor_R_free                      ? 
_refine.ls_wR_factor_R_work                      ? 
_refine.overall_FOM_free_R_set                   ? 
_refine.overall_FOM_work_R_set                   ? 
_refine.pdbx_refine_id                           'X-RAY DIFFRACTION' 
_refine.pdbx_diffrn_id                           1 
_refine.pdbx_TLS_residual_ADP_flag               ? 
_refine.pdbx_overall_phase_error                 ? 
_refine.pdbx_overall_SU_R_free_Cruickshank_DPI   ? 
_refine.pdbx_overall_SU_R_Blow_DPI               ? 
_refine.pdbx_overall_SU_R_free_Blow_DPI          ? 
# 
_refine_analyze.entry_id                        1Z7F 
_refine_analyze.Luzzati_coordinate_error_obs    0.33 
_refine_analyze.Luzzati_sigma_a_obs             0.27 
_refine_analyze.Luzzati_d_res_low_obs           5.00 
_refine_analyze.Luzzati_coordinate_error_free   0.41 
_refine_analyze.Luzzati_sigma_a_free            0.32 
_refine_analyze.Luzzati_d_res_low_free          ? 
_refine_analyze.number_disordered_residues      ? 
_refine_analyze.occupancy_sum_hydrogen          ? 
_refine_analyze.occupancy_sum_non_hydrogen      ? 
_refine_analyze.pdbx_refine_id                  'X-RAY DIFFRACTION' 
# 
_refine_hist.pdbx_refine_id                   'X-RAY DIFFRACTION' 
_refine_hist.cycle_id                         LAST 
_refine_hist.pdbx_number_atoms_protein        0 
_refine_hist.pdbx_number_atoms_nucleic_acid   1008 
_refine_hist.pdbx_number_atoms_ligand         2 
_refine_hist.number_atoms_solvent             67 
_refine_hist.number_atoms_total               1077 
_refine_hist.d_res_high                       2.10 
_refine_hist.d_res_low                        19.01 
# 
loop_
_refine_ls_restr.type 
_refine_ls_restr.dev_ideal 
_refine_ls_restr.dev_ideal_target 
_refine_ls_restr.weight 
_refine_ls_restr.number 
_refine_ls_restr.pdbx_refine_id 
_refine_ls_restr.pdbx_restraint_function 
c_bond_d           0.004 ?    ? ? 'X-RAY DIFFRACTION' ? 
c_angle_deg        0.9   ?    ? ? 'X-RAY DIFFRACTION' ? 
c_dihedral_angle_d 6.3   ?    ? ? 'X-RAY DIFFRACTION' ? 
c_improper_angle_d 1.34  ?    ? ? 'X-RAY DIFFRACTION' ? 
c_mcbond_it        0.00  1.50 ? ? 'X-RAY DIFFRACTION' ? 
c_mcangle_it       0.00  2.00 ? ? 'X-RAY DIFFRACTION' ? 
c_scbond_it        1.59  2.00 ? ? 'X-RAY DIFFRACTION' ? 
c_scangle_it       2.03  2.50 ? ? 'X-RAY DIFFRACTION' ? 
# 
_refine_ls_shell.pdbx_total_number_of_bins_used   6 
_refine_ls_shell.d_res_high                       2.10 
_refine_ls_shell.d_res_low                        2.23 
_refine_ls_shell.number_reflns_R_work             1163 
_refine_ls_shell.R_factor_R_work                  0.299 
_refine_ls_shell.percent_reflns_obs               93.0 
_refine_ls_shell.R_factor_R_free                  0.328 
_refine_ls_shell.R_factor_R_free_error            0.039 
_refine_ls_shell.percent_reflns_R_free            5.8 
_refine_ls_shell.number_reflns_R_free             71 
_refine_ls_shell.redundancy_reflns_obs            ? 
_refine_ls_shell.pdbx_refine_id                   'X-RAY DIFFRACTION' 
_refine_ls_shell.number_reflns_all                ? 
_refine_ls_shell.R_factor_all                     ? 
# 
loop_
_pdbx_xplor_file.serial_no 
_pdbx_xplor_file.param_file 
_pdbx_xplor_file.topol_file 
_pdbx_xplor_file.pdbx_refine_id 
2 DNA-RNA.PARAM DNA-RNA.TOP 'X-RAY DIFFRACTION' 
3 WATER.PARAM   WATER.TOP   'X-RAY DIFFRACTION' 
4 ION.PARAM     ION.TOP     'X-RAY DIFFRACTION' 
# 
_struct.entry_id                  1Z7F 
_struct.title                     'Crystal structure of 16 base pair RNA duplex containing a C-A mismatch' 
_struct.pdbx_model_details        ? 
_struct.pdbx_CASP_flag            ? 
_struct.pdbx_model_type_details   ? 
# 
_struct_keywords.entry_id        1Z7F 
_struct_keywords.pdbx_keywords   RNA 
_struct_keywords.text            'RNA, DUPLEX, MISMATCH' 
# 
loop_
_struct_asym.id 
_struct_asym.pdbx_blank_PDB_chainid_flag 
_struct_asym.pdbx_modified 
_struct_asym.entity_id 
_struct_asym.details 
A N N 1 ? 
B N N 1 ? 
C N N 1 ? 
D N N 2 ? 
E N N 2 ? 
F N N 3 ? 
G N N 3 ? 
H N N 3 ? 
# 
loop_
_struct_biol.id 
_struct_biol.pdbx_parent_biol_id 
_struct_biol.details 
1 ? ? 
2 ? ? 
# 
loop_
_struct_conn.id 
_struct_conn.conn_type_id 
_struct_conn.pdbx_leaving_atom_flag 
_struct_conn.pdbx_PDB_id 
_struct_conn.ptnr1_label_asym_id 
_struct_conn.ptnr1_label_comp_id 
_struct_conn.ptnr1_label_seq_id 
_struct_conn.ptnr1_label_atom_id 
_struct_conn.pdbx_ptnr1_label_alt_id 
_struct_conn.pdbx_ptnr1_PDB_ins_code 
_struct_conn.pdbx_ptnr1_standard_comp_id 
_struct_conn.ptnr1_symmetry 
_struct_conn.ptnr2_label_asym_id 
_struct_conn.ptnr2_label_comp_id 
_struct_conn.ptnr2_label_seq_id 
_struct_conn.ptnr2_label_atom_id 
_struct_conn.pdbx_ptnr2_label_alt_id 
_struct_conn.pdbx_ptnr2_PDB_ins_code 
_struct_conn.ptnr1_auth_asym_id 
_struct_conn.ptnr1_auth_comp_id 
_struct_conn.ptnr1_auth_seq_id 
_struct_conn.ptnr2_auth_asym_id 
_struct_conn.ptnr2_auth_comp_id 
_struct_conn.ptnr2_auth_seq_id 
_struct_conn.ptnr2_symmetry 
_struct_conn.pdbx_ptnr3_label_atom_id 
_struct_conn.pdbx_ptnr3_label_seq_id 
_struct_conn.pdbx_ptnr3_label_comp_id 
_struct_conn.pdbx_ptnr3_label_asym_id 
_struct_conn.pdbx_ptnr3_label_alt_id 
_struct_conn.pdbx_ptnr3_PDB_ins_code 
_struct_conn.details 
_struct_conn.pdbx_dist_value 
_struct_conn.pdbx_value_order 
_struct_conn.pdbx_role 
metalc1  metalc ? ? D SR .  SR ? ? ? 1_555 F HOH .  O     ? ? A SR 17 A HOH 25 1_555 ? ? ? ? ? ? ?             2.750 ? ? 
metalc2  metalc ? ? D SR .  SR ? ? ? 1_555 F HOH .  O     ? ? A SR 17 A HOH 25 6_765 ? ? ? ? ? ? ?             2.752 ? ? 
metalc3  metalc ? ? D SR .  SR ? ? ? 1_555 F HOH .  O     ? ? A SR 17 A HOH 35 1_555 ? ? ? ? ? ? ?             2.777 ? ? 
metalc4  metalc ? ? D SR .  SR ? ? ? 1_555 F HOH .  O     ? ? A SR 17 A HOH 35 6_765 ? ? ? ? ? ? ?             2.781 ? ? 
metalc5  metalc ? ? D SR .  SR ? ? ? 1_555 F HOH .  O     ? ? A SR 17 A HOH 38 1_555 ? ? ? ? ? ? ?             2.644 ? ? 
metalc6  metalc ? ? D SR .  SR ? ? ? 1_555 F HOH .  O     ? ? A SR 17 A HOH 38 6_765 ? ? ? ? ? ? ?             2.642 ? ? 
metalc7  metalc ? ? D SR .  SR ? ? ? 1_555 F HOH .  O     ? ? A SR 17 A HOH 40 1_555 ? ? ? ? ? ? ?             2.713 ? ? 
metalc8  metalc ? ? D SR .  SR ? ? ? 1_555 F HOH .  O     ? ? A SR 17 A HOH 40 6_765 ? ? ? ? ? ? ?             2.716 ? ? 
metalc9  metalc ? ? E SR .  SR ? ? ? 1_555 C C   16 "O2'" ? ? C SR 2  C C   32 1_555 ? ? ? ? ? ? ?             2.642 ? ? 
metalc10 metalc ? ? E SR .  SR ? ? ? 1_555 C C   16 "O3'" ? ? C SR 2  C C   32 1_555 ? ? ? ? ? ? ?             2.544 ? ? 
metalc11 metalc ? ? E SR .  SR ? ? ? 1_555 H HOH .  O     ? ? C SR 2  C HOH 42 1_555 ? ? ? ? ? ? ?             2.620 ? ? 
metalc12 metalc ? ? E SR .  SR ? ? ? 1_555 H HOH .  O     ? ? C SR 2  C HOH 52 1_555 ? ? ? ? ? ? ?             2.657 ? ? 
metalc13 metalc ? ? E SR .  SR ? ? ? 1_555 H HOH .  O     ? ? C SR 2  C HOH 53 1_555 ? ? ? ? ? ? ?             2.554 ? ? 
hydrog1  hydrog ? ? B G  1  N1 ? ? ? 1_555 C C   16 N3    ? ? B G  1  C C   32 1_555 ? ? ? ? ? ? WATSON-CRICK  ?     ? ? 
hydrog2  hydrog ? ? B G  1  N2 ? ? ? 1_555 C C   16 O2    ? ? B G  1  C C   32 1_555 ? ? ? ? ? ? WATSON-CRICK  ?     ? ? 
hydrog3  hydrog ? ? B G  1  O6 ? ? ? 1_555 C C   16 N4    ? ? B G  1  C C   32 1_555 ? ? ? ? ? ? WATSON-CRICK  ?     ? ? 
hydrog4  hydrog ? ? B C  2  N3 ? ? ? 1_555 C G   15 N1    ? ? B C  2  C G   31 1_555 ? ? ? ? ? ? WATSON-CRICK  ?     ? ? 
hydrog5  hydrog ? ? B C  2  N4 ? ? ? 1_555 C G   15 O6    ? ? B C  2  C G   31 1_555 ? ? ? ? ? ? WATSON-CRICK  ?     ? ? 
hydrog6  hydrog ? ? B C  2  O2 ? ? ? 1_555 C G   15 N2    ? ? B C  2  C G   31 1_555 ? ? ? ? ? ? WATSON-CRICK  ?     ? ? 
hydrog7  hydrog ? ? B A  3  N1 ? ? ? 1_555 C U   14 N3    ? ? B A  3  C U   30 1_555 ? ? ? ? ? ? WATSON-CRICK  ?     ? ? 
hydrog8  hydrog ? ? B A  3  N6 ? ? ? 1_555 C U   14 O4    ? ? B A  3  C U   30 1_555 ? ? ? ? ? ? WATSON-CRICK  ?     ? ? 
hydrog9  hydrog ? ? B G  4  N1 ? ? ? 1_555 C C   13 N3    ? ? B G  4  C C   29 1_555 ? ? ? ? ? ? WATSON-CRICK  ?     ? ? 
hydrog10 hydrog ? ? B G  4  N2 ? ? ? 1_555 C C   13 O2    ? ? B G  4  C C   29 1_555 ? ? ? ? ? ? WATSON-CRICK  ?     ? ? 
hydrog11 hydrog ? ? B G  4  O6 ? ? ? 1_555 C C   13 N4    ? ? B G  4  C C   29 1_555 ? ? ? ? ? ? WATSON-CRICK  ?     ? ? 
hydrog12 hydrog ? ? B A  5  N1 ? ? ? 1_555 C U   12 N3    ? ? B A  5  C U   28 1_555 ? ? ? ? ? ? WATSON-CRICK  ?     ? ? 
hydrog13 hydrog ? ? B A  5  N6 ? ? ? 1_555 C U   12 O4    ? ? B A  5  C U   28 1_555 ? ? ? ? ? ? WATSON-CRICK  ?     ? ? 
hydrog14 hydrog ? ? B C  6  O2 ? ? ? 1_555 C A   11 N6    ? ? B C  6  C A   27 1_555 ? ? ? ? ? ? 'C-A MISPAIR' ?     ? ? 
hydrog15 hydrog ? ? B U  7  N3 ? ? ? 1_555 C A   10 N1    ? ? B U  7  C A   26 1_555 ? ? ? ? ? ? WATSON-CRICK  ?     ? ? 
hydrog16 hydrog ? ? B U  7  O4 ? ? ? 1_555 C A   10 N6    ? ? B U  7  C A   26 1_555 ? ? ? ? ? ? WATSON-CRICK  ?     ? ? 
hydrog17 hydrog ? ? B U  8  N3 ? ? ? 1_555 C A   9  N1    ? ? B U  8  C A   25 1_555 ? ? ? ? ? ? WATSON-CRICK  ?     ? ? 
hydrog18 hydrog ? ? B U  8  O4 ? ? ? 1_555 C A   9  N6    ? ? B U  8  C A   25 1_555 ? ? ? ? ? ? WATSON-CRICK  ?     ? ? 
hydrog19 hydrog ? ? B A  9  N1 ? ? ? 1_555 C U   8  N3    ? ? B A  9  C U   24 1_555 ? ? ? ? ? ? WATSON-CRICK  ?     ? ? 
hydrog20 hydrog ? ? B A  9  N6 ? ? ? 1_555 C U   8  O4    ? ? B A  9  C U   24 1_555 ? ? ? ? ? ? WATSON-CRICK  ?     ? ? 
hydrog21 hydrog ? ? B A  10 N1 ? ? ? 1_555 C U   7  N3    ? ? B A  10 C U   23 1_555 ? ? ? ? ? ? WATSON-CRICK  ?     ? ? 
hydrog22 hydrog ? ? B A  10 N6 ? ? ? 1_555 C U   7  O4    ? ? B A  10 C U   23 1_555 ? ? ? ? ? ? WATSON-CRICK  ?     ? ? 
hydrog23 hydrog ? ? B A  11 N6 ? ? ? 1_555 C C   6  O2    ? ? B A  11 C C   22 1_555 ? ? ? ? ? ? 'A-C MISPAIR' ?     ? ? 
hydrog24 hydrog ? ? B U  12 N3 ? ? ? 1_555 C A   5  N1    ? ? B U  12 C A   21 1_555 ? ? ? ? ? ? WATSON-CRICK  ?     ? ? 
hydrog25 hydrog ? ? B U  12 O4 ? ? ? 1_555 C A   5  N6    ? ? B U  12 C A   21 1_555 ? ? ? ? ? ? WATSON-CRICK  ?     ? ? 
hydrog26 hydrog ? ? B C  13 N3 ? ? ? 1_555 C G   4  N1    ? ? B C  13 C G   20 1_555 ? ? ? ? ? ? WATSON-CRICK  ?     ? ? 
hydrog27 hydrog ? ? B C  13 N4 ? ? ? 1_555 C G   4  O6    ? ? B C  13 C G   20 1_555 ? ? ? ? ? ? WATSON-CRICK  ?     ? ? 
hydrog28 hydrog ? ? B C  13 O2 ? ? ? 1_555 C G   4  N2    ? ? B C  13 C G   20 1_555 ? ? ? ? ? ? WATSON-CRICK  ?     ? ? 
hydrog29 hydrog ? ? B U  14 N3 ? ? ? 1_555 C A   3  N1    ? ? B U  14 C A   19 1_555 ? ? ? ? ? ? WATSON-CRICK  ?     ? ? 
hydrog30 hydrog ? ? B U  14 O4 ? ? ? 1_555 C A   3  N6    ? ? B U  14 C A   19 1_555 ? ? ? ? ? ? WATSON-CRICK  ?     ? ? 
hydrog31 hydrog ? ? B G  15 N1 ? ? ? 1_555 C C   2  N3    ? ? B G  15 C C   18 1_555 ? ? ? ? ? ? WATSON-CRICK  ?     ? ? 
hydrog32 hydrog ? ? B G  15 N2 ? ? ? 1_555 C C   2  O2    ? ? B G  15 C C   18 1_555 ? ? ? ? ? ? WATSON-CRICK  ?     ? ? 
hydrog33 hydrog ? ? B G  15 O6 ? ? ? 1_555 C C   2  N4    ? ? B G  15 C C   18 1_555 ? ? ? ? ? ? WATSON-CRICK  ?     ? ? 
hydrog34 hydrog ? ? B C  16 N3 ? ? ? 1_555 C G   1  N1    ? ? B C  16 C G   17 1_555 ? ? ? ? ? ? WATSON-CRICK  ?     ? ? 
hydrog35 hydrog ? ? B C  16 N4 ? ? ? 1_555 C G   1  O6    ? ? B C  16 C G   17 1_555 ? ? ? ? ? ? WATSON-CRICK  ?     ? ? 
hydrog36 hydrog ? ? B C  16 O2 ? ? ? 1_555 C G   1  N2    ? ? B C  16 C G   17 1_555 ? ? ? ? ? ? WATSON-CRICK  ?     ? ? 
hydrog37 hydrog ? ? A G  1  N1 ? ? ? 1_555 A C   16 N3    ? ? A G  1  A C   16 6_765 ? ? ? ? ? ? WATSON-CRICK  ?     ? ? 
hydrog38 hydrog ? ? A G  1  N2 ? ? ? 1_555 A C   16 O2    ? ? A G  1  A C   16 6_765 ? ? ? ? ? ? WATSON-CRICK  ?     ? ? 
hydrog39 hydrog ? ? A G  1  O6 ? ? ? 1_555 A C   16 N4    ? ? A G  1  A C   16 6_765 ? ? ? ? ? ? WATSON-CRICK  ?     ? ? 
hydrog40 hydrog ? ? A C  2  N3 ? ? ? 1_555 A G   15 N1    ? ? A C  2  A G   15 6_765 ? ? ? ? ? ? WATSON-CRICK  ?     ? ? 
hydrog41 hydrog ? ? A C  2  N4 ? ? ? 1_555 A G   15 O6    ? ? A C  2  A G   15 6_765 ? ? ? ? ? ? WATSON-CRICK  ?     ? ? 
hydrog42 hydrog ? ? A C  2  O2 ? ? ? 1_555 A G   15 N2    ? ? A C  2  A G   15 6_765 ? ? ? ? ? ? WATSON-CRICK  ?     ? ? 
hydrog43 hydrog ? ? A A  3  N1 ? ? ? 1_555 A U   14 N3    ? ? A A  3  A U   14 6_765 ? ? ? ? ? ? WATSON-CRICK  ?     ? ? 
hydrog44 hydrog ? ? A A  3  N6 ? ? ? 1_555 A U   14 O4    ? ? A A  3  A U   14 6_765 ? ? ? ? ? ? WATSON-CRICK  ?     ? ? 
hydrog45 hydrog ? ? A G  4  N1 ? ? ? 1_555 A C   13 N3    ? ? A G  4  A C   13 6_765 ? ? ? ? ? ? WATSON-CRICK  ?     ? ? 
hydrog46 hydrog ? ? A G  4  N2 ? ? ? 1_555 A C   13 O2    ? ? A G  4  A C   13 6_765 ? ? ? ? ? ? WATSON-CRICK  ?     ? ? 
hydrog47 hydrog ? ? A G  4  O6 ? ? ? 1_555 A C   13 N4    ? ? A G  4  A C   13 6_765 ? ? ? ? ? ? WATSON-CRICK  ?     ? ? 
hydrog48 hydrog ? ? A A  5  N1 ? ? ? 1_555 A U   12 N3    ? ? A A  5  A U   12 6_765 ? ? ? ? ? ? WATSON-CRICK  ?     ? ? 
hydrog49 hydrog ? ? A A  5  N6 ? ? ? 1_555 A U   12 O4    ? ? A A  5  A U   12 6_765 ? ? ? ? ? ? WATSON-CRICK  ?     ? ? 
hydrog50 hydrog ? ? A C  6  O2 ? ? ? 1_555 A A   11 N6    ? ? A C  6  A A   11 6_765 ? ? ? ? ? ? 'C-A MISPAIR' ?     ? ? 
hydrog51 hydrog ? ? A U  7  N3 ? ? ? 1_555 A A   10 N1    ? ? A U  7  A A   10 6_765 ? ? ? ? ? ? WATSON-CRICK  ?     ? ? 
hydrog52 hydrog ? ? A U  7  O4 ? ? ? 1_555 A A   10 N6    ? ? A U  7  A A   10 6_765 ? ? ? ? ? ? WATSON-CRICK  ?     ? ? 
hydrog53 hydrog ? ? A U  8  N3 ? ? ? 1_555 A A   9  N1    ? ? A U  8  A A   9  6_765 ? ? ? ? ? ? WATSON-CRICK  ?     ? ? 
hydrog54 hydrog ? ? A U  8  O4 ? ? ? 1_555 A A   9  N6    ? ? A U  8  A A   9  6_765 ? ? ? ? ? ? WATSON-CRICK  ?     ? ? 
hydrog55 hydrog ? ? A A  9  N1 ? ? ? 1_555 A U   8  N3    ? ? A A  9  A U   8  6_765 ? ? ? ? ? ? WATSON-CRICK  ?     ? ? 
hydrog56 hydrog ? ? A A  9  N6 ? ? ? 1_555 A U   8  O4    ? ? A A  9  A U   8  6_765 ? ? ? ? ? ? WATSON-CRICK  ?     ? ? 
hydrog57 hydrog ? ? A A  10 N1 ? ? ? 1_555 A U   7  N3    ? ? A A  10 A U   7  6_765 ? ? ? ? ? ? WATSON-CRICK  ?     ? ? 
hydrog58 hydrog ? ? A A  10 N6 ? ? ? 1_555 A U   7  O4    ? ? A A  10 A U   7  6_765 ? ? ? ? ? ? WATSON-CRICK  ?     ? ? 
hydrog59 hydrog ? ? A A  11 N6 ? ? ? 1_555 A C   6  O2    ? ? A A  11 A C   6  6_765 ? ? ? ? ? ? 'A-C MISPAIR' ?     ? ? 
hydrog60 hydrog ? ? A U  12 N3 ? ? ? 1_555 A A   5  N1    ? ? A U  12 A A   5  6_765 ? ? ? ? ? ? WATSON-CRICK  ?     ? ? 
hydrog61 hydrog ? ? A U  12 O4 ? ? ? 1_555 A A   5  N6    ? ? A U  12 A A   5  6_765 ? ? ? ? ? ? WATSON-CRICK  ?     ? ? 
hydrog62 hydrog ? ? A C  13 N3 ? ? ? 1_555 A G   4  N1    ? ? A C  13 A G   4  6_765 ? ? ? ? ? ? WATSON-CRICK  ?     ? ? 
hydrog63 hydrog ? ? A C  13 N4 ? ? ? 1_555 A G   4  O6    ? ? A C  13 A G   4  6_765 ? ? ? ? ? ? WATSON-CRICK  ?     ? ? 
hydrog64 hydrog ? ? A C  13 O2 ? ? ? 1_555 A G   4  N2    ? ? A C  13 A G   4  6_765 ? ? ? ? ? ? WATSON-CRICK  ?     ? ? 
hydrog65 hydrog ? ? A U  14 N3 ? ? ? 1_555 A A   3  N1    ? ? A U  14 A A   3  6_765 ? ? ? ? ? ? WATSON-CRICK  ?     ? ? 
hydrog66 hydrog ? ? A U  14 O4 ? ? ? 1_555 A A   3  N6    ? ? A U  14 A A   3  6_765 ? ? ? ? ? ? WATSON-CRICK  ?     ? ? 
hydrog67 hydrog ? ? A G  15 N1 ? ? ? 1_555 A C   2  N3    ? ? A G  15 A C   2  6_765 ? ? ? ? ? ? WATSON-CRICK  ?     ? ? 
hydrog68 hydrog ? ? A G  15 N2 ? ? ? 1_555 A C   2  O2    ? ? A G  15 A C   2  6_765 ? ? ? ? ? ? WATSON-CRICK  ?     ? ? 
hydrog69 hydrog ? ? A G  15 O6 ? ? ? 1_555 A C   2  N4    ? ? A G  15 A C   2  6_765 ? ? ? ? ? ? WATSON-CRICK  ?     ? ? 
hydrog70 hydrog ? ? A C  16 N3 ? ? ? 1_555 A G   1  N1    ? ? A C  16 A G   1  6_765 ? ? ? ? ? ? WATSON-CRICK  ?     ? ? 
hydrog71 hydrog ? ? A C  16 N4 ? ? ? 1_555 A G   1  O6    ? ? A C  16 A G   1  6_765 ? ? ? ? ? ? WATSON-CRICK  ?     ? ? 
hydrog72 hydrog ? ? A C  16 O2 ? ? ? 1_555 A G   1  N2    ? ? A C  16 A G   1  6_765 ? ? ? ? ? ? WATSON-CRICK  ?     ? ? 
# 
loop_
_struct_conn_type.id 
_struct_conn_type.criteria 
_struct_conn_type.reference 
metalc ? ? 
hydrog ? ? 
# 
loop_
_struct_site.id 
_struct_site.pdbx_evidence_code 
_struct_site.pdbx_auth_asym_id 
_struct_site.pdbx_auth_comp_id 
_struct_site.pdbx_auth_seq_id 
_struct_site.pdbx_auth_ins_code 
_struct_site.pdbx_num_residues 
_struct_site.details 
AC1 Software A SR 17 ? 8 'BINDING SITE FOR RESIDUE SR A 17' 
AC2 Software C SR 2  ? 4 'BINDING SITE FOR RESIDUE SR C 2'  
# 
loop_
_struct_site_gen.id 
_struct_site_gen.site_id 
_struct_site_gen.pdbx_num_res 
_struct_site_gen.label_comp_id 
_struct_site_gen.label_asym_id 
_struct_site_gen.label_seq_id 
_struct_site_gen.pdbx_auth_ins_code 
_struct_site_gen.auth_comp_id 
_struct_site_gen.auth_asym_id 
_struct_site_gen.auth_seq_id 
_struct_site_gen.label_atom_id 
_struct_site_gen.label_alt_id 
_struct_site_gen.symmetry 
_struct_site_gen.details 
1  AC1 8 HOH F .  ? HOH A 25 . ? 1_555 ? 
2  AC1 8 HOH F .  ? HOH A 25 . ? 6_765 ? 
3  AC1 8 HOH F .  ? HOH A 35 . ? 1_555 ? 
4  AC1 8 HOH F .  ? HOH A 35 . ? 6_765 ? 
5  AC1 8 HOH F .  ? HOH A 38 . ? 6_765 ? 
6  AC1 8 HOH F .  ? HOH A 38 . ? 1_555 ? 
7  AC1 8 HOH F .  ? HOH A 40 . ? 1_555 ? 
8  AC1 8 HOH F .  ? HOH A 40 . ? 6_765 ? 
9  AC2 4 C   C 16 ? C   C 32 . ? 1_555 ? 
10 AC2 4 HOH H .  ? HOH C 42 . ? 1_555 ? 
11 AC2 4 HOH H .  ? HOH C 52 . ? 1_555 ? 
12 AC2 4 HOH H .  ? HOH C 53 . ? 1_555 ? 
# 
_atom_sites.entry_id                    1Z7F 
_atom_sites.fract_transf_matrix[1][1]   0.02339863 
_atom_sites.fract_transf_matrix[1][2]   -0.00997949 
_atom_sites.fract_transf_matrix[1][3]   -0.00860465 
_atom_sites.fract_transf_matrix[2][1]   0.01036553 
_atom_sites.fract_transf_matrix[2][2]   -0.02186624 
_atom_sites.fract_transf_matrix[2][3]   0.01164305 
_atom_sites.fract_transf_matrix[3][1]   -0.00399461 
_atom_sites.fract_transf_matrix[3][2]   -0.00474643 
_atom_sites.fract_transf_matrix[3][3]   -0.00535773 
_atom_sites.fract_transf_vector[1]      0.533631 
_atom_sites.fract_transf_vector[2]      0.777610 
_atom_sites.fract_transf_vector[3]      0.368961 
# 
loop_
_atom_type.symbol 
C  
N  
O  
P  
SR 
# 
loop_
_atom_site.group_PDB 
_atom_site.id 
_atom_site.type_symbol 
_atom_site.label_atom_id 
_atom_site.label_alt_id 
_atom_site.label_comp_id 
_atom_site.label_asym_id 
_atom_site.label_entity_id 
_atom_site.label_seq_id 
_atom_site.pdbx_PDB_ins_code 
_atom_site.Cartn_x 
_atom_site.Cartn_y 
_atom_site.Cartn_z 
_atom_site.occupancy 
_atom_site.B_iso_or_equiv 
_atom_site.pdbx_formal_charge 
_atom_site.auth_seq_id 
_atom_site.auth_comp_id 
_atom_site.auth_asym_id 
_atom_site.auth_atom_id 
_atom_site.pdbx_PDB_model_num 
ATOM   1    O  "O5'" . G   A 1 1  ? 29.912  17.840  24.017  1.00 33.80 ? 1  G   A "O5'" 1 
ATOM   2    C  "C5'" . G   A 1 1  ? 28.676  18.257  24.594  1.00 29.04 ? 1  G   A "C5'" 1 
ATOM   3    C  "C4'" . G   A 1 1  ? 28.345  19.694  24.259  1.00 31.03 ? 1  G   A "C4'" 1 
ATOM   4    O  "O4'" . G   A 1 1  ? 29.388  20.570  24.762  1.00 31.67 ? 1  G   A "O4'" 1 
ATOM   5    C  "C3'" . G   A 1 1  ? 28.269  20.025  22.775  1.00 29.64 ? 1  G   A "C3'" 1 
ATOM   6    O  "O3'" . G   A 1 1  ? 26.983  19.704  22.263  1.00 33.49 ? 1  G   A "O3'" 1 
ATOM   7    C  "C2'" . G   A 1 1  ? 28.505  21.527  22.778  1.00 29.05 ? 1  G   A "C2'" 1 
ATOM   8    O  "O2'" . G   A 1 1  ? 27.364  22.264  23.159  1.00 26.28 ? 1  G   A "O2'" 1 
ATOM   9    C  "C1'" . G   A 1 1  ? 29.575  21.658  23.863  1.00 29.24 ? 1  G   A "C1'" 1 
ATOM   10   N  N9    . G   A 1 1  ? 30.926  21.575  23.319  1.00 27.52 ? 1  G   A N9    1 
ATOM   11   C  C8    . G   A 1 1  ? 31.830  20.556  23.503  1.00 27.55 ? 1  G   A C8    1 
ATOM   12   N  N7    . G   A 1 1  ? 32.960  20.756  22.876  1.00 27.56 ? 1  G   A N7    1 
ATOM   13   C  C5    . G   A 1 1  ? 32.792  21.978  22.240  1.00 26.20 ? 1  G   A C5    1 
ATOM   14   C  C6    . G   A 1 1  ? 33.683  22.714  21.399  1.00 27.39 ? 1  G   A C6    1 
ATOM   15   O  O6    . G   A 1 1  ? 34.824  22.412  21.033  1.00 23.24 ? 1  G   A O6    1 
ATOM   16   N  N1    . G   A 1 1  ? 33.111  23.911  20.970  1.00 24.61 ? 1  G   A N1    1 
ATOM   17   C  C2    . G   A 1 1  ? 31.850  24.345  21.296  1.00 25.77 ? 1  G   A C2    1 
ATOM   18   N  N2    . G   A 1 1  ? 31.479  25.532  20.775  1.00 19.87 ? 1  G   A N2    1 
ATOM   19   N  N3    . G   A 1 1  ? 31.010  23.669  22.075  1.00 26.41 ? 1  G   A N3    1 
ATOM   20   C  C4    . G   A 1 1  ? 31.546  22.502  22.507  1.00 26.59 ? 1  G   A C4    1 
ATOM   21   P  P     . C   A 1 2  ? 26.816  19.297  20.717  1.00 36.23 ? 2  C   A P     1 
ATOM   22   O  OP1   . C   A 1 2  ? 25.399  18.855  20.565  1.00 37.76 ? 2  C   A OP1   1 
ATOM   23   O  OP2   . C   A 1 2  ? 27.920  18.380  20.344  1.00 32.31 ? 2  C   A OP2   1 
ATOM   24   O  "O5'" . C   A 1 2  ? 27.013  20.665  19.924  1.00 32.55 ? 2  C   A "O5'" 1 
ATOM   25   C  "C5'" . C   A 1 2  ? 26.083  21.729  20.052  1.00 33.97 ? 2  C   A "C5'" 1 
ATOM   26   C  "C4'" . C   A 1 2  ? 26.582  22.941  19.303  1.00 34.01 ? 2  C   A "C4'" 1 
ATOM   27   O  "O4'" . C   A 1 2  ? 27.847  23.359  19.886  1.00 35.03 ? 2  C   A "O4'" 1 
ATOM   28   C  "C3'" . C   A 1 2  ? 26.940  22.705  17.842  1.00 34.58 ? 2  C   A "C3'" 1 
ATOM   29   O  "O3'" . C   A 1 2  ? 25.807  22.720  16.980  1.00 34.11 ? 2  C   A "O3'" 1 
ATOM   30   C  "C2'" . C   A 1 2  ? 27.901  23.854  17.561  1.00 32.40 ? 2  C   A "C2'" 1 
ATOM   31   O  "O2'" . C   A 1 2  ? 27.243  25.087  17.378  1.00 33.17 ? 2  C   A "O2'" 1 
ATOM   32   C  "C1'" . C   A 1 2  ? 28.685  23.901  18.872  1.00 32.39 ? 2  C   A "C1'" 1 
ATOM   33   N  N1    . C   A 1 2  ? 29.911  23.103  18.794  1.00 30.02 ? 2  C   A N1    1 
ATOM   34   C  C2    . C   A 1 2  ? 31.029  23.660  18.151  1.00 30.52 ? 2  C   A C2    1 
ATOM   35   O  O2    . C   A 1 2  ? 30.924  24.788  17.648  1.00 28.59 ? 2  C   A O2    1 
ATOM   36   N  N3    . C   A 1 2  ? 32.180  22.950  18.086  1.00 30.12 ? 2  C   A N3    1 
ATOM   37   C  C4    . C   A 1 2  ? 32.233  21.721  18.606  1.00 29.50 ? 2  C   A C4    1 
ATOM   38   N  N4    . C   A 1 2  ? 33.382  21.050  18.501  1.00 28.27 ? 2  C   A N4    1 
ATOM   39   C  C5    . C   A 1 2  ? 31.107  21.122  19.252  1.00 29.23 ? 2  C   A C5    1 
ATOM   40   C  C6    . C   A 1 2  ? 29.976  21.846  19.325  1.00 29.11 ? 2  C   A C6    1 
ATOM   41   P  P     . A   A 1 3  ? 25.789  21.752  15.690  1.00 36.92 ? 3  A   A P     1 
ATOM   42   O  OP1   . A   A 1 3  ? 24.392  21.757  15.173  1.00 38.31 ? 3  A   A OP1   1 
ATOM   43   O  OP2   . A   A 1 3  ? 26.442  20.464  16.022  1.00 36.34 ? 3  A   A OP2   1 
ATOM   44   O  "O5'" . A   A 1 3  ? 26.745  22.485  14.646  1.00 34.27 ? 3  A   A "O5'" 1 
ATOM   45   C  "C5'" . A   A 1 3  ? 26.509  23.835  14.268  1.00 33.00 ? 3  A   A "C5'" 1 
ATOM   46   C  "C4'" . A   A 1 3  ? 27.667  24.357  13.450  1.00 32.46 ? 3  A   A "C4'" 1 
ATOM   47   O  "O4'" . A   A 1 3  ? 28.828  24.568  14.297  1.00 30.14 ? 3  A   A "O4'" 1 
ATOM   48   C  "C3'" . A   A 1 3  ? 28.194  23.411  12.388  1.00 32.51 ? 3  A   A "C3'" 1 
ATOM   49   O  "O3'" . A   A 1 3  ? 27.390  23.414  11.219  1.00 33.18 ? 3  A   A "O3'" 1 
ATOM   50   C  "C2'" . A   A 1 3  ? 29.572  23.997  12.125  1.00 31.16 ? 3  A   A "C2'" 1 
ATOM   51   O  "O2'" . A   A 1 3  ? 29.496  25.183  11.371  1.00 29.02 ? 3  A   A "O2'" 1 
ATOM   52   C  "C1'" . A   A 1 3  ? 30.010  24.342  13.543  1.00 30.87 ? 3  A   A "C1'" 1 
ATOM   53   N  N9    . A   A 1 3  ? 30.746  23.238  14.151  1.00 33.16 ? 3  A   A N9    1 
ATOM   54   C  C8    . A   A 1 3  ? 30.292  22.286  15.030  1.00 32.89 ? 3  A   A C8    1 
ATOM   55   N  N7    . A   A 1 3  ? 31.212  21.427  15.397  1.00 33.96 ? 3  A   A N7    1 
ATOM   56   C  C5    . A   A 1 3  ? 32.347  21.838  14.711  1.00 30.80 ? 3  A   A C5    1 
ATOM   57   C  C6    . A   A 1 3  ? 33.662  21.343  14.672  1.00 30.09 ? 3  A   A C6    1 
ATOM   58   N  N6    . A   A 1 3  ? 34.069  20.274  15.359  1.00 27.88 ? 3  A   A N6    1 
ATOM   59   N  N1    . A   A 1 3  ? 34.557  21.992  13.891  1.00 26.52 ? 3  A   A N1    1 
ATOM   60   C  C2    . A   A 1 3  ? 34.143  23.054  13.195  1.00 28.93 ? 3  A   A C2    1 
ATOM   61   N  N3    . A   A 1 3  ? 32.933  23.613  13.144  1.00 31.08 ? 3  A   A N3    1 
ATOM   62   C  C4    . A   A 1 3  ? 32.073  22.950  13.937  1.00 32.66 ? 3  A   A C4    1 
ATOM   63   P  P     . G   A 1 4  ? 27.300  22.084  10.326  1.00 34.49 ? 4  G   A P     1 
ATOM   64   O  OP1   . G   A 1 4  ? 26.076  22.230  9.491   1.00 36.74 ? 4  G   A OP1   1 
ATOM   65   O  OP2   . G   A 1 4  ? 27.432  20.922  11.237  1.00 35.26 ? 4  G   A OP2   1 
ATOM   66   O  "O5'" . G   A 1 4  ? 28.591  22.153  9.394   1.00 29.96 ? 4  G   A "O5'" 1 
ATOM   67   C  "C5'" . G   A 1 4  ? 28.794  23.266  8.520   1.00 31.09 ? 4  G   A "C5'" 1 
ATOM   68   C  "C4'" . G   A 1 4  ? 30.239  23.344  8.080   1.00 28.78 ? 4  G   A "C4'" 1 
ATOM   69   O  "O4'" . G   A 1 4  ? 31.091  23.549  9.240   1.00 28.13 ? 4  G   A "O4'" 1 
ATOM   70   C  "C3'" . G   A 1 4  ? 30.817  22.093  7.443   1.00 28.37 ? 4  G   A "C3'" 1 
ATOM   71   O  "O3'" . G   A 1 4  ? 30.454  21.955  6.076   1.00 30.52 ? 4  G   A "O3'" 1 
ATOM   72   C  "C2'" . G   A 1 4  ? 32.310  22.321  7.616   1.00 27.60 ? 4  G   A "C2'" 1 
ATOM   73   O  "O2'" . G   A 1 4  ? 32.861  23.243  6.690   1.00 24.06 ? 4  G   A "O2'" 1 
ATOM   74   C  "C1'" . G   A 1 4  ? 32.346  22.916  9.026   1.00 27.57 ? 4  G   A "C1'" 1 
ATOM   75   N  N9    . G   A 1 4  ? 32.505  21.858  10.016  1.00 27.47 ? 4  G   A N9    1 
ATOM   76   C  C8    . G   A 1 4  ? 31.538  21.325  10.838  1.00 26.98 ? 4  G   A C8    1 
ATOM   77   N  N7    . G   A 1 4  ? 31.991  20.373  11.608  1.00 25.97 ? 4  G   A N7    1 
ATOM   78   C  C5    . G   A 1 4  ? 33.331  20.272  11.273  1.00 26.57 ? 4  G   A C5    1 
ATOM   79   C  C6    . G   A 1 4  ? 34.331  19.412  11.773  1.00 27.45 ? 4  G   A C6    1 
ATOM   80   O  O6    . G   A 1 4  ? 34.228  18.547  12.645  1.00 26.02 ? 4  G   A O6    1 
ATOM   81   N  N1    . G   A 1 4  ? 35.559  19.635  11.149  1.00 24.99 ? 4  G   A N1    1 
ATOM   82   C  C2    . G   A 1 4  ? 35.790  20.571  10.173  1.00 27.42 ? 4  G   A C2    1 
ATOM   83   N  N2    . G   A 1 4  ? 37.048  20.634  9.688   1.00 27.60 ? 4  G   A N2    1 
ATOM   84   N  N3    . G   A 1 4  ? 34.858  21.385  9.702   1.00 27.55 ? 4  G   A N3    1 
ATOM   85   C  C4    . G   A 1 4  ? 33.664  21.181  10.293  1.00 27.17 ? 4  G   A C4    1 
ATOM   86   P  P     . A   A 1 5  ? 30.519  20.505  5.393   1.00 30.51 ? 5  A   A P     1 
ATOM   87   O  OP1   . A   A 1 5  ? 30.046  20.621  3.991   1.00 32.15 ? 5  A   A OP1   1 
ATOM   88   O  OP2   . A   A 1 5  ? 29.842  19.563  6.323   1.00 30.71 ? 5  A   A OP2   1 
ATOM   89   O  "O5'" . A   A 1 5  ? 32.068  20.159  5.364   1.00 30.13 ? 5  A   A "O5'" 1 
ATOM   90   C  "C5'" . A   A 1 5  ? 32.961  20.889  4.533   1.00 30.45 ? 5  A   A "C5'" 1 
ATOM   91   C  "C4'" . A   A 1 5  ? 34.294  20.196  4.485   1.00 28.14 ? 5  A   A "C4'" 1 
ATOM   92   O  "O4'" . A   A 1 5  ? 34.929  20.274  5.790   1.00 26.82 ? 5  A   A "O4'" 1 
ATOM   93   C  "C3'" . A   A 1 5  ? 34.213  18.704  4.204   1.00 28.95 ? 5  A   A "C3'" 1 
ATOM   94   O  "O3'" . A   A 1 5  ? 34.073  18.427  2.814   1.00 27.38 ? 5  A   A "O3'" 1 
ATOM   95   C  "C2'" . A   A 1 5  ? 35.527  18.209  4.789   1.00 26.69 ? 5  A   A "C2'" 1 
ATOM   96   O  "O2'" . A   A 1 5  ? 36.636  18.487  3.971   1.00 30.05 ? 5  A   A "O2'" 1 
ATOM   97   C  "C1'" . A   A 1 5  ? 35.627  19.067  6.051   1.00 29.25 ? 5  A   A "C1'" 1 
ATOM   98   N  N9    . A   A 1 5  ? 34.993  18.419  7.200   1.00 28.35 ? 5  A   A N9    1 
ATOM   99   C  C8    . A   A 1 5  ? 33.727  18.637  7.691   1.00 27.41 ? 5  A   A C8    1 
ATOM   100  N  N7    . A   A 1 5  ? 33.444  17.920  8.753   1.00 28.26 ? 5  A   A N7    1 
ATOM   101  C  C5    . A   A 1 5  ? 34.600  17.180  8.976   1.00 27.38 ? 5  A   A C5    1 
ATOM   102  C  C6    . A   A 1 5  ? 34.946  16.238  9.963   1.00 27.82 ? 5  A   A C6    1 
ATOM   103  N  N6    . A   A 1 5  ? 34.133  15.878  10.964  1.00 26.47 ? 5  A   A N6    1 
ATOM   104  N  N1    . A   A 1 5  ? 36.173  15.672  9.891   1.00 28.77 ? 5  A   A N1    1 
ATOM   105  C  C2    . A   A 1 5  ? 36.990  16.042  8.887   1.00 27.17 ? 5  A   A C2    1 
ATOM   106  N  N3    . A   A 1 5  ? 36.779  16.923  7.908   1.00 27.17 ? 5  A   A N3    1 
ATOM   107  C  C4    . A   A 1 5  ? 35.554  17.464  8.014   1.00 26.84 ? 5  A   A C4    1 
ATOM   108  P  P     . C   A 1 6  ? 33.222  17.141  2.340   1.00 30.82 ? 6  C   A P     1 
ATOM   109  O  OP1   . C   A 1 6  ? 33.284  17.108  0.857   1.00 30.35 ? 6  C   A OP1   1 
ATOM   110  O  OP2   . C   A 1 6  ? 31.901  17.153  3.011   1.00 27.17 ? 6  C   A OP2   1 
ATOM   111  O  "O5'" . C   A 1 6  ? 34.068  15.907  2.884   1.00 27.66 ? 6  C   A "O5'" 1 
ATOM   112  C  "C5'" . C   A 1 6  ? 35.354  15.638  2.345   1.00 28.30 ? 6  C   A "C5'" 1 
ATOM   113  C  "C4'" . C   A 1 6  ? 36.057  14.577  3.153   1.00 28.31 ? 6  C   A "C4'" 1 
ATOM   114  O  "O4'" . C   A 1 6  ? 36.280  15.061  4.509   1.00 28.87 ? 6  C   A "O4'" 1 
ATOM   115  C  "C3'" . C   A 1 6  ? 35.277  13.292  3.371   1.00 29.52 ? 6  C   A "C3'" 1 
ATOM   116  O  "O3'" . C   A 1 6  ? 35.315  12.422  2.246   1.00 31.15 ? 6  C   A "O3'" 1 
ATOM   117  C  "C2'" . C   A 1 6  ? 35.996  12.716  4.580   1.00 28.45 ? 6  C   A "C2'" 1 
ATOM   118  O  "O2'" . C   A 1 6  ? 37.274  12.220  4.255   1.00 27.08 ? 6  C   A "O2'" 1 
ATOM   119  C  "C1'" . C   A 1 6  ? 36.165  13.973  5.429   1.00 28.60 ? 6  C   A "C1'" 1 
ATOM   120  N  N1    . C   A 1 6  ? 34.972  14.181  6.261   1.00 27.96 ? 6  C   A N1    1 
ATOM   121  C  C2    . C   A 1 6  ? 34.911  13.583  7.544   1.00 28.49 ? 6  C   A C2    1 
ATOM   122  O  O2    . C   A 1 6  ? 35.855  12.883  7.929   1.00 26.71 ? 6  C   A O2    1 
ATOM   123  N  N3    . C   A 1 6  ? 33.818  13.785  8.315   1.00 27.09 ? 6  C   A N3    1 
ATOM   124  C  C4    . C   A 1 6  ? 32.809  14.531  7.853   1.00 28.12 ? 6  C   A C4    1 
ATOM   125  N  N4    . C   A 1 6  ? 31.754  14.714  8.645   1.00 28.07 ? 6  C   A N4    1 
ATOM   126  C  C5    . C   A 1 6  ? 32.839  15.130  6.555   1.00 27.65 ? 6  C   A C5    1 
ATOM   127  C  C6    . C   A 1 6  ? 33.929  14.934  5.804   1.00 27.86 ? 6  C   A C6    1 
ATOM   128  P  P     . U   A 1 7  ? 34.061  11.451  1.960   1.00 33.20 ? 7  U   A P     1 
ATOM   129  O  OP1   . U   A 1 7  ? 34.162  10.954  0.560   1.00 35.00 ? 7  U   A OP1   1 
ATOM   130  O  OP2   . U   A 1 7  ? 32.835  12.159  2.402   1.00 35.39 ? 7  U   A OP2   1 
ATOM   131  O  "O5'" . U   A 1 7  ? 34.345  10.215  2.920   1.00 29.91 ? 7  U   A "O5'" 1 
ATOM   132  C  "C5'" . U   A 1 7  ? 35.547  9.470   2.768   1.00 26.97 ? 7  U   A "C5'" 1 
ATOM   133  C  "C4'" . U   A 1 7  ? 35.788  8.609   3.976   1.00 28.03 ? 7  U   A "C4'" 1 
ATOM   134  O  "O4'" . U   A 1 7  ? 35.936  9.442   5.157   1.00 27.64 ? 7  U   A "O4'" 1 
ATOM   135  C  "C3'" . U   A 1 7  ? 34.667  7.652   4.346   1.00 28.36 ? 7  U   A "C3'" 1 
ATOM   136  O  "O3'" . U   A 1 7  ? 34.750  6.473   3.559   1.00 29.77 ? 7  U   A "O3'" 1 
ATOM   137  C  "C2'" . U   A 1 7  ? 34.998  7.358   5.799   1.00 26.65 ? 7  U   A "C2'" 1 
ATOM   138  O  "O2'" . U   A 1 7  ? 36.088  6.472   5.879   1.00 29.09 ? 7  U   A "O2'" 1 
ATOM   139  C  "C1'" . U   A 1 7  ? 35.441  8.739   6.287   1.00 28.47 ? 7  U   A "C1'" 1 
ATOM   140  N  N1    . U   A 1 7  ? 34.327  9.508   6.849   1.00 29.65 ? 7  U   A N1    1 
ATOM   141  C  C2    . U   A 1 7  ? 33.922  9.194   8.124   1.00 29.77 ? 7  U   A C2    1 
ATOM   142  O  O2    . U   A 1 7  ? 34.448  8.305   8.781   1.00 24.86 ? 7  U   A O2    1 
ATOM   143  N  N3    . U   A 1 7  ? 32.875  9.949   8.600   1.00 28.19 ? 7  U   A N3    1 
ATOM   144  C  C4    . U   A 1 7  ? 32.212  10.956  7.939   1.00 27.17 ? 7  U   A C4    1 
ATOM   145  O  O4    . U   A 1 7  ? 31.319  11.569  8.517   1.00 25.01 ? 7  U   A O4    1 
ATOM   146  C  C5    . U   A 1 7  ? 32.690  11.217  6.615   1.00 28.88 ? 7  U   A C5    1 
ATOM   147  C  C6    . U   A 1 7  ? 33.706  10.503  6.130   1.00 29.56 ? 7  U   A C6    1 
ATOM   148  P  P     . U   A 1 8  ? 33.431  5.600   3.281   1.00 32.84 ? 8  U   A P     1 
ATOM   149  O  OP1   . U   A 1 8  ? 33.845  4.536   2.330   1.00 30.33 ? 8  U   A OP1   1 
ATOM   150  O  OP2   . U   A 1 8  ? 32.291  6.493   2.952   1.00 31.82 ? 8  U   A OP2   1 
ATOM   151  O  "O5'" . U   A 1 8  ? 33.115  4.908   4.673   1.00 30.50 ? 8  U   A "O5'" 1 
ATOM   152  C  "C5'" . U   A 1 8  ? 33.989  3.920   5.188   1.00 31.32 ? 8  U   A "C5'" 1 
ATOM   153  C  "C4'" . U   A 1 8  ? 33.578  3.552   6.581   1.00 31.56 ? 8  U   A "C4'" 1 
ATOM   154  O  "O4'" . U   A 1 8  ? 33.718  4.711   7.446   1.00 29.05 ? 8  U   A "O4'" 1 
ATOM   155  C  "C3'" . U   A 1 8  ? 32.116  3.177   6.735   1.00 30.28 ? 8  U   A "C3'" 1 
ATOM   156  O  "O3'" . U   A 1 8  ? 31.877  1.835   6.327   1.00 30.56 ? 8  U   A "O3'" 1 
ATOM   157  C  "C2'" . U   A 1 8  ? 31.924  3.373   8.227   1.00 29.39 ? 8  U   A "C2'" 1 
ATOM   158  O  "O2'" . U   A 1 8  ? 32.544  2.328   8.947   1.00 28.87 ? 8  U   A "O2'" 1 
ATOM   159  C  "C1'" . U   A 1 8  ? 32.706  4.673   8.443   1.00 31.52 ? 8  U   A "C1'" 1 
ATOM   160  N  N1    . U   A 1 8  ? 31.854  5.854   8.270   1.00 32.32 ? 8  U   A N1    1 
ATOM   161  C  C2    . U   A 1 8  ? 31.070  6.229   9.337   1.00 31.40 ? 8  U   A C2    1 
ATOM   162  O  O2    . U   A 1 8  ? 31.065  5.621   10.393  1.00 32.29 ? 8  U   A O2    1 
ATOM   163  N  N3    . U   A 1 8  ? 30.292  7.336   9.124   1.00 29.94 ? 8  U   A N3    1 
ATOM   164  C  C4    . U   A 1 8  ? 30.227  8.093   7.972   1.00 31.77 ? 8  U   A C4    1 
ATOM   165  O  O4    . U   A 1 8  ? 29.519  9.097   7.949   1.00 30.22 ? 8  U   A O4    1 
ATOM   166  C  C5    . U   A 1 8  ? 31.066  7.635   6.905   1.00 32.74 ? 8  U   A C5    1 
ATOM   167  C  C6    . U   A 1 8  ? 31.833  6.560   7.087   1.00 32.92 ? 8  U   A C6    1 
ATOM   168  P  P     . A   A 1 9  ? 30.463  1.448   5.663   1.00 31.30 ? 9  A   A P     1 
ATOM   169  O  OP1   . A   A 1 9  ? 30.619  0.079   5.115   1.00 34.93 ? 9  A   A OP1   1 
ATOM   170  O  OP2   . A   A 1 9  ? 30.045  2.546   4.758   1.00 33.38 ? 9  A   A OP2   1 
ATOM   171  O  "O5'" . A   A 1 9  ? 29.464  1.410   6.904   1.00 30.96 ? 9  A   A "O5'" 1 
ATOM   172  C  "C5'" . A   A 1 9  ? 29.658  0.477   7.968   1.00 30.86 ? 9  A   A "C5'" 1 
ATOM   173  C  "C4'" . A   A 1 9  ? 28.701  0.761   9.102   1.00 31.02 ? 9  A   A "C4'" 1 
ATOM   174  O  "O4'" . A   A 1 9  ? 29.048  2.021   9.739   1.00 30.17 ? 9  A   A "O4'" 1 
ATOM   175  C  "C3'" . A   A 1 9  ? 27.231  0.928   8.733   1.00 32.54 ? 9  A   A "C3'" 1 
ATOM   176  O  "O3'" . A   A 1 9  ? 26.567  -0.330  8.584   1.00 34.68 ? 9  A   A "O3'" 1 
ATOM   177  C  "C2'" . A   A 1 9  ? 26.701  1.703   9.933   1.00 31.65 ? 9  A   A "C2'" 1 
ATOM   178  O  "O2'" . A   A 1 9  ? 26.479  0.885   11.060  1.00 33.38 ? 9  A   A "O2'" 1 
ATOM   179  C  "C1'" . A   A 1 9  ? 27.866  2.655   10.216  1.00 30.12 ? 9  A   A "C1'" 1 
ATOM   180  N  N9    . A   A 1 9  ? 27.704  3.912   9.494   1.00 29.00 ? 9  A   A N9    1 
ATOM   181  C  C8    . A   A 1 9  ? 28.271  4.251   8.287   1.00 28.03 ? 9  A   A C8    1 
ATOM   182  N  N7    . A   A 1 9  ? 27.951  5.449   7.874   1.00 30.03 ? 9  A   A N7    1 
ATOM   183  C  C5    . A   A 1 9  ? 27.116  5.934   8.869   1.00 26.07 ? 9  A   A C5    1 
ATOM   184  C  C6    . A   A 1 9  ? 26.440  7.154   9.018   1.00 26.13 ? 9  A   A C6    1 
ATOM   185  N  N6    . A   A 1 9  ? 26.494  8.140   8.114   1.00 22.81 ? 9  A   A N6    1 
ATOM   186  N  N1    . A   A 1 9  ? 25.693  7.330   10.133  1.00 25.02 ? 9  A   A N1    1 
ATOM   187  C  C2    . A   A 1 9  ? 25.629  6.329   11.021  1.00 25.69 ? 9  A   A C2    1 
ATOM   188  N  N3    . A   A 1 9  ? 26.211  5.127   10.983  1.00 27.06 ? 9  A   A N3    1 
ATOM   189  C  C4    . A   A 1 9  ? 26.951  4.996   9.872   1.00 26.33 ? 9  A   A C4    1 
ATOM   190  P  P     . A   A 1 10 ? 25.293  -0.457  7.597   1.00 37.71 ? 10 A   A P     1 
ATOM   191  O  OP1   . A   A 1 10 ? 24.957  -1.900  7.496   1.00 39.27 ? 10 A   A OP1   1 
ATOM   192  O  OP2   . A   A 1 10 ? 25.545  0.323   6.356   1.00 38.21 ? 10 A   A OP2   1 
ATOM   193  O  "O5'" . A   A 1 10 ? 24.116  0.245   8.408   1.00 37.75 ? 10 A   A "O5'" 1 
ATOM   194  C  "C5'" . A   A 1 10 ? 23.594  -0.358  9.586   1.00 35.57 ? 10 A   A "C5'" 1 
ATOM   195  C  "C4'" . A   A 1 10 ? 22.588  0.554   10.236  1.00 35.86 ? 10 A   A "C4'" 1 
ATOM   196  O  "O4'" . A   A 1 10 ? 23.262  1.758   10.689  1.00 35.76 ? 10 A   A "O4'" 1 
ATOM   197  C  "C3'" . A   A 1 10 ? 21.493  1.086   9.328   1.00 36.50 ? 10 A   A "C3'" 1 
ATOM   198  O  "O3'" . A   A 1 10 ? 20.434  0.153   9.131   1.00 37.31 ? 10 A   A "O3'" 1 
ATOM   199  C  "C2'" . A   A 1 10 ? 21.039  2.313   10.103  1.00 35.21 ? 10 A   A "C2'" 1 
ATOM   200  O  "O2'" . A   A 1 10 ? 20.237  1.976   11.213  1.00 36.83 ? 10 A   A "O2'" 1 
ATOM   201  C  "C1'" . A   A 1 10 ? 22.382  2.867   10.583  1.00 33.91 ? 10 A   A "C1'" 1 
ATOM   202  N  N9    . A   A 1 10 ? 22.929  3.791   9.593   1.00 30.59 ? 10 A   A N9    1 
ATOM   203  C  C8    . A   A 1 10 ? 23.806  3.517   8.577   1.00 30.86 ? 10 A   A C8    1 
ATOM   204  N  N7    . A   A 1 10 ? 24.060  4.542   7.808   1.00 30.33 ? 10 A   A N7    1 
ATOM   205  C  C5    . A   A 1 10 ? 23.309  5.570   8.368   1.00 30.37 ? 10 A   A C5    1 
ATOM   206  C  C6    . A   A 1 10 ? 23.126  6.915   8.007   1.00 26.62 ? 10 A   A C6    1 
ATOM   207  N  N6    . A   A 1 10 ? 23.698  7.474   6.946   1.00 26.16 ? 10 A   A N6    1 
ATOM   208  N  N1    . A   A 1 10 ? 22.313  7.670   8.777   1.00 28.17 ? 10 A   A N1    1 
ATOM   209  C  C2    . A   A 1 10 ? 21.716  7.097   9.832   1.00 28.96 ? 10 A   A C2    1 
ATOM   210  N  N3    . A   A 1 10 ? 21.799  5.842   10.265  1.00 29.53 ? 10 A   A N3    1 
ATOM   211  C  C4    . A   A 1 10 ? 22.622  5.122   9.479   1.00 30.37 ? 10 A   A C4    1 
ATOM   212  P  P     . A   A 1 11 ? 19.417  0.358   7.894   1.00 38.23 ? 11 A   A P     1 
ATOM   213  O  OP1   . A   A 1 11 ? 18.521  -0.824  7.860   1.00 41.91 ? 11 A   A OP1   1 
ATOM   214  O  OP2   . A   A 1 11 ? 20.192  0.724   6.686   1.00 37.94 ? 11 A   A OP2   1 
ATOM   215  O  "O5'" . A   A 1 11 ? 18.555  1.627   8.326   1.00 36.98 ? 11 A   A "O5'" 1 
ATOM   216  C  "C5'" . A   A 1 11 ? 17.709  1.569   9.471   1.00 36.48 ? 11 A   A "C5'" 1 
ATOM   217  C  "C4'" . A   A 1 11 ? 16.928  2.853   9.613   1.00 35.82 ? 11 A   A "C4'" 1 
ATOM   218  O  "O4'" . A   A 1 11 ? 17.825  3.941   9.960   1.00 32.38 ? 11 A   A "O4'" 1 
ATOM   219  C  "C3'" . A   A 1 11 ? 16.231  3.360   8.362   1.00 36.51 ? 11 A   A "C3'" 1 
ATOM   220  O  "O3'" . A   A 1 11 ? 15.000  2.693   8.131   1.00 37.97 ? 11 A   A "O3'" 1 
ATOM   221  C  "C2'" . A   A 1 11 ? 16.006  4.818   8.727   1.00 34.67 ? 11 A   A "C2'" 1 
ATOM   222  O  "O2'" . A   A 1 11 ? 14.938  4.959   9.638   1.00 35.78 ? 11 A   A "O2'" 1 
ATOM   223  C  "C1'" . A   A 1 11 ? 17.332  5.150   9.412   1.00 32.65 ? 11 A   A "C1'" 1 
ATOM   224  N  N9    . A   A 1 11 ? 18.312  5.650   8.450   1.00 30.61 ? 11 A   A N9    1 
ATOM   225  C  C8    . A   A 1 11 ? 19.360  4.989   7.854   1.00 30.29 ? 11 A   A C8    1 
ATOM   226  N  N7    . A   A 1 11 ? 20.042  5.732   7.012   1.00 30.24 ? 11 A   A N7    1 
ATOM   227  C  C5    . A   A 1 11 ? 19.403  6.965   7.064   1.00 30.05 ? 11 A   A C5    1 
ATOM   228  C  C6    . A   A 1 11 ? 19.638  8.192   6.399   1.00 29.92 ? 11 A   A C6    1 
ATOM   229  N  N6    . A   A 1 11 ? 20.639  8.396   5.528   1.00 27.39 ? 11 A   A N6    1 
ATOM   230  N  N1    . A   A 1 11 ? 18.800  9.216   6.667   1.00 29.94 ? 11 A   A N1    1 
ATOM   231  C  C2    . A   A 1 11 ? 17.803  9.022   7.547   1.00 31.30 ? 11 A   A C2    1 
ATOM   232  N  N3    . A   A 1 11 ? 17.487  7.926   8.236   1.00 28.02 ? 11 A   A N3    1 
ATOM   233  C  C4    . A   A 1 11 ? 18.335  6.925   7.944   1.00 30.20 ? 11 A   A C4    1 
ATOM   234  P  P     . U   A 1 12 ? 14.524  2.424   6.624   1.00 38.43 ? 12 U   A P     1 
ATOM   235  O  OP1   . U   A 1 12 ? 13.318  1.557   6.712   1.00 38.83 ? 12 U   A OP1   1 
ATOM   236  O  OP2   . U   A 1 12 ? 15.683  1.988   5.807   1.00 37.57 ? 12 U   A OP2   1 
ATOM   237  O  "O5'" . U   A 1 12 ? 14.098  3.865   6.100   1.00 36.38 ? 12 U   A "O5'" 1 
ATOM   238  C  "C5'" . U   A 1 12 ? 13.045  4.585   6.721   1.00 34.99 ? 12 U   A "C5'" 1 
ATOM   239  C  "C4'" . U   A 1 12 ? 12.931  5.963   6.117   1.00 34.53 ? 12 U   A "C4'" 1 
ATOM   240  O  "O4'" . U   A 1 12 ? 14.085  6.762   6.496   1.00 32.80 ? 12 U   A "O4'" 1 
ATOM   241  C  "C3'" . U   A 1 12 ? 12.940  6.032   4.597   1.00 33.56 ? 12 U   A "C3'" 1 
ATOM   242  O  "O3'" . U   A 1 12 ? 11.672  5.722   4.038   1.00 34.30 ? 12 U   A "O3'" 1 
ATOM   243  C  "C2'" . U   A 1 12 ? 13.325  7.486   4.375   1.00 33.63 ? 12 U   A "C2'" 1 
ATOM   244  O  "O2'" . U   A 1 12 ? 12.255  8.383   4.636   1.00 31.36 ? 12 U   A "O2'" 1 
ATOM   245  C  "C1'" . U   A 1 12 ? 14.410  7.656   5.439   1.00 32.24 ? 12 U   A "C1'" 1 
ATOM   246  N  N1    . U   A 1 12 ? 15.735  7.300   4.912   1.00 31.74 ? 12 U   A N1    1 
ATOM   247  C  C2    . U   A 1 12 ? 16.416  8.267   4.196   1.00 32.55 ? 12 U   A C2    1 
ATOM   248  O  O2    . U   A 1 12 ? 15.967  9.386   3.994   1.00 32.35 ? 12 U   A O2    1 
ATOM   249  N  N3    . U   A 1 12 ? 17.642  7.875   3.714   1.00 32.42 ? 12 U   A N3    1 
ATOM   250  C  C4    . U   A 1 12 ? 18.243  6.642   3.867   1.00 32.00 ? 12 U   A C4    1 
ATOM   251  O  O4    . U   A 1 12 ? 19.336  6.437   3.327   1.00 32.20 ? 12 U   A O4    1 
ATOM   252  C  C5    . U   A 1 12 ? 17.480  5.691   4.622   1.00 30.43 ? 12 U   A C5    1 
ATOM   253  C  C6    . U   A 1 12 ? 16.282  6.042   5.108   1.00 31.92 ? 12 U   A C6    1 
ATOM   254  P  P     . C   A 1 13 ? 11.586  5.006   2.596   1.00 33.74 ? 13 C   A P     1 
ATOM   255  O  OP1   . C   A 1 13 ? 10.148  4.664   2.407   1.00 37.11 ? 13 C   A OP1   1 
ATOM   256  O  OP2   . C   A 1 13 ? 12.611  3.943   2.483   1.00 36.70 ? 13 C   A OP2   1 
ATOM   257  O  "O5'" . C   A 1 13 ? 11.974  6.158   1.572   1.00 33.38 ? 13 C   A "O5'" 1 
ATOM   258  C  "C5'" . C   A 1 13 ? 11.173  7.330   1.466   1.00 31.78 ? 13 C   A "C5'" 1 
ATOM   259  C  "C4'" . C   A 1 13 ? 11.822  8.325   0.540   1.00 30.51 ? 13 C   A "C4'" 1 
ATOM   260  O  "O4'" . C   A 1 13 ? 13.063  8.808   1.132   1.00 27.97 ? 13 C   A "O4'" 1 
ATOM   261  C  "C3'" . C   A 1 13 ? 12.274  7.777   -0.801  1.00 30.42 ? 13 C   A "C3'" 1 
ATOM   262  O  "O3'" . C   A 1 13 ? 11.217  7.676   -1.736  1.00 33.04 ? 13 C   A "O3'" 1 
ATOM   263  C  "C2'" . C   A 1 13 ? 13.279  8.824   -1.226  1.00 30.28 ? 13 C   A "C2'" 1 
ATOM   264  O  "O2'" . C   A 1 13 ? 12.641  9.995   -1.680  1.00 32.91 ? 13 C   A "O2'" 1 
ATOM   265  C  "C1'" . C   A 1 13 ? 13.995  9.085   0.099   1.00 30.05 ? 13 C   A "C1'" 1 
ATOM   266  N  N1    . C   A 1 13 ? 15.154  8.193   0.249   1.00 30.68 ? 13 C   A N1    1 
ATOM   267  C  C2    . C   A 1 13 ? 16.324  8.516   -0.434  1.00 29.93 ? 13 C   A C2    1 
ATOM   268  O  O2    . C   A 1 13 ? 16.332  9.525   -1.160  1.00 30.35 ? 13 C   A O2    1 
ATOM   269  N  N3    . C   A 1 13 ? 17.412  7.723   -0.299  1.00 29.23 ? 13 C   A N3    1 
ATOM   270  C  C4    . C   A 1 13 ? 17.356  6.634   0.472   1.00 30.48 ? 13 C   A C4    1 
ATOM   271  N  N4    . C   A 1 13 ? 18.474  5.889   0.590   1.00 27.68 ? 13 C   A N4    1 
ATOM   272  C  C5    . C   A 1 13 ? 16.164  6.263   1.163   1.00 30.28 ? 13 C   A C5    1 
ATOM   273  C  C6    . C   A 1 13 ? 15.096  7.068   1.030   1.00 30.95 ? 13 C   A C6    1 
ATOM   274  P  P     . U   A 1 14 ? 11.238  6.497   -2.822  1.00 32.66 ? 14 U   A P     1 
ATOM   275  O  OP1   . U   A 1 14 ? 9.858   6.384   -3.357  1.00 30.88 ? 14 U   A OP1   1 
ATOM   276  O  OP2   . U   A 1 14 ? 11.892  5.315   -2.201  1.00 33.34 ? 14 U   A OP2   1 
ATOM   277  O  "O5'" . U   A 1 14 ? 12.216  7.027   -3.962  1.00 31.53 ? 14 U   A "O5'" 1 
ATOM   278  C  "C5'" . U   A 1 14 ? 11.926  8.228   -4.663  1.00 31.74 ? 14 U   A "C5'" 1 
ATOM   279  C  "C4'" . U   A 1 14 ? 13.141  8.691   -5.425  1.00 32.71 ? 14 U   A "C4'" 1 
ATOM   280  O  "O4'" . U   A 1 14 ? 14.213  8.985   -4.487  1.00 31.97 ? 14 U   A "O4'" 1 
ATOM   281  C  "C3'" . U   A 1 14 ? 13.764  7.676   -6.370  1.00 32.12 ? 14 U   A "C3'" 1 
ATOM   282  O  "O3'" . U   A 1 14 ? 13.058  7.607   -7.607  1.00 32.86 ? 14 U   A "O3'" 1 
ATOM   283  C  "C2'" . U   A 1 14 ? 15.167  8.247   -6.522  1.00 32.56 ? 14 U   A "C2'" 1 
ATOM   284  O  "O2'" . U   A 1 14 ? 15.203  9.396   -7.351  1.00 31.95 ? 14 U   A "O2'" 1 
ATOM   285  C  "C1'" . U   A 1 14 ? 15.461  8.679   -5.085  1.00 32.12 ? 14 U   A "C1'" 1 
ATOM   286  N  N1    . U   A 1 14 ? 16.093  7.602   -4.310  1.00 33.02 ? 14 U   A N1    1 
ATOM   287  C  C2    . U   A 1 14 ? 17.435  7.378   -4.527  1.00 31.32 ? 14 U   A C2    1 
ATOM   288  O  O2    . U   A 1 14 ? 18.078  8.010   -5.336  1.00 29.97 ? 14 U   A O2    1 
ATOM   289  N  N3    . U   A 1 14 ? 17.987  6.377   -3.770  1.00 32.68 ? 14 U   A N3    1 
ATOM   290  C  C4    . U   A 1 14 ? 17.340  5.582   -2.851  1.00 32.09 ? 14 U   A C4    1 
ATOM   291  O  O4    . U   A 1 14 ? 17.970  4.701   -2.275  1.00 35.43 ? 14 U   A O4    1 
ATOM   292  C  C5    . U   A 1 14 ? 15.940  5.865   -2.689  1.00 32.59 ? 14 U   A C5    1 
ATOM   293  C  C6    . U   A 1 14 ? 15.381  6.844   -3.405  1.00 29.70 ? 14 U   A C6    1 
ATOM   294  P  P     . G   A 1 15 ? 13.073  6.241   -8.465  1.00 34.99 ? 15 G   A P     1 
ATOM   295  O  OP1   . G   A 1 15 ? 12.008  6.340   -9.498  1.00 33.90 ? 15 G   A OP1   1 
ATOM   296  O  OP2   . G   A 1 15 ? 13.077  5.097   -7.525  1.00 37.03 ? 15 G   A OP2   1 
ATOM   297  O  "O5'" . G   A 1 15 ? 14.484  6.274   -9.201  1.00 33.82 ? 15 G   A "O5'" 1 
ATOM   298  C  "C5'" . G   A 1 15 ? 14.850  7.378   -10.015 1.00 35.57 ? 15 G   A "C5'" 1 
ATOM   299  C  "C4'" . G   A 1 15 ? 16.307  7.283   -10.391 1.00 36.31 ? 15 G   A "C4'" 1 
ATOM   300  O  "O4'" . G   A 1 15 ? 17.135  7.465   -9.209  1.00 37.72 ? 15 G   A "O4'" 1 
ATOM   301  C  "C3'" . G   A 1 15 ? 16.750  5.934   -10.929 1.00 35.15 ? 15 G   A "C3'" 1 
ATOM   302  O  "O3'" . G   A 1 15 ? 16.440  5.796   -12.308 1.00 33.27 ? 15 G   A "O3'" 1 
ATOM   303  C  "C2'" . G   A 1 15 ? 18.251  5.990   -10.691 1.00 35.09 ? 15 G   A "C2'" 1 
ATOM   304  O  "O2'" . G   A 1 15 ? 18.908  6.814   -11.633 1.00 35.26 ? 15 G   A "O2'" 1 
ATOM   305  C  "C1'" . G   A 1 15 ? 18.302  6.656   -9.318  1.00 34.48 ? 15 G   A "C1'" 1 
ATOM   306  N  N9    . G   A 1 15 ? 18.302  5.686   -8.226  1.00 32.35 ? 15 G   A N9    1 
ATOM   307  C  C8    . G   A 1 15 ? 17.245  5.326   -7.423  1.00 31.14 ? 15 G   A C8    1 
ATOM   308  N  N7    . G   A 1 15 ? 17.568  4.439   -6.517  1.00 30.24 ? 15 G   A N7    1 
ATOM   309  C  C5    . G   A 1 15 ? 18.919  4.196   -6.736  1.00 29.30 ? 15 G   A C5    1 
ATOM   310  C  C6    . G   A 1 15 ? 19.827  3.337   -6.052  1.00 29.99 ? 15 G   A C6    1 
ATOM   311  O  O6    . G   A 1 15 ? 19.610  2.611   -5.077  1.00 30.33 ? 15 G   A O6    1 
ATOM   312  N  N1    . G   A 1 15 ? 21.105  3.386   -6.614  1.00 28.74 ? 15 G   A N1    1 
ATOM   313  C  C2    . G   A 1 15 ? 21.464  4.167   -7.687  1.00 29.99 ? 15 G   A C2    1 
ATOM   314  N  N2    . G   A 1 15 ? 22.746  4.071   -8.095  1.00 28.16 ? 15 G   A N2    1 
ATOM   315  N  N3    . G   A 1 15 ? 20.631  4.985   -8.321  1.00 28.10 ? 15 G   A N3    1 
ATOM   316  C  C4    . G   A 1 15 ? 19.386  4.947   -7.795  1.00 31.40 ? 15 G   A C4    1 
ATOM   317  P  P     . C   A 1 16 ? 16.103  4.340   -12.900 1.00 33.56 ? 16 C   A P     1 
ATOM   318  O  OP1   . C   A 1 16 ? 15.727  4.541   -14.321 1.00 32.75 ? 16 C   A OP1   1 
ATOM   319  O  OP2   . C   A 1 16 ? 15.166  3.655   -11.980 1.00 35.95 ? 16 C   A OP2   1 
ATOM   320  O  "O5'" . C   A 1 16 ? 17.496  3.567   -12.832 1.00 32.84 ? 16 C   A "O5'" 1 
ATOM   321  C  "C5'" . C   A 1 16 ? 18.614  4.005   -13.600 1.00 31.84 ? 16 C   A "C5'" 1 
ATOM   322  C  "C4'" . C   A 1 16 ? 19.837  3.179   -13.268 1.00 31.70 ? 16 C   A "C4'" 1 
ATOM   323  O  "O4'" . C   A 1 16 ? 20.192  3.371   -11.874 1.00 31.30 ? 16 C   A "O4'" 1 
ATOM   324  C  "C3'" . C   A 1 16 ? 19.663  1.673   -13.380 1.00 31.22 ? 16 C   A "C3'" 1 
ATOM   325  O  "O3'" . C   A 1 16 ? 19.684  1.216   -14.732 1.00 30.36 ? 16 C   A "O3'" 1 
ATOM   326  C  "C2'" . C   A 1 16 ? 20.806  1.156   -12.516 1.00 30.47 ? 16 C   A "C2'" 1 
ATOM   327  O  "O2'" . C   A 1 16 ? 22.037  1.185   -13.201 1.00 31.83 ? 16 C   A "O2'" 1 
ATOM   328  C  "C1'" . C   A 1 16 ? 20.827  2.195   -11.388 1.00 31.12 ? 16 C   A "C1'" 1 
ATOM   329  N  N1    . C   A 1 16 ? 20.124  1.742   -10.179 1.00 28.80 ? 16 C   A N1    1 
ATOM   330  C  C2    . C   A 1 16 ? 20.832  0.979   -9.239  1.00 29.78 ? 16 C   A C2    1 
ATOM   331  O  O2    . C   A 1 16 ? 22.014  0.700   -9.462  1.00 26.59 ? 16 C   A O2    1 
ATOM   332  N  N3    . C   A 1 16 ? 20.204  0.561   -8.118  1.00 29.44 ? 16 C   A N3    1 
ATOM   333  C  C4    . C   A 1 16 ? 18.919  0.864   -7.922  1.00 30.38 ? 16 C   A C4    1 
ATOM   334  N  N4    . C   A 1 16 ? 18.337  0.422   -6.802  1.00 29.53 ? 16 C   A N4    1 
ATOM   335  C  C5    . C   A 1 16 ? 18.172  1.631   -8.866  1.00 29.19 ? 16 C   A C5    1 
ATOM   336  C  C6    . C   A 1 16 ? 18.810  2.049   -9.968  1.00 30.64 ? 16 C   A C6    1 
ATOM   337  O  "O5'" . G   B 1 1  ? -24.288 -9.291  -13.901 1.00 47.20 ? 1  G   B "O5'" 1 
ATOM   338  C  "C5'" . G   B 1 1  ? -25.632 -8.863  -13.643 1.00 45.57 ? 1  G   B "C5'" 1 
ATOM   339  C  "C4'" . G   B 1 1  ? -26.522 -9.977  -13.135 1.00 44.33 ? 1  G   B "C4'" 1 
ATOM   340  O  "O4'" . G   B 1 1  ? -26.517 -11.070 -14.087 1.00 42.74 ? 1  G   B "O4'" 1 
ATOM   341  C  "C3'" . G   B 1 1  ? -26.107 -10.611 -11.816 1.00 43.58 ? 1  G   B "C3'" 1 
ATOM   342  O  "O3'" . G   B 1 1  ? -26.627 -9.849  -10.724 1.00 42.76 ? 1  G   B "O3'" 1 
ATOM   343  C  "C2'" . G   B 1 1  ? -26.757 -11.989 -11.903 1.00 43.32 ? 1  G   B "C2'" 1 
ATOM   344  O  "O2'" . G   B 1 1  ? -28.126 -11.960 -11.574 1.00 45.97 ? 1  G   B "O2'" 1 
ATOM   345  C  "C1'" . G   B 1 1  ? -26.622 -12.305 -13.396 1.00 43.18 ? 1  G   B "C1'" 1 
ATOM   346  N  N9    . G   B 1 1  ? -25.464 -13.121 -13.748 1.00 40.75 ? 1  G   B N9    1 
ATOM   347  C  C8    . G   B 1 1  ? -24.388 -12.729 -14.509 1.00 42.14 ? 1  G   B C8    1 
ATOM   348  N  N7    . G   B 1 1  ? -23.508 -13.676 -14.683 1.00 40.51 ? 1  G   B N7    1 
ATOM   349  C  C5    . G   B 1 1  ? -24.029 -14.762 -13.990 1.00 40.10 ? 1  G   B C5    1 
ATOM   350  C  C6    . G   B 1 1  ? -23.514 -16.073 -13.817 1.00 38.62 ? 1  G   B C6    1 
ATOM   351  O  O6    . G   B 1 1  ? -22.461 -16.553 -14.257 1.00 38.63 ? 1  G   B O6    1 
ATOM   352  N  N1    . G   B 1 1  ? -24.362 -16.857 -13.038 1.00 36.92 ? 1  G   B N1    1 
ATOM   353  C  C2    . G   B 1 1  ? -25.550 -16.433 -12.492 1.00 36.57 ? 1  G   B C2    1 
ATOM   354  N  N2    . G   B 1 1  ? -26.218 -17.339 -11.750 1.00 35.37 ? 1  G   B N2    1 
ATOM   355  N  N3    . G   B 1 1  ? -26.045 -15.214 -12.651 1.00 37.80 ? 1  G   B N3    1 
ATOM   356  C  C4    . G   B 1 1  ? -25.238 -14.437 -13.404 1.00 39.78 ? 1  G   B C4    1 
ATOM   357  P  P     . C   B 1 2  ? -25.784 -9.722  -9.355  1.00 39.93 ? 2  C   B P     1 
ATOM   358  O  OP1   . C   B 1 2  ? -26.475 -8.724  -8.493  1.00 41.39 ? 2  C   B OP1   1 
ATOM   359  O  OP2   . C   B 1 2  ? -24.352 -9.525  -9.689  1.00 39.29 ? 2  C   B OP2   1 
ATOM   360  O  "O5'" . C   B 1 2  ? -25.988 -11.146 -8.680  1.00 38.24 ? 2  C   B "O5'" 1 
ATOM   361  C  "C5'" . C   B 1 2  ? -27.277 -11.550 -8.238  1.00 35.48 ? 2  C   B "C5'" 1 
ATOM   362  C  "C4'" . C   B 1 2  ? -27.244 -12.983 -7.793  1.00 34.65 ? 2  C   B "C4'" 1 
ATOM   363  O  "O4'" . C   B 1 2  ? -27.016 -13.842 -8.945  1.00 33.88 ? 2  C   B "O4'" 1 
ATOM   364  C  "C3'" . C   B 1 2  ? -26.113 -13.339 -6.839  1.00 33.27 ? 2  C   B "C3'" 1 
ATOM   365  O  "O3'" . C   B 1 2  ? -26.435 -13.002 -5.493  1.00 34.96 ? 2  C   B "O3'" 1 
ATOM   366  C  "C2'" . C   B 1 2  ? -26.004 -14.841 -7.043  1.00 32.22 ? 2  C   B "C2'" 1 
ATOM   367  O  "O2'" . C   B 1 2  ? -27.034 -15.542 -6.380  1.00 30.46 ? 2  C   B "O2'" 1 
ATOM   368  C  "C1'" . C   B 1 2  ? -26.205 -14.943 -8.559  1.00 33.86 ? 2  C   B "C1'" 1 
ATOM   369  N  N1    . C   B 1 2  ? -24.937 -14.858 -9.299  1.00 33.72 ? 2  C   B N1    1 
ATOM   370  C  C2    . C   B 1 2  ? -24.171 -16.015 -9.448  1.00 34.30 ? 2  C   B C2    1 
ATOM   371  O  O2    . C   B 1 2  ? -24.566 -17.064 -8.917  1.00 33.89 ? 2  C   B O2    1 
ATOM   372  N  N3    . C   B 1 2  ? -23.022 -15.962 -10.162 1.00 33.66 ? 2  C   B N3    1 
ATOM   373  C  C4    . C   B 1 2  ? -22.630 -14.812 -10.707 1.00 34.07 ? 2  C   B C4    1 
ATOM   374  N  N4    . C   B 1 2  ? -21.511 -14.822 -11.435 1.00 36.28 ? 2  C   B N4    1 
ATOM   375  C  C5    . C   B 1 2  ? -23.375 -13.605 -10.540 1.00 34.45 ? 2  C   B C5    1 
ATOM   376  C  C6    . C   B 1 2  ? -24.513 -13.674 -9.840  1.00 32.63 ? 2  C   B C6    1 
ATOM   377  P  P     . A   B 1 3  ? -25.273 -12.495 -4.507  1.00 35.69 ? 3  A   B P     1 
ATOM   378  O  OP1   . A   B 1 3  ? -25.922 -12.037 -3.251  1.00 37.40 ? 3  A   B OP1   1 
ATOM   379  O  OP2   . A   B 1 3  ? -24.388 -11.567 -5.245  1.00 33.80 ? 3  A   B OP2   1 
ATOM   380  O  "O5'" . A   B 1 3  ? -24.461 -13.835 -4.189  1.00 34.36 ? 3  A   B "O5'" 1 
ATOM   381  C  "C5'" . A   B 1 3  ? -25.034 -14.843 -3.366  1.00 31.87 ? 3  A   B "C5'" 1 
ATOM   382  C  "C4'" . A   B 1 3  ? -24.093 -16.016 -3.232  1.00 30.76 ? 3  A   B "C4'" 1 
ATOM   383  O  "O4'" . A   B 1 3  ? -23.997 -16.708 -4.504  1.00 29.55 ? 3  A   B "O4'" 1 
ATOM   384  C  "C3'" . A   B 1 3  ? -22.651 -15.693 -2.879  1.00 29.57 ? 3  A   B "C3'" 1 
ATOM   385  O  "O3'" . A   B 1 3  ? -22.496 -15.453 -1.480  1.00 30.01 ? 3  A   B "O3'" 1 
ATOM   386  C  "C2'" . A   B 1 3  ? -21.950 -16.965 -3.345  1.00 28.07 ? 3  A   B "C2'" 1 
ATOM   387  O  "O2'" . A   B 1 3  ? -22.162 -18.048 -2.451  1.00 24.70 ? 3  A   B "O2'" 1 
ATOM   388  C  "C1'" . A   B 1 3  ? -22.695 -17.239 -4.657  1.00 27.94 ? 3  A   B "C1'" 1 
ATOM   389  N  N9    . A   B 1 3  ? -22.080 -16.587 -5.814  1.00 31.59 ? 3  A   B N9    1 
ATOM   390  C  C8    . A   B 1 3  ? -22.471 -15.422 -6.432  1.00 27.67 ? 3  A   B C8    1 
ATOM   391  N  N7    . A   B 1 3  ? -21.710 -15.082 -7.444  1.00 31.15 ? 3  A   B N7    1 
ATOM   392  C  C5    . A   B 1 3  ? -20.756 -16.091 -7.501  1.00 29.04 ? 3  A   B C5    1 
ATOM   393  C  C6    . A   B 1 3  ? -19.659 -16.312 -8.358  1.00 29.79 ? 3  A   B C6    1 
ATOM   394  N  N6    . A   B 1 3  ? -19.320 -15.486 -9.356  1.00 22.06 ? 3  A   B N6    1 
ATOM   395  N  N1    . A   B 1 3  ? -18.909 -17.421 -8.148  1.00 27.75 ? 3  A   B N1    1 
ATOM   396  C  C2    . A   B 1 3  ? -19.248 -18.241 -7.143  1.00 29.85 ? 3  A   B C2    1 
ATOM   397  N  N3    . A   B 1 3  ? -20.252 -18.135 -6.267  1.00 28.66 ? 3  A   B N3    1 
ATOM   398  C  C4    . A   B 1 3  ? -20.974 -17.026 -6.505  1.00 30.21 ? 3  A   B C4    1 
ATOM   399  P  P     . G   B 1 4  ? -21.333 -14.467 -0.964  1.00 30.94 ? 4  G   B P     1 
ATOM   400  O  OP1   . G   B 1 4  ? -21.494 -14.338 0.506   1.00 32.95 ? 4  G   B OP1   1 
ATOM   401  O  OP2   . G   B 1 4  ? -21.312 -13.247 -1.805  1.00 30.51 ? 4  G   B OP2   1 
ATOM   402  O  "O5'" . G   B 1 4  ? -19.995 -15.296 -1.238  1.00 31.23 ? 4  G   B "O5'" 1 
ATOM   403  C  "C5'" . G   B 1 4  ? -19.742 -16.504 -0.523  1.00 30.46 ? 4  G   B "C5'" 1 
ATOM   404  C  "C4'" . G   B 1 4  ? -18.520 -17.207 -1.073  1.00 29.38 ? 4  G   B "C4'" 1 
ATOM   405  O  "O4'" . G   B 1 4  ? -18.780 -17.687 -2.424  1.00 29.48 ? 4  G   B "O4'" 1 
ATOM   406  C  "C3'" . G   B 1 4  ? -17.276 -16.357 -1.241  1.00 29.80 ? 4  G   B "C3'" 1 
ATOM   407  O  "O3'" . G   B 1 4  ? -16.608 -16.097 -0.009  1.00 28.05 ? 4  G   B "O3'" 1 
ATOM   408  C  "C2'" . G   B 1 4  ? -16.466 -17.209 -2.208  1.00 29.33 ? 4  G   B "C2'" 1 
ATOM   409  O  "O2'" . G   B 1 4  ? -15.833 -18.327 -1.613  1.00 26.38 ? 4  G   B "O2'" 1 
ATOM   410  C  "C1'" . G   B 1 4  ? -17.563 -17.680 -3.166  1.00 30.36 ? 4  G   B "C1'" 1 
ATOM   411  N  N9    . G   B 1 4  ? -17.658 -16.727 -4.270  1.00 30.71 ? 4  G   B N9    1 
ATOM   412  C  C8    . G   B 1 4  ? -18.504 -15.652 -4.395  1.00 30.44 ? 4  G   B C8    1 
ATOM   413  N  N7    . G   B 1 4  ? -18.262 -14.932 -5.461  1.00 32.72 ? 4  G   B N7    1 
ATOM   414  C  C5    . G   B 1 4  ? -17.211 -15.587 -6.090  1.00 32.59 ? 4  G   B C5    1 
ATOM   415  C  C6    . G   B 1 4  ? -16.504 -15.271 -7.287  1.00 34.01 ? 4  G   B C6    1 
ATOM   416  O  O6    . G   B 1 4  ? -16.669 -14.311 -8.057  1.00 34.94 ? 4  G   B O6    1 
ATOM   417  N  N1    . G   B 1 4  ? -15.508 -16.210 -7.553  1.00 33.14 ? 4  G   B N1    1 
ATOM   418  C  C2    . G   B 1 4  ? -15.228 -17.307 -6.774  1.00 32.95 ? 4  G   B C2    1 
ATOM   419  N  N2    . G   B 1 4  ? -14.233 -18.093 -7.188  1.00 33.42 ? 4  G   B N2    1 
ATOM   420  N  N3    . G   B 1 4  ? -15.877 -17.609 -5.664  1.00 31.59 ? 4  G   B N3    1 
ATOM   421  C  C4    . G   B 1 4  ? -16.843 -16.710 -5.381  1.00 32.27 ? 4  G   B C4    1 
ATOM   422  P  P     . A   B 1 5  ? -15.863 -14.683 0.208   1.00 30.11 ? 5  A   B P     1 
ATOM   423  O  OP1   . A   B 1 5  ? -15.422 -14.651 1.619   1.00 23.47 ? 5  A   B OP1   1 
ATOM   424  O  OP2   . A   B 1 5  ? -16.716 -13.577 -0.319  1.00 27.38 ? 5  A   B OP2   1 
ATOM   425  O  "O5'" . A   B 1 5  ? -14.580 -14.800 -0.727  1.00 27.13 ? 5  A   B "O5'" 1 
ATOM   426  C  "C5'" . A   B 1 5  ? -13.672 -15.878 -0.549  1.00 28.39 ? 5  A   B "C5'" 1 
ATOM   427  C  "C4'" . A   B 1 5  ? -12.697 -15.941 -1.687  1.00 27.24 ? 5  A   B "C4'" 1 
ATOM   428  O  "O4'" . A   B 1 5  ? -13.399 -16.176 -2.939  1.00 27.73 ? 5  A   B "O4'" 1 
ATOM   429  C  "C3'" . A   B 1 5  ? -11.925 -14.662 -1.966  1.00 28.61 ? 5  A   B "C3'" 1 
ATOM   430  O  "O3'" . A   B 1 5  ? -10.861 -14.509 -1.038  1.00 30.15 ? 5  A   B "O3'" 1 
ATOM   431  C  "C2'" . A   B 1 5  ? -11.421 -14.940 -3.375  1.00 27.37 ? 5  A   B "C2'" 1 
ATOM   432  O  "O2'" . A   B 1 5  ? -10.345 -15.850 -3.352  1.00 25.32 ? 5  A   B "O2'" 1 
ATOM   433  C  "C1'" . A   B 1 5  ? -12.652 -15.604 -4.003  1.00 27.35 ? 5  A   B "C1'" 1 
ATOM   434  N  N9    . A   B 1 5  ? -13.489 -14.619 -4.677  1.00 28.55 ? 5  A   B N9    1 
ATOM   435  C  C8    . A   B 1 5  ? -14.619 -13.993 -4.209  1.00 29.26 ? 5  A   B C8    1 
ATOM   436  N  N7    . A   B 1 5  ? -15.118 -13.113 -5.043  1.00 27.78 ? 5  A   B N7    1 
ATOM   437  C  C5    . A   B 1 5  ? -14.269 -13.174 -6.139  1.00 27.33 ? 5  A   B C5    1 
ATOM   438  C  C6    . A   B 1 5  ? -14.256 -12.485 -7.362  1.00 26.31 ? 5  A   B C6    1 
ATOM   439  N  N6    . A   B 1 5  ? -15.153 -11.552 -7.690  1.00 25.49 ? 5  A   B N6    1 
ATOM   440  N  N1    . A   B 1 5  ? -13.277 -12.785 -8.245  1.00 25.60 ? 5  A   B N1    1 
ATOM   441  C  C2    . A   B 1 5  ? -12.372 -13.714 -7.908  1.00 26.63 ? 5  A   B C2    1 
ATOM   442  N  N3    . A   B 1 5  ? -12.279 -14.432 -6.786  1.00 27.95 ? 5  A   B N3    1 
ATOM   443  C  C4    . A   B 1 5  ? -13.269 -14.108 -5.933  1.00 27.87 ? 5  A   B C4    1 
ATOM   444  P  P     . C   B 1 6  ? -10.357 -13.036 -0.630  1.00 33.18 ? 6  C   B P     1 
ATOM   445  O  OP1   . C   B 1 6  ? -9.206  -13.221 0.286   1.00 31.87 ? 6  C   B OP1   1 
ATOM   446  O  OP2   . C   B 1 6  ? -11.507 -12.201 -0.204  1.00 32.60 ? 6  C   B OP2   1 
ATOM   447  O  "O5'" . C   B 1 6  ? -9.765  -12.451 -1.989  1.00 33.91 ? 6  C   B "O5'" 1 
ATOM   448  C  "C5'" . C   B 1 6  ? -8.604  -13.032 -2.568  1.00 36.14 ? 6  C   B "C5'" 1 
ATOM   449  C  "C4'" . C   B 1 6  ? -8.363  -12.473 -3.953  1.00 38.46 ? 6  C   B "C4'" 1 
ATOM   450  O  "O4'" . C   B 1 6  ? -9.475  -12.807 -4.822  1.00 38.04 ? 6  C   B "O4'" 1 
ATOM   451  C  "C3'" . C   B 1 6  ? -8.254  -10.962 -4.067  1.00 37.63 ? 6  C   B "C3'" 1 
ATOM   452  O  "O3'" . C   B 1 6  ? -6.947  -10.530 -3.731  1.00 37.19 ? 6  C   B "O3'" 1 
ATOM   453  C  "C2'" . C   B 1 6  ? -8.561  -10.749 -5.542  1.00 38.17 ? 6  C   B "C2'" 1 
ATOM   454  O  "O2'" . C   B 1 6  ? -7.476  -11.093 -6.382  1.00 39.16 ? 6  C   B "O2'" 1 
ATOM   455  C  "C1'" . C   B 1 6  ? -9.697  -11.751 -5.742  1.00 38.39 ? 6  C   B "C1'" 1 
ATOM   456  N  N1    . C   B 1 6  ? -10.995 -11.143 -5.424  1.00 38.30 ? 6  C   B N1    1 
ATOM   457  C  C2    . C   B 1 6  ? -11.624 -10.377 -6.397  1.00 37.81 ? 6  C   B C2    1 
ATOM   458  O  O2    . C   B 1 6  ? -11.074 -10.246 -7.501  1.00 40.40 ? 6  C   B O2    1 
ATOM   459  N  N3    . C   B 1 6  ? -12.805 -9.797  -6.116  1.00 37.57 ? 6  C   B N3    1 
ATOM   460  C  C4    . C   B 1 6  ? -13.359 -9.957  -4.913  1.00 38.13 ? 6  C   B C4    1 
ATOM   461  N  N4    . C   B 1 6  ? -14.525 -9.351  -4.675  1.00 40.01 ? 6  C   B N4    1 
ATOM   462  C  C5    . C   B 1 6  ? -12.742 -10.743 -3.897  1.00 38.91 ? 6  C   B C5    1 
ATOM   463  C  C6    . C   B 1 6  ? -11.570 -11.314 -4.195  1.00 38.51 ? 6  C   B C6    1 
ATOM   464  P  P     . U   B 1 7  ? -6.698  -8.998  -3.332  1.00 38.04 ? 7  U   B P     1 
ATOM   465  O  OP1   . U   B 1 7  ? -5.425  -8.968  -2.581  1.00 36.20 ? 7  U   B OP1   1 
ATOM   466  O  OP2   . U   B 1 7  ? -7.934  -8.457  -2.706  1.00 37.73 ? 7  U   B OP2   1 
ATOM   467  O  "O5'" . U   B 1 7  ? -6.511  -8.271  -4.741  1.00 35.08 ? 7  U   B "O5'" 1 
ATOM   468  C  "C5'" . U   B 1 7  ? -5.524  -8.719  -5.662  1.00 34.10 ? 7  U   B "C5'" 1 
ATOM   469  C  "C4'" . U   B 1 7  ? -5.726  -8.072  -7.012  1.00 33.07 ? 7  U   B "C4'" 1 
ATOM   470  O  "O4'" . U   B 1 7  ? -6.969  -8.532  -7.617  1.00 31.95 ? 7  U   B "O4'" 1 
ATOM   471  C  "C3'" . U   B 1 7  ? -5.865  -6.559  -7.006  1.00 31.02 ? 7  U   B "C3'" 1 
ATOM   472  O  "O3'" . U   B 1 7  ? -4.597  -5.925  -6.929  1.00 31.81 ? 7  U   B "O3'" 1 
ATOM   473  C  "C2'" . U   B 1 7  ? -6.547  -6.315  -8.343  1.00 31.28 ? 7  U   B "C2'" 1 
ATOM   474  O  "O2'" . U   B 1 7  ? -5.640  -6.465  -9.414  1.00 28.14 ? 7  U   B "O2'" 1 
ATOM   475  C  "C1'" . U   B 1 7  ? -7.545  -7.476  -8.377  1.00 32.79 ? 7  U   B "C1'" 1 
ATOM   476  N  N1    . U   B 1 7  ? -8.857  -7.147  -7.798  1.00 32.70 ? 7  U   B N1    1 
ATOM   477  C  C2    . U   B 1 7  ? -9.773  -6.480  -8.602  1.00 33.93 ? 7  U   B C2    1 
ATOM   478  O  O2    . U   B 1 7  ? -9.514  -6.114  -9.736  1.00 33.30 ? 7  U   B O2    1 
ATOM   479  N  N3    . U   B 1 7  ? -11.000 -6.255  -8.023  1.00 31.48 ? 7  U   B N3    1 
ATOM   480  C  C4    . U   B 1 7  ? -11.392 -6.609  -6.745  1.00 33.20 ? 7  U   B C4    1 
ATOM   481  O  O4    . U   B 1 7  ? -12.541 -6.363  -6.370  1.00 30.03 ? 7  U   B O4    1 
ATOM   482  C  C5    . U   B 1 7  ? -10.379 -7.266  -5.971  1.00 32.84 ? 7  U   B C5    1 
ATOM   483  C  C6    . U   B 1 7  ? -9.176  -7.503  -6.512  1.00 32.01 ? 7  U   B C6    1 
ATOM   484  P  P     . U   B 1 8  ? -4.489  -4.460  -6.283  1.00 33.77 ? 8  U   B P     1 
ATOM   485  O  OP1   . U   B 1 8  ? -3.055  -4.105  -6.154  1.00 32.27 ? 8  U   B OP1   1 
ATOM   486  O  OP2   . U   B 1 8  ? -5.366  -4.397  -5.084  1.00 34.43 ? 8  U   B OP2   1 
ATOM   487  O  "O5'" . U   B 1 8  ? -5.138  -3.524  -7.400  1.00 32.24 ? 8  U   B "O5'" 1 
ATOM   488  C  "C5'" . U   B 1 8  ? -4.530  -3.413  -8.683  1.00 33.18 ? 8  U   B "C5'" 1 
ATOM   489  C  "C4'" . U   B 1 8  ? -5.430  -2.664  -9.641  1.00 32.80 ? 8  U   B "C4'" 1 
ATOM   490  O  "O4'" . U   B 1 8  ? -6.664  -3.405  -9.840  1.00 31.81 ? 8  U   B "O4'" 1 
ATOM   491  C  "C3'" . U   B 1 8  ? -5.905  -1.295  -9.186  1.00 32.28 ? 8  U   B "C3'" 1 
ATOM   492  O  "O3'" . U   B 1 8  ? -4.919  -0.287  -9.391  1.00 32.16 ? 8  U   B "O3'" 1 
ATOM   493  C  "C2'" . U   B 1 8  ? -7.126  -1.091  -10.070 1.00 31.43 ? 8  U   B "C2'" 1 
ATOM   494  O  "O2'" . U   B 1 8  ? -6.762  -0.778  -11.399 1.00 29.16 ? 8  U   B "O2'" 1 
ATOM   495  C  "C1'" . U   B 1 8  ? -7.737  -2.493  -10.040 1.00 31.35 ? 8  U   B "C1'" 1 
ATOM   496  N  N1    . U   B 1 8  ? -8.711  -2.670  -8.953  1.00 31.74 ? 8  U   B N1    1 
ATOM   497  C  C2    . U   B 1 8  ? -9.986  -2.164  -9.147  1.00 30.78 ? 8  U   B C2    1 
ATOM   498  O  O2    . U   B 1 8  ? -10.310 -1.551  -10.143 1.00 31.88 ? 8  U   B O2    1 
ATOM   499  N  N3    . U   B 1 8  ? -10.866 -2.404  -8.127  1.00 31.16 ? 8  U   B N3    1 
ATOM   500  C  C4    . U   B 1 8  ? -10.615 -3.075  -6.953  1.00 30.32 ? 8  U   B C4    1 
ATOM   501  O  O4    . U   B 1 8  ? -11.545 -3.291  -6.175  1.00 30.53 ? 8  U   B O4    1 
ATOM   502  C  C5    . U   B 1 8  ? -9.266  -3.541  -6.807  1.00 31.32 ? 8  U   B C5    1 
ATOM   503  C  C6    . U   B 1 8  ? -8.381  -3.326  -7.787  1.00 30.23 ? 8  U   B C6    1 
ATOM   504  P  P     . A   B 1 9  ? -4.861  0.965   -8.388  1.00 33.37 ? 9  A   B P     1 
ATOM   505  O  OP1   . A   B 1 9  ? -3.592  1.707   -8.597  1.00 33.27 ? 9  A   B OP1   1 
ATOM   506  O  OP2   . A   B 1 9  ? -5.193  0.463   -7.029  1.00 33.66 ? 9  A   B OP2   1 
ATOM   507  O  "O5'" . A   B 1 9  ? -6.073  1.881   -8.871  1.00 30.91 ? 9  A   B "O5'" 1 
ATOM   508  C  "C5'" . A   B 1 9  ? -6.202  2.272   -10.236 1.00 30.98 ? 9  A   B "C5'" 1 
ATOM   509  C  "C4'" . A   B 1 9  ? -7.548  2.911   -10.452 1.00 31.37 ? 9  A   B "C4'" 1 
ATOM   510  O  "O4'" . A   B 1 9  ? -8.589  1.903   -10.343 1.00 31.56 ? 9  A   B "O4'" 1 
ATOM   511  C  "C3'" . A   B 1 9  ? -7.915  3.913   -9.375  1.00 32.02 ? 9  A   B "C3'" 1 
ATOM   512  O  "O3'" . A   B 1 9  ? -7.302  5.173   -9.604  1.00 34.36 ? 9  A   B "O3'" 1 
ATOM   513  C  "C2'" . A   B 1 9  ? -9.435  3.944   -9.469  1.00 32.26 ? 9  A   B "C2'" 1 
ATOM   514  O  "O2'" . A   B 1 9  ? -9.927  4.699   -10.560 1.00 28.80 ? 9  A   B "O2'" 1 
ATOM   515  C  "C1'" . A   B 1 9  ? -9.734  2.468   -9.722  1.00 31.45 ? 9  A   B "C1'" 1 
ATOM   516  N  N9    . A   B 1 9  ? -10.022 1.718   -8.501  1.00 29.84 ? 9  A   B N9    1 
ATOM   517  C  C8    . A   B 1 9  ? -9.178  0.930   -7.760  1.00 28.99 ? 9  A   B C8    1 
ATOM   518  N  N7    . A   B 1 9  ? -9.764  0.343   -6.747  1.00 28.72 ? 9  A   B N7    1 
ATOM   519  C  C5    . A   B 1 9  ? -11.079 0.782   -6.816  1.00 26.55 ? 9  A   B C5    1 
ATOM   520  C  C6    . A   B 1 9  ? -12.220 0.510   -6.030  1.00 28.04 ? 9  A   B C6    1 
ATOM   521  N  N6    . A   B 1 9  ? -12.223 -0.313  -4.977  1.00 26.32 ? 9  A   B N6    1 
ATOM   522  N  N1    . A   B 1 9  ? -13.378 1.124   -6.370  1.00 28.03 ? 9  A   B N1    1 
ATOM   523  C  C2    . A   B 1 9  ? -13.377 1.951   -7.423  1.00 26.05 ? 9  A   B C2    1 
ATOM   524  N  N3    . A   B 1 9  ? -12.374 2.280   -8.237  1.00 26.34 ? 9  A   B N3    1 
ATOM   525  C  C4    . A   B 1 9  ? -11.245 1.650   -7.877  1.00 29.32 ? 9  A   B C4    1 
ATOM   526  P  P     . A   B 1 10 ? -7.031  6.154   -8.363  1.00 36.36 ? 10 A   B P     1 
ATOM   527  O  OP1   . A   B 1 10 ? -6.234  7.311   -8.847  1.00 36.19 ? 10 A   B OP1   1 
ATOM   528  O  OP2   . A   B 1 10 ? -6.533  5.338   -7.232  1.00 36.26 ? 10 A   B OP2   1 
ATOM   529  O  "O5'" . A   B 1 10 ? -8.486  6.678   -7.992  1.00 34.29 ? 10 A   B "O5'" 1 
ATOM   530  C  "C5'" . A   B 1 10 ? -9.187  7.550   -8.867  1.00 30.39 ? 10 A   B "C5'" 1 
ATOM   531  C  "C4'" . A   B 1 10 ? -10.473 8.001   -8.228  1.00 27.83 ? 10 A   B "C4'" 1 
ATOM   532  O  "O4'" . A   B 1 10 ? -11.436 6.915   -8.213  1.00 24.80 ? 10 A   B "O4'" 1 
ATOM   533  C  "C3'" . A   B 1 10 ? -10.354 8.390   -6.770  1.00 28.47 ? 10 A   B "C3'" 1 
ATOM   534  O  "O3'" . A   B 1 10 ? -9.825  9.696   -6.595  1.00 30.25 ? 10 A   B "O3'" 1 
ATOM   535  C  "C2'" . A   B 1 10 ? -11.795 8.262   -6.301  1.00 28.96 ? 10 A   B "C2'" 1 
ATOM   536  O  "O2'" . A   B 1 10 ? -12.621 9.341   -6.689  1.00 29.17 ? 10 A   B "O2'" 1 
ATOM   537  C  "C1'" . A   B 1 10 ? -12.226 6.994   -7.037  1.00 27.35 ? 10 A   B "C1'" 1 
ATOM   538  N  N9    . A   B 1 10 ? -11.956 5.807   -6.227  1.00 28.68 ? 10 A   B N9    1 
ATOM   539  C  C8    . A   B 1 10 ? -10.778 5.105   -6.147  1.00 26.19 ? 10 A   B C8    1 
ATOM   540  N  N7    . A   B 1 10 ? -10.819 4.092   -5.315  1.00 26.13 ? 10 A   B N7    1 
ATOM   541  C  C5    . A   B 1 10 ? -12.110 4.129   -4.811  1.00 27.69 ? 10 A   B C5    1 
ATOM   542  C  C6    . A   B 1 10 ? -12.771 3.332   -3.864  1.00 27.82 ? 10 A   B C6    1 
ATOM   543  N  N6    . A   B 1 10 ? -12.189 2.310   -3.226  1.00 27.27 ? 10 A   B N6    1 
ATOM   544  N  N1    . A   B 1 10 ? -14.057 3.631   -3.582  1.00 26.71 ? 10 A   B N1    1 
ATOM   545  C  C2    . A   B 1 10 ? -14.627 4.674   -4.209  1.00 27.21 ? 10 A   B C2    1 
ATOM   546  N  N3    . A   B 1 10 ? -14.103 5.503   -5.108  1.00 28.80 ? 10 A   B N3    1 
ATOM   547  C  C4    . A   B 1 10 ? -12.826 5.174   -5.370  1.00 27.65 ? 10 A   B C4    1 
ATOM   548  P  P     . A   B 1 11 ? -9.218  10.109  -5.170  1.00 31.89 ? 11 A   B P     1 
ATOM   549  O  OP1   . A   B 1 11 ? -8.714  11.501  -5.251  1.00 32.76 ? 11 A   B OP1   1 
ATOM   550  O  OP2   . A   B 1 11 ? -8.301  9.018   -4.752  1.00 30.02 ? 11 A   B OP2   1 
ATOM   551  O  "O5'" . A   B 1 11 ? -10.502 10.089  -4.235  1.00 30.92 ? 11 A   B "O5'" 1 
ATOM   552  C  "C5'" . A   B 1 11 ? -10.423 9.708   -2.872  1.00 31.37 ? 11 A   B "C5'" 1 
ATOM   553  C  "C4'" . A   B 1 11 ? -11.812 9.478   -2.335  1.00 31.05 ? 11 A   B "C4'" 1 
ATOM   554  O  "O4'" . A   B 1 11 ? -12.339 8.233   -2.871  1.00 30.46 ? 11 A   B "O4'" 1 
ATOM   555  C  "C3'" . A   B 1 11 ? -11.919 9.298   -0.837  1.00 30.48 ? 11 A   B "C3'" 1 
ATOM   556  O  "O3'" . A   B 1 11 ? -11.940 10.567  -0.198  1.00 31.34 ? 11 A   B "O3'" 1 
ATOM   557  C  "C2'" . A   B 1 11 ? -13.249 8.574   -0.717  1.00 29.98 ? 11 A   B "C2'" 1 
ATOM   558  O  "O2'" . A   B 1 11 ? -14.352 9.437   -0.898  1.00 30.30 ? 11 A   B "O2'" 1 
ATOM   559  C  "C1'" . A   B 1 11 ? -13.155 7.604   -1.897  1.00 30.68 ? 11 A   B "C1'" 1 
ATOM   560  N  N9    . A   B 1 11 ? -12.515 6.343   -1.520  1.00 31.00 ? 11 A   B N9    1 
ATOM   561  C  C8    . A   B 1 11 ? -11.260 5.899   -1.864  1.00 29.97 ? 11 A   B C8    1 
ATOM   562  N  N7    . A   B 1 11 ? -10.958 4.724   -1.358  1.00 32.44 ? 11 A   B N7    1 
ATOM   563  C  C5    . A   B 1 11 ? -12.097 4.369   -0.641  1.00 31.14 ? 11 A   B C5    1 
ATOM   564  C  C6    . A   B 1 11 ? -12.420 3.230   0.118   1.00 30.91 ? 11 A   B C6    1 
ATOM   565  N  N6    . A   B 1 11 ? -11.592 2.187   0.282   1.00 34.83 ? 11 A   B N6    1 
ATOM   566  N  N1    . A   B 1 11 ? -13.636 3.193   0.707   1.00 29.37 ? 11 A   B N1    1 
ATOM   567  C  C2    . A   B 1 11 ? -14.465 4.233   0.538   1.00 30.37 ? 11 A   B C2    1 
ATOM   568  N  N3    . A   B 1 11 ? -14.279 5.355   -0.157  1.00 32.41 ? 11 A   B N3    1 
ATOM   569  C  C4    . A   B 1 11 ? -13.060 5.359   -0.731  1.00 30.24 ? 11 A   B C4    1 
ATOM   570  P  P     . U   B 1 12 ? -10.993 10.826  1.074   1.00 32.41 ? 12 U   B P     1 
ATOM   571  O  OP1   . U   B 1 12 ? -11.157 12.255  1.464   1.00 28.84 ? 12 U   B OP1   1 
ATOM   572  O  OP2   . U   B 1 12 ? -9.653  10.298  0.764   1.00 29.55 ? 12 U   B OP2   1 
ATOM   573  O  "O5'" . U   B 1 12 ? -11.640 9.940   2.227   1.00 30.56 ? 12 U   B "O5'" 1 
ATOM   574  C  "C5'" . U   B 1 12 ? -12.923 10.266  2.741   1.00 29.32 ? 12 U   B "C5'" 1 
ATOM   575  C  "C4'" . U   B 1 12 ? -13.476 9.118   3.548   1.00 31.27 ? 12 U   B "C4'" 1 
ATOM   576  O  "O4'" . U   B 1 12 ? -13.548 7.915   2.730   1.00 29.53 ? 12 U   B "O4'" 1 
ATOM   577  C  "C3'" . U   B 1 12 ? -12.643 8.673   4.738   1.00 30.54 ? 12 U   B "C3'" 1 
ATOM   578  O  "O3'" . U   B 1 12 ? -12.861 9.543   5.846   1.00 31.16 ? 12 U   B "O3'" 1 
ATOM   579  C  "C2'" . U   B 1 12 ? -13.225 7.290   4.995   1.00 31.29 ? 12 U   B "C2'" 1 
ATOM   580  O  "O2'" . U   B 1 12 ? -14.492 7.378   5.606   1.00 31.50 ? 12 U   B "O2'" 1 
ATOM   581  C  "C1'" . U   B 1 12 ? -13.420 6.776   3.569   1.00 30.48 ? 12 U   B "C1'" 1 
ATOM   582  N  N1    . U   B 1 12 ? -12.295 5.955   3.099   1.00 31.43 ? 12 U   B N1    1 
ATOM   583  C  C2    . U   B 1 12 ? -12.227 4.655   3.566   1.00 31.49 ? 12 U   B C2    1 
ATOM   584  O  O2    . U   B 1 12 ? -13.032 4.200   4.355   1.00 33.50 ? 12 U   B O2    1 
ATOM   585  N  N3    . U   B 1 12 ? -11.181 3.915   3.082   1.00 30.01 ? 12 U   B N3    1 
ATOM   586  C  C4    . U   B 1 12 ? -10.203 4.338   2.211   1.00 32.72 ? 12 U   B C4    1 
ATOM   587  O  O4    . U   B 1 12 ? -9.302  3.560   1.890   1.00 30.75 ? 12 U   B O4    1 
ATOM   588  C  C5    . U   B 1 12 ? -10.332 5.703   1.783   1.00 30.29 ? 12 U   B C5    1 
ATOM   589  C  C6    . U   B 1 12 ? -11.350 6.443   2.232   1.00 28.88 ? 12 U   B C6    1 
ATOM   590  P  P     . C   B 1 13 ? -11.730 9.688   6.985   1.00 32.09 ? 13 C   B P     1 
ATOM   591  O  OP1   . C   B 1 13 ? -11.987 10.926  7.761   1.00 32.07 ? 13 C   B OP1   1 
ATOM   592  O  OP2   . C   B 1 13 ? -10.414 9.489   6.326   1.00 31.22 ? 13 C   B OP2   1 
ATOM   593  O  "O5'" . C   B 1 13 ? -11.999 8.442   7.941   1.00 32.71 ? 13 C   B "O5'" 1 
ATOM   594  C  "C5'" . C   B 1 13 ? -13.289 8.219   8.503   1.00 31.67 ? 13 C   B "C5'" 1 
ATOM   595  C  "C4'" . C   B 1 13 ? -13.376 6.813   9.043   1.00 34.13 ? 13 C   B "C4'" 1 
ATOM   596  O  "O4'" . C   B 1 13 ? -13.240 5.869   7.945   1.00 32.50 ? 13 C   B "O4'" 1 
ATOM   597  C  "C3'" . C   B 1 13 ? -12.239 6.427   9.978   1.00 34.68 ? 13 C   B "C3'" 1 
ATOM   598  O  "O3'" . C   B 1 13 ? -12.458 6.910   11.297  1.00 34.23 ? 13 C   B "O3'" 1 
ATOM   599  C  "C2'" . C   B 1 13 ? -12.252 4.908   9.889   1.00 34.16 ? 13 C   B "C2'" 1 
ATOM   600  O  "O2'" . C   B 1 13 ? -13.266 4.318   10.679  1.00 38.97 ? 13 C   B "O2'" 1 
ATOM   601  C  "C1'" . C   B 1 13 ? -12.579 4.699   8.410   1.00 33.75 ? 13 C   B "C1'" 1 
ATOM   602  N  N1    . C   B 1 13 ? -11.390 4.443   7.575   1.00 32.71 ? 13 C   B N1    1 
ATOM   603  C  C2    . C   B 1 13 ? -10.837 3.157   7.585   1.00 32.46 ? 13 C   B C2    1 
ATOM   604  O  O2    . C   B 1 13 ? -11.341 2.293   8.322   1.00 35.21 ? 13 C   B O2    1 
ATOM   605  N  N3    . C   B 1 13 ? -9.771  2.887   6.805   1.00 31.57 ? 13 C   B N3    1 
ATOM   606  C  C4    . C   B 1 13 ? -9.248  3.842   6.039   1.00 31.59 ? 13 C   B C4    1 
ATOM   607  N  N4    . C   B 1 13 ? -8.209  3.513   5.263   1.00 29.55 ? 13 C   B N4    1 
ATOM   608  C  C5    . C   B 1 13 ? -9.771  5.174   6.028   1.00 30.69 ? 13 C   B C5    1 
ATOM   609  C  C6    . C   B 1 13 ? -10.835 5.425   6.801   1.00 32.64 ? 13 C   B C6    1 
ATOM   610  P  P     . U   B 1 14 ? -11.194 7.266   12.234  1.00 39.08 ? 14 U   B P     1 
ATOM   611  O  OP1   . U   B 1 14 ? -11.717 8.050   13.400  1.00 35.84 ? 14 U   B OP1   1 
ATOM   612  O  OP2   . U   B 1 14 ? -10.090 7.825   11.409  1.00 35.43 ? 14 U   B OP2   1 
ATOM   613  O  "O5'" . U   B 1 14 ? -10.719 5.841   12.755  1.00 36.85 ? 14 U   B "O5'" 1 
ATOM   614  C  "C5'" . U   B 1 14 ? -11.572 5.051   13.576  1.00 39.49 ? 14 U   B "C5'" 1 
ATOM   615  C  "C4'" . U   B 1 14 ? -10.916 3.734   13.883  1.00 40.02 ? 14 U   B "C4'" 1 
ATOM   616  O  "O4'" . U   B 1 14 ? -10.921 2.893   12.700  1.00 39.01 ? 14 U   B "O4'" 1 
ATOM   617  C  "C3'" . U   B 1 14 ? -9.444  3.829   14.245  1.00 40.72 ? 14 U   B "C3'" 1 
ATOM   618  O  "O3'" . U   B 1 14 ? -9.260  4.232   15.598  1.00 41.47 ? 14 U   B "O3'" 1 
ATOM   619  C  "C2'" . U   B 1 14 ? -8.978  2.408   13.963  1.00 40.59 ? 14 U   B "C2'" 1 
ATOM   620  O  "O2'" . U   B 1 14 ? -9.392  1.499   14.967  1.00 40.79 ? 14 U   B "O2'" 1 
ATOM   621  C  "C1'" . U   B 1 14 ? -9.733  2.114   12.666  1.00 40.53 ? 14 U   B "C1'" 1 
ATOM   622  N  N1    . U   B 1 14 ? -8.965  2.505   11.475  1.00 41.50 ? 14 U   B N1    1 
ATOM   623  C  C2    . U   B 1 14 ? -8.049  1.603   10.986  1.00 41.40 ? 14 U   B C2    1 
ATOM   624  O  O2    . U   B 1 14 ? -7.863  0.516   11.498  1.00 43.63 ? 14 U   B O2    1 
ATOM   625  N  N3    . U   B 1 14 ? -7.359  2.016   9.874   1.00 40.76 ? 14 U   B N3    1 
ATOM   626  C  C4    . U   B 1 14 ? -7.488  3.220   9.214   1.00 40.44 ? 14 U   B C4    1 
ATOM   627  O  O4    . U   B 1 14 ? -6.809  3.433   8.208   1.00 39.68 ? 14 U   B O4    1 
ATOM   628  C  C5    . U   B 1 14 ? -8.458  4.110   9.783   1.00 41.49 ? 14 U   B C5    1 
ATOM   629  C  C6    . U   B 1 14 ? -9.147  3.730   10.869  1.00 41.30 ? 14 U   B C6    1 
ATOM   630  P  P     . G   B 1 15 ? -7.962  5.097   16.002  1.00 41.95 ? 15 G   B P     1 
ATOM   631  O  OP1   . G   B 1 15 ? -8.157  5.551   17.404  1.00 40.75 ? 15 G   B OP1   1 
ATOM   632  O  OP2   . G   B 1 15 ? -7.684  6.097   14.941  1.00 39.64 ? 15 G   B OP2   1 
ATOM   633  O  "O5'" . G   B 1 15 ? -6.785  4.023   15.993  1.00 39.99 ? 15 G   B "O5'" 1 
ATOM   634  C  "C5'" . G   B 1 15 ? -6.848  2.882   16.839  1.00 40.81 ? 15 G   B "C5'" 1 
ATOM   635  C  "C4'" . G   B 1 15 ? -5.848  1.846   16.395  1.00 42.04 ? 15 G   B "C4'" 1 
ATOM   636  O  "O4'" . G   B 1 15 ? -6.197  1.364   15.067  1.00 39.88 ? 15 G   B "O4'" 1 
ATOM   637  C  "C3'" . G   B 1 15 ? -4.423  2.335   16.220  1.00 41.99 ? 15 G   B "C3'" 1 
ATOM   638  O  "O3'" . G   B 1 15 ? -3.738  2.474   17.462  1.00 43.58 ? 15 G   B "O3'" 1 
ATOM   639  C  "C2'" . G   B 1 15 ? -3.847  1.251   15.314  1.00 42.09 ? 15 G   B "C2'" 1 
ATOM   640  O  "O2'" . G   B 1 15 ? -3.582  0.032   15.983  1.00 41.84 ? 15 G   B "O2'" 1 
ATOM   641  C  "C1'" . G   B 1 15 ? -5.014  1.032   14.352  1.00 41.22 ? 15 G   B "C1'" 1 
ATOM   642  N  N9    . G   B 1 15 ? -4.919  1.895   13.178  1.00 39.73 ? 15 G   B N9    1 
ATOM   643  C  C8    . G   B 1 15 ? -5.603  3.067   12.949  1.00 39.79 ? 15 G   B C8    1 
ATOM   644  N  N7    . G   B 1 15 ? -5.293  3.628   11.810  1.00 39.02 ? 15 G   B N7    1 
ATOM   645  C  C5    . G   B 1 15 ? -4.348  2.776   11.250  1.00 39.50 ? 15 G   B C5    1 
ATOM   646  C  C6    . G   B 1 15 ? -3.638  2.863   10.018  1.00 37.83 ? 15 G   B C6    1 
ATOM   647  O  O6    . G   B 1 15 ? -3.690  3.743   9.156   1.00 39.40 ? 15 G   B O6    1 
ATOM   648  N  N1    . G   B 1 15 ? -2.792  1.780   9.839   1.00 37.22 ? 15 G   B N1    1 
ATOM   649  C  C2    . G   B 1 15 ? -2.629  0.748   10.728  1.00 37.49 ? 15 G   B C2    1 
ATOM   650  N  N2    . G   B 1 15 ? -1.768  -0.216  10.349  1.00 35.11 ? 15 G   B N2    1 
ATOM   651  N  N3    . G   B 1 15 ? -3.266  0.661   11.888  1.00 36.99 ? 15 G   B N3    1 
ATOM   652  C  C4    . G   B 1 15 ? -4.108  1.699   12.080  1.00 39.06 ? 15 G   B C4    1 
ATOM   653  P  P     . C   B 1 16 ? -2.429  3.424   17.548  1.00 47.38 ? 16 C   B P     1 
ATOM   654  O  OP1   . C   B 1 16 ? -1.869  3.298   18.919  1.00 46.83 ? 16 C   B OP1   1 
ATOM   655  O  OP2   . C   B 1 16 ? -2.778  4.772   17.027  1.00 46.52 ? 16 C   B OP2   1 
ATOM   656  O  "O5'" . C   B 1 16 ? -1.408  2.732   16.537  1.00 42.84 ? 16 C   B "O5'" 1 
ATOM   657  C  "C5'" . C   B 1 16 ? -0.970  1.397   16.769  1.00 43.27 ? 16 C   B "C5'" 1 
ATOM   658  C  "C4'" . C   B 1 16 ? 0.045   0.985   15.734  1.00 43.31 ? 16 C   B "C4'" 1 
ATOM   659  O  "O4'" . C   B 1 16 ? -0.578  0.860   14.430  1.00 42.20 ? 16 C   B "O4'" 1 
ATOM   660  C  "C3'" . C   B 1 16 ? 1.192   1.954   15.505  1.00 43.14 ? 16 C   B "C3'" 1 
ATOM   661  O  "O3'" . C   B 1 16 ? 2.166   1.954   16.564  1.00 43.96 ? 16 C   B "O3'" 1 
ATOM   662  C  "C2'" . C   B 1 16 ? 1.685   1.514   14.135  1.00 42.66 ? 16 C   B "C2'" 1 
ATOM   663  O  "O2'" . C   B 1 16 ? 2.444   0.323   14.209  1.00 44.88 ? 16 C   B "O2'" 1 
ATOM   664  C  "C1'" . C   B 1 16 ? 0.357   1.226   13.422  1.00 42.96 ? 16 C   B "C1'" 1 
ATOM   665  N  N1    . C   B 1 16 ? -0.167  2.406   12.710  1.00 40.49 ? 16 C   B N1    1 
ATOM   666  C  C2    . C   B 1 16 ? 0.147   2.573   11.357  1.00 41.85 ? 16 C   B C2    1 
ATOM   667  O  O2    . C   B 1 16 ? 0.832   1.710   10.788  1.00 40.08 ? 16 C   B O2    1 
ATOM   668  N  N3    . C   B 1 16 ? -0.304  3.671   10.702  1.00 41.75 ? 16 C   B N3    1 
ATOM   669  C  C4    . C   B 1 16 ? -1.041  4.579   11.352  1.00 41.96 ? 16 C   B C4    1 
ATOM   670  N  N4    . C   B 1 16 ? -1.456  5.652   10.670  1.00 42.67 ? 16 C   B N4    1 
ATOM   671  C  C5    . C   B 1 16 ? -1.384  4.428   12.727  1.00 41.85 ? 16 C   B C5    1 
ATOM   672  C  C6    . C   B 1 16 ? -0.932  3.335   13.361  1.00 41.49 ? 16 C   B C6    1 
ATOM   673  O  "O5'" . G   C 1 1  ? 1.310   6.028   1.046   1.00 42.37 ? 17 G   C "O5'" 1 
ATOM   674  C  "C5'" . G   C 1 1  ? 2.420   5.351   0.442   1.00 41.80 ? 17 G   C "C5'" 1 
ATOM   675  C  "C4'" . G   C 1 1  ? 3.191   4.516   1.441   1.00 43.70 ? 17 G   C "C4'" 1 
ATOM   676  O  "O4'" . G   C 1 1  ? 3.474   5.317   2.621   1.00 42.03 ? 17 G   C "O4'" 1 
ATOM   677  C  "C3'" . G   C 1 1  ? 2.465   3.297   1.989   1.00 43.71 ? 17 G   C "C3'" 1 
ATOM   678  O  "O3'" . G   C 1 1  ? 2.605   2.172   1.128   1.00 46.60 ? 17 G   C "O3'" 1 
ATOM   679  C  "C2'" . G   C 1 1  ? 3.193   3.066   3.303   1.00 43.48 ? 17 G   C "C2'" 1 
ATOM   680  O  "O2'" . G   C 1 1  ? 4.458   2.473   3.096   1.00 45.56 ? 17 G   C "O2'" 1 
ATOM   681  C  "C1'" . G   C 1 1  ? 3.395   4.501   3.782   1.00 42.32 ? 17 G   C "C1'" 1 
ATOM   682  N  N9    . G   C 1 1  ? 2.296   4.992   4.605   1.00 41.19 ? 17 G   C N9    1 
ATOM   683  C  C8    . G   C 1 1  ? 1.452   6.034   4.306   1.00 39.20 ? 17 G   C C8    1 
ATOM   684  N  N7    . G   C 1 1  ? 0.579   6.271   5.245   1.00 39.09 ? 17 G   C N7    1 
ATOM   685  C  C5    . G   C 1 1  ? 0.856   5.329   6.222   1.00 39.39 ? 17 G   C C5    1 
ATOM   686  C  C6    . G   C 1 1  ? 0.245   5.111   7.480   1.00 40.82 ? 17 G   C C6    1 
ATOM   687  O  O6    . G   C 1 1  ? -0.696  5.730   7.997   1.00 41.68 ? 17 G   C O6    1 
ATOM   688  N  N1    . G   C 1 1  ? 0.837   4.046   8.161   1.00 40.38 ? 17 G   C N1    1 
ATOM   689  C  C2    . G   C 1 1  ? 1.886   3.294   7.686   1.00 39.35 ? 17 G   C C2    1 
ATOM   690  N  N2    . G   C 1 1  ? 2.324   2.314   8.491   1.00 38.25 ? 17 G   C N2    1 
ATOM   691  N  N3    . G   C 1 1  ? 2.466   3.491   6.509   1.00 39.32 ? 17 G   C N3    1 
ATOM   692  C  C4    . G   C 1 1  ? 1.906   4.521   5.838   1.00 39.39 ? 17 G   C C4    1 
ATOM   693  P  P     . C   C 1 2  ? 1.531   0.968   1.205   1.00 46.81 ? 18 C   C P     1 
ATOM   694  O  OP1   . C   C 1 2  ? 1.948   -0.071  0.224   1.00 46.18 ? 18 C   C OP1   1 
ATOM   695  O  OP2   . C   C 1 2  ? 0.175   1.570   1.112   1.00 47.80 ? 18 C   C OP2   1 
ATOM   696  O  "O5'" . C   C 1 2  ? 1.709   0.376   2.672   1.00 45.35 ? 18 C   C "O5'" 1 
ATOM   697  C  "C5'" . C   C 1 2  ? 2.832   -0.430  3.007   1.00 45.27 ? 18 C   C "C5'" 1 
ATOM   698  C  "C4'" . C   C 1 2  ? 2.593   -1.124  4.322   1.00 44.77 ? 18 C   C "C4'" 1 
ATOM   699  O  "O4'" . C   C 1 2  ? 2.551   -0.132  5.383   1.00 46.00 ? 18 C   C "O4'" 1 
ATOM   700  C  "C3'" . C   C 1 2  ? 1.250   -1.823  4.433   1.00 44.53 ? 18 C   C "C3'" 1 
ATOM   701  O  "O3'" . C   C 1 2  ? 1.256   -3.117  3.845   1.00 45.88 ? 18 C   C "O3'" 1 
ATOM   702  C  "C2'" . C   C 1 2  ? 1.039   -1.870  5.938   1.00 44.05 ? 18 C   C "C2'" 1 
ATOM   703  O  "O2'" . C   C 1 2  ? 1.793   -2.878  6.577   1.00 44.20 ? 18 C   C "O2'" 1 
ATOM   704  C  "C1'" . C   C 1 2  ? 1.573   -0.499  6.347   1.00 43.17 ? 18 C   C "C1'" 1 
ATOM   705  N  N1    . C   C 1 2  ? 0.524   0.532   6.357   1.00 42.58 ? 18 C   C N1    1 
ATOM   706  C  C2    . C   C 1 2  ? -0.299  0.646   7.483   1.00 40.87 ? 18 C   C C2    1 
ATOM   707  O  O2    . C   C 1 2  ? -0.153  -0.157  8.413   1.00 38.90 ? 18 C   C O2    1 
ATOM   708  N  N3    . C   C 1 2  ? -1.236  1.622   7.523   1.00 41.94 ? 18 C   C N3    1 
ATOM   709  C  C4    . C   C 1 2  ? -1.377  2.452   6.486   1.00 42.13 ? 18 C   C C4    1 
ATOM   710  N  N4    . C   C 1 2  ? -2.299  3.413   6.577   1.00 42.52 ? 18 C   C N4    1 
ATOM   711  C  C5    . C   C 1 2  ? -0.573  2.337   5.313   1.00 41.54 ? 18 C   C C5    1 
ATOM   712  C  C6    . C   C 1 2  ? 0.357   1.374   5.292   1.00 41.68 ? 18 C   C C6    1 
ATOM   713  P  P     . A   C 1 3  ? -0.143  -3.806  3.446   1.00 46.23 ? 19 A   C P     1 
ATOM   714  O  OP1   . A   C 1 3  ? 0.165   -5.123  2.830   1.00 47.78 ? 19 A   C OP1   1 
ATOM   715  O  OP2   . A   C 1 3  ? -0.960  -2.820  2.692   1.00 46.56 ? 19 A   C OP2   1 
ATOM   716  O  "O5'" . A   C 1 3  ? -0.847  -4.059  4.846   1.00 44.07 ? 19 A   C "O5'" 1 
ATOM   717  C  "C5'" . A   C 1 3  ? -0.304  -4.989  5.773   1.00 44.77 ? 19 A   C "C5'" 1 
ATOM   718  C  "C4'" . A   C 1 3  ? -1.272  -5.208  6.902   1.00 45.42 ? 19 A   C "C4'" 1 
ATOM   719  O  "O4'" . A   C 1 3  ? -1.291  -4.047  7.779   1.00 44.93 ? 19 A   C "O4'" 1 
ATOM   720  C  "C3'" . A   C 1 3  ? -2.711  -5.338  6.451   1.00 46.52 ? 19 A   C "C3'" 1 
ATOM   721  O  "O3'" . A   C 1 3  ? -2.993  -6.635  5.954   1.00 49.94 ? 19 A   C "O3'" 1 
ATOM   722  C  "C2'" . A   C 1 3  ? -3.467  -4.973  7.719   1.00 45.86 ? 19 A   C "C2'" 1 
ATOM   723  O  "O2'" . A   C 1 3  ? -3.474  -6.021  8.670   1.00 47.34 ? 19 A   C "O2'" 1 
ATOM   724  C  "C1'" . A   C 1 3  ? -2.616  -3.810  8.234   1.00 44.60 ? 19 A   C "C1'" 1 
ATOM   725  N  N9    . A   C 1 3  ? -3.054  -2.521  7.697   1.00 42.10 ? 19 A   C N9    1 
ATOM   726  C  C8    . A   C 1 3  ? -2.690  -1.937  6.507   1.00 41.35 ? 19 A   C C8    1 
ATOM   727  N  N7    . A   C 1 3  ? -3.256  -0.775  6.291   1.00 41.38 ? 19 A   C N7    1 
ATOM   728  C  C5    . A   C 1 3  ? -4.043  -0.576  7.417   1.00 41.12 ? 19 A   C C5    1 
ATOM   729  C  C6    . A   C 1 3  ? -4.895  0.475   7.800   1.00 41.04 ? 19 A   C C6    1 
ATOM   730  N  N6    . A   C 1 3  ? -5.097  1.570   7.065   1.00 40.36 ? 19 A   C N6    1 
ATOM   731  N  N1    . A   C 1 3  ? -5.542  0.360   8.982   1.00 41.26 ? 19 A   C N1    1 
ATOM   732  C  C2    . A   C 1 3  ? -5.337  -0.738  9.721   1.00 41.84 ? 19 A   C C2    1 
ATOM   733  N  N3    . A   C 1 3  ? -4.557  -1.790  9.470   1.00 41.29 ? 19 A   C N3    1 
ATOM   734  C  C4    . A   C 1 3  ? -3.931  -1.645  8.289   1.00 41.66 ? 19 A   C C4    1 
ATOM   735  P  P     . G   C 1 4  ? -4.051  -6.805  4.753   1.00 52.63 ? 20 G   C P     1 
ATOM   736  O  OP1   . G   C 1 4  ? -3.985  -8.216  4.283   1.00 53.41 ? 20 G   C OP1   1 
ATOM   737  O  OP2   . G   C 1 4  ? -3.838  -5.695  3.785   1.00 51.09 ? 20 G   C OP2   1 
ATOM   738  O  "O5'" . G   C 1 4  ? -5.448  -6.580  5.481   1.00 47.83 ? 20 G   C "O5'" 1 
ATOM   739  C  "C5'" . G   C 1 4  ? -5.797  -7.368  6.606   1.00 44.76 ? 20 G   C "C5'" 1 
ATOM   740  C  "C4'" . G   C 1 4  ? -6.834  -6.666  7.446   1.00 44.13 ? 20 G   C "C4'" 1 
ATOM   741  O  "O4'" . G   C 1 4  ? -6.285  -5.424  7.954   1.00 42.60 ? 20 G   C "O4'" 1 
ATOM   742  C  "C3'" . G   C 1 4  ? -8.112  -6.227  6.745   1.00 43.45 ? 20 G   C "C3'" 1 
ATOM   743  O  "O3'" . G   C 1 4  ? -9.030  -7.306  6.643   1.00 45.90 ? 20 G   C "O3'" 1 
ATOM   744  C  "C2'" . G   C 1 4  ? -8.632  -5.179  7.715   1.00 42.31 ? 20 G   C "C2'" 1 
ATOM   745  O  "O2'" . G   C 1 4  ? -9.233  -5.759  8.851   1.00 39.78 ? 20 G   C "O2'" 1 
ATOM   746  C  "C1'" . G   C 1 4  ? -7.332  -4.480  8.126   1.00 42.32 ? 20 G   C "C1'" 1 
ATOM   747  N  N9    . G   C 1 4  ? -7.076  -3.341  7.256   1.00 40.98 ? 20 G   C N9    1 
ATOM   748  C  C8    . G   C 1 4  ? -6.221  -3.282  6.181   1.00 40.88 ? 20 G   C C8    1 
ATOM   749  N  N7    . G   C 1 4  ? -6.272  -2.141  5.550   1.00 39.69 ? 20 G   C N7    1 
ATOM   750  C  C5    . G   C 1 4  ? -7.208  -1.399  6.261   1.00 39.03 ? 20 G   C C5    1 
ATOM   751  C  C6    . G   C 1 4  ? -7.702  -0.090  6.036   1.00 37.14 ? 20 G   C C6    1 
ATOM   752  O  O6    . G   C 1 4  ? -7.410  0.694   5.125   1.00 35.40 ? 20 G   C O6    1 
ATOM   753  N  N1    . G   C 1 4  ? -8.634  0.279   7.002   1.00 36.16 ? 20 G   C N1    1 
ATOM   754  C  C2    . G   C 1 4  ? -9.041  -0.516  8.051   1.00 35.95 ? 20 G   C C2    1 
ATOM   755  N  N2    . G   C 1 4  ? -9.942  0.013   8.889   1.00 33.71 ? 20 G   C N2    1 
ATOM   756  N  N3    . G   C 1 4  ? -8.595  -1.744  8.261   1.00 37.39 ? 20 G   C N3    1 
ATOM   757  C  C4    . G   C 1 4  ? -7.691  -2.117  7.331   1.00 38.42 ? 20 G   C C4    1 
ATOM   758  P  P     . A   C 1 5  ? -10.228 -7.240  5.571   1.00 46.79 ? 21 A   C P     1 
ATOM   759  O  OP1   . A   C 1 5  ? -11.017 -8.496  5.711   1.00 49.21 ? 21 A   C OP1   1 
ATOM   760  O  OP2   . A   C 1 5  ? -9.654  -6.881  4.253   1.00 46.14 ? 21 A   C OP2   1 
ATOM   761  O  "O5'" . A   C 1 5  ? -11.148 -6.054  6.093   1.00 43.73 ? 21 A   C "O5'" 1 
ATOM   762  C  "C5'" . A   C 1 5  ? -11.831 -6.160  7.332   1.00 39.67 ? 21 A   C "C5'" 1 
ATOM   763  C  "C4'" . A   C 1 5  ? -12.568 -4.879  7.624   1.00 40.00 ? 21 A   C "C4'" 1 
ATOM   764  O  "O4'" . A   C 1 5  ? -11.607 -3.788  7.692   1.00 40.47 ? 21 A   C "O4'" 1 
ATOM   765  C  "C3'" . A   C 1 5  ? -13.544 -4.420  6.550   1.00 39.85 ? 21 A   C "C3'" 1 
ATOM   766  O  "O3'" . A   C 1 5  ? -14.805 -5.074  6.676   1.00 39.66 ? 21 A   C "O3'" 1 
ATOM   767  C  "C2'" . A   C 1 5  ? -13.661 -2.931  6.849   1.00 38.30 ? 21 A   C "C2'" 1 
ATOM   768  O  "O2'" . A   C 1 5  ? -14.513 -2.662  7.942   1.00 36.11 ? 21 A   C "O2'" 1 
ATOM   769  C  "C1'" . A   C 1 5  ? -12.224 -2.586  7.244   1.00 38.83 ? 21 A   C "C1'" 1 
ATOM   770  N  N9    . A   C 1 5  ? -11.439 -2.036  6.139   1.00 37.55 ? 21 A   C N9    1 
ATOM   771  C  C8    . A   C 1 5  ? -10.444 -2.645  5.413   1.00 37.81 ? 21 A   C C8    1 
ATOM   772  N  N7    . A   C 1 5  ? -9.917  -1.874  4.490   1.00 37.65 ? 21 A   C N7    1 
ATOM   773  C  C5    . A   C 1 5  ? -10.616 -0.679  4.616   1.00 37.63 ? 21 A   C C5    1 
ATOM   774  C  C6    . A   C 1 5  ? -10.527 0.551   3.932   1.00 36.90 ? 21 A   C C6    1 
ATOM   775  N  N6    . A   C 1 5  ? -9.646  0.798   2.957   1.00 34.82 ? 21 A   C N6    1 
ATOM   776  N  N1    . A   C 1 5  ? -11.379 1.533   4.297   1.00 37.21 ? 21 A   C N1    1 
ATOM   777  C  C2    . A   C 1 5  ? -12.246 1.295   5.285   1.00 37.03 ? 21 A   C C2    1 
ATOM   778  N  N3    . A   C 1 5  ? -12.417 0.191   6.009   1.00 38.40 ? 21 A   C N3    1 
ATOM   779  C  C4    . A   C 1 5  ? -11.562 -0.769  5.620   1.00 37.22 ? 21 A   C C4    1 
ATOM   780  P  P     . C   C 1 6  ? -15.648 -5.438  5.353   1.00 42.14 ? 22 C   C P     1 
ATOM   781  O  OP1   . C   C 1 6  ? -16.818 -6.263  5.780   1.00 42.86 ? 22 C   C OP1   1 
ATOM   782  O  OP2   . C   C 1 6  ? -14.742 -5.942  4.291   1.00 40.51 ? 22 C   C OP2   1 
ATOM   783  O  "O5'" . C   C 1 6  ? -16.186 -4.031  4.835   1.00 37.31 ? 22 C   C "O5'" 1 
ATOM   784  C  "C5'" . C   C 1 6  ? -16.917 -3.157  5.686   1.00 33.97 ? 22 C   C "C5'" 1 
ATOM   785  C  "C4'" . C   C 1 6  ? -17.007 -1.797  5.041   1.00 33.08 ? 22 C   C "C4'" 1 
ATOM   786  O  "O4'" . C   C 1 6  ? -15.689 -1.185  5.035   1.00 32.16 ? 22 C   C "O4'" 1 
ATOM   787  C  "C3'" . C   C 1 6  ? -17.382 -1.852  3.566   1.00 31.29 ? 22 C   C "C3'" 1 
ATOM   788  O  "O3'" . C   C 1 6  ? -18.790 -1.966  3.405   1.00 29.32 ? 22 C   C "O3'" 1 
ATOM   789  C  "C2'" . C   C 1 6  ? -16.823 -0.536  3.041   1.00 31.14 ? 22 C   C "C2'" 1 
ATOM   790  O  "O2'" . C   C 1 6  ? -17.671 0.557   3.309   1.00 26.76 ? 22 C   C "O2'" 1 
ATOM   791  C  "C1'" . C   C 1 6  ? -15.533 -0.407  3.858   1.00 31.97 ? 22 C   C "C1'" 1 
ATOM   792  N  N1    . C   C 1 6  ? -14.347 -0.883  3.127   1.00 32.54 ? 22 C   C N1    1 
ATOM   793  C  C2    . C   C 1 6  ? -13.674 0.023   2.310   1.00 32.60 ? 22 C   C C2    1 
ATOM   794  O  O2    . C   C 1 6  ? -14.089 1.188   2.251   1.00 32.78 ? 22 C   C O2    1 
ATOM   795  N  N3    . C   C 1 6  ? -12.589 -0.388  1.610   1.00 34.20 ? 22 C   C N3    1 
ATOM   796  C  C4    . C   C 1 6  ? -12.169 -1.652  1.714   1.00 34.52 ? 22 C   C C4    1 
ATOM   797  N  N4    . C   C 1 6  ? -11.085 -2.008  1.010   1.00 31.78 ? 22 C   C N4    1 
ATOM   798  C  C5    . C   C 1 6  ? -12.838 -2.602  2.545   1.00 32.81 ? 22 C   C C5    1 
ATOM   799  C  C6    . C   C 1 6  ? -13.912 -2.177  3.231   1.00 33.07 ? 22 C   C C6    1 
ATOM   800  P  P     . U   C 1 7  ? -19.399 -2.354  1.972   1.00 30.50 ? 23 U   C P     1 
ATOM   801  O  OP1   . U   C 1 7  ? -20.733 -2.936  2.262   1.00 31.23 ? 23 U   C OP1   1 
ATOM   802  O  OP2   . U   C 1 7  ? -18.427 -3.132  1.178   1.00 28.77 ? 23 U   C OP2   1 
ATOM   803  O  "O5'" . U   C 1 7  ? -19.575 -0.942  1.245   1.00 29.83 ? 23 U   C "O5'" 1 
ATOM   804  C  "C5'" . U   C 1 7  ? -20.532 0.005   1.711   1.00 27.30 ? 23 U   C "C5'" 1 
ATOM   805  C  "C4'" . U   C 1 7  ? -20.518 1.237   0.835   1.00 26.52 ? 23 U   C "C4'" 1 
ATOM   806  O  "O4'" . U   C 1 7  ? -19.260 1.942   1.032   1.00 27.23 ? 23 U   C "O4'" 1 
ATOM   807  C  "C3'" . U   C 1 7  ? -20.571 0.989   -0.663  1.00 25.98 ? 23 U   C "C3'" 1 
ATOM   808  O  "O3'" . U   C 1 7  ? -21.902 0.768   -1.129  1.00 27.34 ? 23 U   C "O3'" 1 
ATOM   809  C  "C2'" . U   C 1 7  ? -19.975 2.279   -1.209  1.00 26.28 ? 23 U   C "C2'" 1 
ATOM   810  O  "O2'" . U   C 1 7  ? -20.900 3.349   -1.208  1.00 24.66 ? 23 U   C "O2'" 1 
ATOM   811  C  "C1'" . U   C 1 7  ? -18.868 2.552   -0.184  1.00 27.10 ? 23 U   C "C1'" 1 
ATOM   812  N  N1    . U   C 1 7  ? -17.567 1.994   -0.582  1.00 27.58 ? 23 U   C N1    1 
ATOM   813  C  C2    . U   C 1 7  ? -16.821 2.709   -1.500  1.00 27.46 ? 23 U   C C2    1 
ATOM   814  O  O2    . U   C 1 7  ? -17.194 3.761   -1.986  1.00 24.95 ? 23 U   C O2    1 
ATOM   815  N  N3    . U   C 1 7  ? -15.619 2.145   -1.832  1.00 28.64 ? 23 U   C N3    1 
ATOM   816  C  C4    . U   C 1 7  ? -15.095 0.962   -1.354  1.00 31.13 ? 23 U   C C4    1 
ATOM   817  O  O4    . U   C 1 7  ? -14.026 0.552   -1.812  1.00 31.74 ? 23 U   C O4    1 
ATOM   818  C  C5    . U   C 1 7  ? -15.926 0.281   -0.408  1.00 29.15 ? 23 U   C C5    1 
ATOM   819  C  C6    . U   C 1 7  ? -17.105 0.807   -0.064  1.00 27.55 ? 23 U   C C6    1 
ATOM   820  P  P     . U   C 1 8  ? -22.164 -0.222  -2.381  1.00 30.98 ? 24 U   C P     1 
ATOM   821  O  OP1   . U   C 1 8  ? -23.636 -0.416  -2.475  1.00 28.81 ? 24 U   C OP1   1 
ATOM   822  O  OP2   . U   C 1 8  ? -21.286 -1.409  -2.271  1.00 30.49 ? 24 U   C OP2   1 
ATOM   823  O  "O5'" . U   C 1 8  ? -21.649 0.602   -3.653  1.00 29.08 ? 24 U   C "O5'" 1 
ATOM   824  C  "C5'" . U   C 1 8  ? -22.172 1.890   -3.968  1.00 28.54 ? 24 U   C "C5'" 1 
ATOM   825  C  "C4'" . U   C 1 8  ? -21.280 2.592   -4.974  1.00 27.55 ? 24 U   C "C4'" 1 
ATOM   826  O  "O4'" . U   C 1 8  ? -20.001 2.929   -4.363  1.00 26.48 ? 24 U   C "O4'" 1 
ATOM   827  C  "C3'" . U   C 1 8  ? -20.875 1.794   -6.201  1.00 27.34 ? 24 U   C "C3'" 1 
ATOM   828  O  "O3'" . U   C 1 8  ? -21.910 1.712   -7.180  1.00 27.40 ? 24 U   C "O3'" 1 
ATOM   829  C  "C2'" . U   C 1 8  ? -19.665 2.585   -6.681  1.00 25.08 ? 24 U   C "C2'" 1 
ATOM   830  O  "O2'" . U   C 1 8  ? -20.022 3.808   -7.288  1.00 25.22 ? 24 U   C "O2'" 1 
ATOM   831  C  "C1'" . U   C 1 8  ? -18.975 2.891   -5.352  1.00 26.14 ? 24 U   C "C1'" 1 
ATOM   832  N  N1    . U   C 1 8  ? -17.992 1.857   -4.982  1.00 25.23 ? 24 U   C N1    1 
ATOM   833  C  C2    . U   C 1 8  ? -16.725 1.948   -5.537  1.00 25.42 ? 24 U   C C2    1 
ATOM   834  O  O2    . U   C 1 8  ? -16.405 2.813   -6.326  1.00 25.08 ? 24 U   C O2    1 
ATOM   835  N  N3    . U   C 1 8  ? -15.842 0.977   -5.141  1.00 27.46 ? 24 U   C N3    1 
ATOM   836  C  C4    . U   C 1 8  ? -16.086 -0.068  -4.281  1.00 27.04 ? 24 U   C C4    1 
ATOM   837  O  O4    . U   C 1 8  ? -15.176 -0.855  -4.026  1.00 26.02 ? 24 U   C O4    1 
ATOM   838  C  C5    . U   C 1 8  ? -17.425 -0.112  -3.753  1.00 28.55 ? 24 U   C C5    1 
ATOM   839  C  C6    . U   C 1 8  ? -18.312 0.831   -4.114  1.00 25.78 ? 24 U   C C6    1 
ATOM   840  P  P     . A   C 1 9  ? -22.035 0.383   -8.096  1.00 29.56 ? 25 A   C P     1 
ATOM   841  O  OP1   . A   C 1 9  ? -23.325 0.486   -8.831  1.00 28.43 ? 25 A   C OP1   1 
ATOM   842  O  OP2   . A   C 1 9  ? -21.756 -0.820  -7.276  1.00 28.41 ? 25 A   C OP2   1 
ATOM   843  O  "O5'" . A   C 1 9  ? -20.853 0.541   -9.152  1.00 28.75 ? 25 A   C "O5'" 1 
ATOM   844  C  "C5'" . A   C 1 9  ? -20.884 1.593   -10.116 1.00 29.36 ? 25 A   C "C5'" 1 
ATOM   845  C  "C4'" . A   C 1 9  ? -19.593 1.634   -10.893 1.00 27.27 ? 25 A   C "C4'" 1 
ATOM   846  O  "O4'" . A   C 1 9  ? -18.492 1.949   -10.000 1.00 28.35 ? 25 A   C "O4'" 1 
ATOM   847  C  "C3'" . A   C 1 9  ? -19.164 0.325   -11.532 1.00 28.78 ? 25 A   C "C3'" 1 
ATOM   848  O  "O3'" . A   C 1 9  ? -19.862 0.109   -12.752 1.00 32.21 ? 25 A   C "O3'" 1 
ATOM   849  C  "C2'" . A   C 1 9  ? -17.677 0.567   -11.743 1.00 27.27 ? 25 A   C "C2'" 1 
ATOM   850  O  "O2'" . A   C 1 9  ? -17.419 1.428   -12.838 1.00 26.59 ? 25 A   C "O2'" 1 
ATOM   851  C  "C1'" . A   C 1 9  ? -17.313 1.297   -10.450 1.00 27.70 ? 25 A   C "C1'" 1 
ATOM   852  N  N9    . A   C 1 9  ? -16.850 0.393   -9.393  1.00 26.83 ? 25 A   C N9    1 
ATOM   853  C  C8    . A   C 1 9  ? -17.568 -0.128  -8.342  1.00 23.91 ? 25 A   C C8    1 
ATOM   854  N  N7    . A   C 1 9  ? -16.865 -0.911  -7.558  1.00 23.68 ? 25 A   C N7    1 
ATOM   855  C  C5    . A   C 1 9  ? -15.602 -0.910  -8.130  1.00 25.31 ? 25 A   C C5    1 
ATOM   856  C  C6    . A   C 1 9  ? -14.406 -1.572  -7.787  1.00 25.24 ? 25 A   C C6    1 
ATOM   857  N  N6    . A   C 1 9  ? -14.284 -2.394  -6.734  1.00 21.67 ? 25 A   C N6    1 
ATOM   858  N  N1    . A   C 1 9  ? -13.327 -1.365  -8.576  1.00 24.34 ? 25 A   C N1    1 
ATOM   859  C  C2    . A   C 1 9  ? -13.455 -0.552  -9.638  1.00 25.74 ? 25 A   C C2    1 
ATOM   860  N  N3    . A   C 1 9  ? -14.524 0.119   -10.064 1.00 23.56 ? 25 A   C N3    1 
ATOM   861  C  C4    . A   C 1 9  ? -15.576 -0.107  -9.260  1.00 26.31 ? 25 A   C C4    1 
ATOM   862  P  P     . A   C 1 10 ? -20.032 -1.387  -13.318 1.00 32.56 ? 26 A   C P     1 
ATOM   863  O  OP1   . A   C 1 10 ? -20.865 -1.273  -14.542 1.00 32.86 ? 26 A   C OP1   1 
ATOM   864  O  OP2   . A   C 1 10 ? -20.465 -2.275  -12.212 1.00 33.34 ? 26 A   C OP2   1 
ATOM   865  O  "O5'" . A   C 1 10 ? -18.552 -1.786  -13.751 1.00 33.51 ? 26 A   C "O5'" 1 
ATOM   866  C  "C5'" . A   C 1 10 ? -17.894 -1.067  -14.791 1.00 36.97 ? 26 A   C "C5'" 1 
ATOM   867  C  "C4'" . A   C 1 10 ? -16.453 -1.502  -14.915 1.00 38.25 ? 26 A   C "C4'" 1 
ATOM   868  O  "O4'" . A   C 1 10 ? -15.745 -1.206  -13.684 1.00 37.17 ? 26 A   C "O4'" 1 
ATOM   869  C  "C3'" . A   C 1 10 ? -16.205 -2.989  -15.113 1.00 39.28 ? 26 A   C "C3'" 1 
ATOM   870  O  "O3'" . A   C 1 10 ? -16.362 -3.368  -16.472 1.00 43.48 ? 26 A   C "O3'" 1 
ATOM   871  C  "C2'" . A   C 1 10 ? -14.751 -3.117  -14.690 1.00 39.08 ? 26 A   C "C2'" 1 
ATOM   872  O  "O2'" . A   C 1 10 ? -13.864 -2.677  -15.698 1.00 39.88 ? 26 A   C "O2'" 1 
ATOM   873  C  "C1'" . A   C 1 10 ? -14.702 -2.155  -13.503 1.00 37.95 ? 26 A   C "C1'" 1 
ATOM   874  N  N9    . A   C 1 10 ? -14.924 -2.851  -12.244 1.00 36.83 ? 26 A   C N9    1 
ATOM   875  C  C8    . A   C 1 10 ? -16.102 -2.992  -11.553 1.00 35.69 ? 26 A   C C8    1 
ATOM   876  N  N7    . A   C 1 10 ? -15.984 -3.679  -10.445 1.00 35.70 ? 26 A   C N7    1 
ATOM   877  C  C5    . A   C 1 10 ? -14.639 -4.013  -10.402 1.00 35.67 ? 26 A   C C5    1 
ATOM   878  C  C6    . A   C 1 10 ? -13.879 -4.734  -9.476  1.00 34.52 ? 26 A   C C6    1 
ATOM   879  N  N6    . A   C 1 10 ? -14.389 -5.276  -8.367  1.00 33.14 ? 26 A   C N6    1 
ATOM   880  N  N1    . A   C 1 10 ? -12.561 -4.884  -9.726  1.00 34.79 ? 26 A   C N1    1 
ATOM   881  C  C2    . A   C 1 10 ? -12.055 -4.345  -10.842 1.00 36.12 ? 26 A   C C2    1 
ATOM   882  N  N3    . A   C 1 10 ? -12.669 -3.646  -11.793 1.00 35.12 ? 26 A   C N3    1 
ATOM   883  C  C4    . A   C 1 10 ? -13.975 -3.511  -11.506 1.00 36.35 ? 26 A   C C4    1 
ATOM   884  P  P     . A   C 1 11 ? -16.675 -4.900  -16.834 1.00 43.80 ? 27 A   C P     1 
ATOM   885  O  OP1   . A   C 1 11 ? -16.763 -4.981  -18.308 1.00 45.85 ? 27 A   C OP1   1 
ATOM   886  O  OP2   . A   C 1 11 ? -17.824 -5.344  -16.007 1.00 44.47 ? 27 A   C OP2   1 
ATOM   887  O  "O5'" . A   C 1 11 ? -15.355 -5.679  -16.380 1.00 43.58 ? 27 A   C "O5'" 1 
ATOM   888  C  "C5'" . A   C 1 11 ? -14.169 -5.556  -17.153 1.00 42.31 ? 27 A   C "C5'" 1 
ATOM   889  C  "C4'" . A   C 1 11 ? -13.012 -6.291  -16.515 1.00 39.74 ? 27 A   C "C4'" 1 
ATOM   890  O  "O4'" . A   C 1 11 ? -12.760 -5.782  -15.182 1.00 39.41 ? 27 A   C "O4'" 1 
ATOM   891  C  "C3'" . A   C 1 11 ? -13.111 -7.788  -16.271 1.00 40.05 ? 27 A   C "C3'" 1 
ATOM   892  O  "O3'" . A   C 1 11 ? -12.933 -8.539  -17.463 1.00 40.55 ? 27 A   C "O3'" 1 
ATOM   893  C  "C2'" . A   C 1 11 ? -11.918 -7.996  -15.346 1.00 38.38 ? 27 A   C "C2'" 1 
ATOM   894  O  "O2'" . A   C 1 11 ? -10.695 -7.935  -16.061 1.00 36.88 ? 27 A   C "O2'" 1 
ATOM   895  C  "C1'" . A   C 1 11 ? -12.016 -6.756  -14.456 1.00 39.49 ? 27 A   C "C1'" 1 
ATOM   896  N  N9    . A   C 1 11 ? -12.691 -7.055  -13.193 1.00 37.40 ? 27 A   C N9    1 
ATOM   897  C  C8    . A   C 1 11 ? -13.982 -6.813  -12.804 1.00 36.88 ? 27 A   C C8    1 
ATOM   898  N  N7    . A   C 1 11 ? -14.260 -7.253  -11.598 1.00 36.93 ? 27 A   C N7    1 
ATOM   899  C  C5    . A   C 1 11 ? -13.068 -7.815  -11.165 1.00 37.12 ? 27 A   C C5    1 
ATOM   900  C  C6    . A   C 1 11 ? -12.696 -8.466  -9.964  1.00 36.90 ? 27 A   C C6    1 
ATOM   901  N  N6    . A   C 1 11 ? -13.523 -8.671  -8.936  1.00 34.03 ? 27 A   C N6    1 
ATOM   902  N  N1    . A   C 1 11 ? -11.424 -8.908  -9.862  1.00 36.87 ? 27 A   C N1    1 
ATOM   903  C  C2    . A   C 1 11 ? -10.589 -8.714  -10.893 1.00 38.10 ? 27 A   C C2    1 
ATOM   904  N  N3    . A   C 1 11 ? -10.819 -8.122  -12.063 1.00 37.88 ? 27 A   C N3    1 
ATOM   905  C  C4    . A   C 1 11 ? -12.092 -7.692  -12.136 1.00 37.14 ? 27 A   C C4    1 
ATOM   906  P  P     . U   C 1 12 ? -13.420 -10.072 -17.521 1.00 40.53 ? 28 U   C P     1 
ATOM   907  O  OP1   . U   C 1 12 ? -13.137 -10.535 -18.906 1.00 40.97 ? 28 U   C OP1   1 
ATOM   908  O  OP2   . U   C 1 12 ? -14.804 -10.166 -16.983 1.00 40.42 ? 28 U   C OP2   1 
ATOM   909  O  "O5'" . U   C 1 12 ? -12.450 -10.837 -16.515 1.00 37.83 ? 28 U   C "O5'" 1 
ATOM   910  C  "C5'" . U   C 1 12 ? -11.068 -10.989 -16.815 1.00 38.07 ? 28 U   C "C5'" 1 
ATOM   911  C  "C4'" . U   C 1 12 ? -10.376 -11.762 -15.719 1.00 36.63 ? 28 U   C "C4'" 1 
ATOM   912  O  "O4'" . U   C 1 12 ? -10.438 -11.002 -14.484 1.00 37.01 ? 28 U   C "O4'" 1 
ATOM   913  C  "C3'" . U   C 1 12 ? -10.990 -13.101 -15.343 1.00 36.24 ? 28 U   C "C3'" 1 
ATOM   914  O  "O3'" . U   C 1 12 ? -10.569 -14.134 -16.222 1.00 33.71 ? 28 U   C "O3'" 1 
ATOM   915  C  "C2'" . U   C 1 12 ? -10.426 -13.309 -13.947 1.00 36.21 ? 28 U   C "C2'" 1 
ATOM   916  O  "O2'" . U   C 1 12 ? -9.068  -13.701 -13.976 1.00 38.45 ? 28 U   C "O2'" 1 
ATOM   917  C  "C1'" . U   C 1 12 ? -10.517 -11.892 -13.381 1.00 34.77 ? 28 U   C "C1'" 1 
ATOM   918  N  N1    . U   C 1 12 ? -11.780 -11.639 -12.676 1.00 33.47 ? 28 U   C N1    1 
ATOM   919  C  C2    . U   C 1 12 ? -11.872 -12.061 -11.358 1.00 32.93 ? 28 U   C C2    1 
ATOM   920  O  O2    . U   C 1 12 ? -10.973 -12.668 -10.790 1.00 29.15 ? 28 U   C O2    1 
ATOM   921  N  N3    . U   C 1 12 ? -13.056 -11.754 -10.735 1.00 32.41 ? 28 U   C N3    1 
ATOM   922  C  C4    . U   C 1 12 ? -14.143 -11.099 -11.285 1.00 34.16 ? 28 U   C C4    1 
ATOM   923  O  O4    . U   C 1 12 ? -15.125 -10.859 -10.576 1.00 34.33 ? 28 U   C O4    1 
ATOM   924  C  C5    . U   C 1 12 ? -13.982 -10.720 -12.662 1.00 34.14 ? 28 U   C C5    1 
ATOM   925  C  C6    . U   C 1 12 ? -12.833 -10.995 -13.293 1.00 33.10 ? 28 U   C C6    1 
ATOM   926  P  P     . C   C 1 13 ? -11.482 -15.448 -16.399 1.00 33.86 ? 29 C   C P     1 
ATOM   927  O  OP1   . C   C 1 13 ? -10.886 -16.187 -17.539 1.00 33.67 ? 29 C   C OP1   1 
ATOM   928  O  OP2   . C   C 1 13 ? -12.922 -15.080 -16.433 1.00 31.76 ? 29 C   C OP2   1 
ATOM   929  O  "O5'" . C   C 1 13 ? -11.244 -16.258 -15.051 1.00 32.80 ? 29 C   C "O5'" 1 
ATOM   930  C  "C5'" . C   C 1 13 ? -9.980  -16.841 -14.767 1.00 31.82 ? 29 C   C "C5'" 1 
ATOM   931  C  "C4'" . C   C 1 13 ? -10.029 -17.556 -13.447 1.00 30.12 ? 29 C   C "C4'" 1 
ATOM   932  O  "O4'" . C   C 1 13 ? -10.219 -16.587 -12.380 1.00 30.36 ? 29 C   C "O4'" 1 
ATOM   933  C  "C3'" . C   C 1 13 ? -11.206 -18.501 -13.285 1.00 31.07 ? 29 C   C "C3'" 1 
ATOM   934  O  "O3'" . C   C 1 13 ? -10.985 -19.757 -13.915 1.00 29.98 ? 29 C   C "O3'" 1 
ATOM   935  C  "C2'" . C   C 1 13 ? -11.308 -18.602 -11.772 1.00 30.60 ? 29 C   C "C2'" 1 
ATOM   936  O  "O2'" . C   C 1 13 ? -10.311 -19.441 -11.223 1.00 31.77 ? 29 C   C "O2'" 1 
ATOM   937  C  "C1'" . C   C 1 13 ? -11.038 -17.150 -11.366 1.00 29.62 ? 29 C   C "C1'" 1 
ATOM   938  N  N1    . C   C 1 13 ? -12.268 -16.348 -11.274 1.00 28.12 ? 29 C   C N1    1 
ATOM   939  C  C2    . C   C 1 13 ? -13.010 -16.397 -10.088 1.00 29.97 ? 29 C   C C2    1 
ATOM   940  O  O2    . C   C 1 13 ? -12.631 -17.150 -9.179  1.00 30.68 ? 29 C   C O2    1 
ATOM   941  N  N3    . C   C 1 13 ? -14.123 -15.630 -9.967  1.00 28.32 ? 29 C   C N3    1 
ATOM   942  C  C4    . C   C 1 13 ? -14.512 -14.854 -10.985 1.00 28.98 ? 29 C   C C4    1 
ATOM   943  N  N4    . C   C 1 13 ? -15.613 -14.113 -10.816 1.00 26.80 ? 29 C   C N4    1 
ATOM   944  C  C5    . C   C 1 13 ? -13.787 -14.806 -12.220 1.00 27.39 ? 29 C   C C5    1 
ATOM   945  C  C6    . C   C 1 13 ? -12.681 -15.562 -12.315 1.00 27.33 ? 29 C   C C6    1 
ATOM   946  P  P     . U   C 1 14 ? -12.228 -20.540 -14.557 1.00 33.15 ? 30 U   C P     1 
ATOM   947  O  OP1   . U   C 1 14 ? -11.701 -21.666 -15.373 1.00 36.02 ? 30 U   C OP1   1 
ATOM   948  O  OP2   . U   C 1 14 ? -13.135 -19.542 -15.181 1.00 32.51 ? 30 U   C OP2   1 
ATOM   949  O  "O5'" . U   C 1 14 ? -12.973 -21.175 -13.301 1.00 28.55 ? 30 U   C "O5'" 1 
ATOM   950  C  "C5'" . U   C 1 14 ? -12.306 -22.099 -12.449 1.00 29.89 ? 30 U   C "C5'" 1 
ATOM   951  C  "C4'" . U   C 1 14 ? -13.146 -22.374 -11.218 1.00 27.75 ? 30 U   C "C4'" 1 
ATOM   952  O  "O4'" . U   C 1 14 ? -13.267 -21.155 -10.438 1.00 27.79 ? 30 U   C "O4'" 1 
ATOM   953  C  "C3'" . U   C 1 14 ? -14.587 -22.781 -11.482 1.00 27.33 ? 30 U   C "C3'" 1 
ATOM   954  O  "O3'" . U   C 1 14 ? -14.690 -24.166 -11.796 1.00 27.49 ? 30 U   C "O3'" 1 
ATOM   955  C  "C2'" . U   C 1 14 ? -15.262 -22.419 -10.164 1.00 25.77 ? 30 U   C "C2'" 1 
ATOM   956  O  "O2'" . U   C 1 14 ? -15.038 -23.353 -9.134  1.00 25.21 ? 30 U   C "O2'" 1 
ATOM   957  C  "C1'" . U   C 1 14 ? -14.535 -21.123 -9.802  1.00 28.30 ? 30 U   C "C1'" 1 
ATOM   958  N  N1    . U   C 1 14 ? -15.263 -19.932 -10.258 1.00 28.06 ? 30 U   C N1    1 
ATOM   959  C  C2    . U   C 1 14 ? -16.285 -19.470 -9.443  1.00 29.47 ? 30 U   C C2    1 
ATOM   960  O  O2    . U   C 1 14 ? -16.596 -20.019 -8.405  1.00 29.38 ? 30 U   C O2    1 
ATOM   961  N  N3    . U   C 1 14 ? -16.930 -18.346 -9.896  1.00 28.97 ? 30 U   C N3    1 
ATOM   962  C  C4    . U   C 1 14 ? -16.670 -17.653 -11.060 1.00 29.40 ? 30 U   C C4    1 
ATOM   963  O  O4    . U   C 1 14 ? -17.329 -16.638 -11.320 1.00 27.83 ? 30 U   C O4    1 
ATOM   964  C  C5    . U   C 1 14 ? -15.609 -18.200 -11.859 1.00 29.60 ? 30 U   C C5    1 
ATOM   965  C  C6    . U   C 1 14 ? -14.955 -19.296 -11.439 1.00 28.09 ? 30 U   C C6    1 
ATOM   966  P  P     . G   C 1 15 ? -15.864 -24.675 -12.768 1.00 30.37 ? 31 G   C P     1 
ATOM   967  O  OP1   . G   C 1 15 ? -15.601 -26.104 -13.083 1.00 29.13 ? 31 G   C OP1   1 
ATOM   968  O  OP2   . G   C 1 15 ? -16.058 -23.705 -13.868 1.00 29.21 ? 31 G   C OP2   1 
ATOM   969  O  "O5'" . G   C 1 15 ? -17.170 -24.617 -11.852 1.00 30.62 ? 31 G   C "O5'" 1 
ATOM   970  C  "C5'" . G   C 1 15 ? -17.308 -25.486 -10.733 1.00 27.32 ? 31 G   C "C5'" 1 
ATOM   971  C  "C4'" . G   C 1 15 ? -18.479 -25.059 -9.878  1.00 28.02 ? 31 G   C "C4'" 1 
ATOM   972  O  "O4'" . G   C 1 15 ? -18.244 -23.718 -9.355  1.00 25.95 ? 31 G   C "O4'" 1 
ATOM   973  C  "C3'" . G   C 1 15 ? -19.809 -24.914 -10.601 1.00 27.82 ? 31 G   C "C3'" 1 
ATOM   974  O  "O3'" . G   C 1 15 ? -20.451 -26.160 -10.790 1.00 28.06 ? 31 G   C "O3'" 1 
ATOM   975  C  "C2'" . G   C 1 15 ? -20.583 -24.020 -9.643  1.00 26.29 ? 31 G   C "C2'" 1 
ATOM   976  O  "O2'" . G   C 1 15 ? -21.040 -24.714 -8.499  1.00 25.83 ? 31 G   C "O2'" 1 
ATOM   977  C  "C1'" . G   C 1 15 ? -19.488 -23.048 -9.215  1.00 27.52 ? 31 G   C "C1'" 1 
ATOM   978  N  N9    . G   C 1 15 ? -19.488 -21.856 -10.052 1.00 27.64 ? 31 G   C N9    1 
ATOM   979  C  C8    . G   C 1 15 ? -18.664 -21.563 -11.112 1.00 30.11 ? 31 G   C C8    1 
ATOM   980  N  N7    . G   C 1 15 ? -18.906 -20.392 -11.636 1.00 29.12 ? 31 G   C N7    1 
ATOM   981  C  C5    . G   C 1 15 ? -19.956 -19.887 -10.877 1.00 30.98 ? 31 G   C C5    1 
ATOM   982  C  C6    . G   C 1 15 ? -20.638 -18.639 -10.953 1.00 30.98 ? 31 G   C C6    1 
ATOM   983  O  O6    . G   C 1 15 ? -20.427 -17.689 -11.716 1.00 32.40 ? 31 G   C O6    1 
ATOM   984  N  N1    . G   C 1 15 ? -21.648 -18.551 -9.998  1.00 30.88 ? 31 G   C N1    1 
ATOM   985  C  C2    . G   C 1 15 ? -21.952 -19.520 -9.078  1.00 30.70 ? 31 G   C C2    1 
ATOM   986  N  N2    . G   C 1 15 ? -22.965 -19.251 -8.236  1.00 30.96 ? 31 G   C N2    1 
ATOM   987  N  N3    . G   C 1 15 ? -21.312 -20.672 -8.983  1.00 30.46 ? 31 G   C N3    1 
ATOM   988  C  C4    . G   C 1 15 ? -20.334 -20.785 -9.908  1.00 29.55 ? 31 G   C C4    1 
ATOM   989  P  P     . C   C 1 16 ? -21.356 -26.384 -12.093 1.00 29.95 ? 32 C   C P     1 
ATOM   990  O  OP1   . C   C 1 16 ? -21.697 -27.823 -12.147 1.00 28.69 ? 32 C   C OP1   1 
ATOM   991  O  OP2   . C   C 1 16 ? -20.667 -25.740 -13.236 1.00 32.21 ? 32 C   C OP2   1 
ATOM   992  O  "O5'" . C   C 1 16 ? -22.683 -25.550 -11.803 1.00 31.91 ? 32 C   C "O5'" 1 
ATOM   993  C  "C5'" . C   C 1 16 ? -23.604 -25.963 -10.800 1.00 27.73 ? 32 C   C "C5'" 1 
ATOM   994  C  "C4'" . C   C 1 16 ? -24.635 -24.885 -10.571 1.00 29.01 ? 32 C   C "C4'" 1 
ATOM   995  O  "O4'" . C   C 1 16 ? -23.967 -23.658 -10.161 1.00 27.02 ? 32 C   C "O4'" 1 
ATOM   996  C  "C3'" . C   C 1 16 ? -25.428 -24.454 -11.792 1.00 28.24 ? 32 C   C "C3'" 1 
ATOM   997  O  "O3'" . C   C 1 16 ? -26.427 -25.377 -12.234 1.00 27.84 ? 32 C   C "O3'" 1 
ATOM   998  C  "C2'" . C   C 1 16 ? -25.938 -23.091 -11.354 1.00 29.00 ? 32 C   C "C2'" 1 
ATOM   999  O  "O2'" . C   C 1 16 ? -26.993 -23.185 -10.423 1.00 31.56 ? 32 C   C "O2'" 1 
ATOM   1000 C  "C1'" . C   C 1 16 ? -24.706 -22.542 -10.635 1.00 31.58 ? 32 C   C "C1'" 1 
ATOM   1001 N  N1    . C   C 1 16 ? -23.864 -21.763 -11.549 1.00 34.04 ? 32 C   C N1    1 
ATOM   1002 C  C2    . C   C 1 16 ? -24.154 -20.410 -11.720 1.00 34.96 ? 32 C   C C2    1 
ATOM   1003 O  O2    . C   C 1 16 ? -25.085 -19.917 -11.076 1.00 36.89 ? 32 C   C O2    1 
ATOM   1004 N  N3    . C   C 1 16 ? -23.415 -19.674 -12.581 1.00 36.04 ? 32 C   C N3    1 
ATOM   1005 C  C4    . C   C 1 16 ? -22.413 -20.245 -13.255 1.00 35.87 ? 32 C   C C4    1 
ATOM   1006 N  N4    . C   C 1 16 ? -21.712 -19.479 -14.102 1.00 34.99 ? 32 C   C N4    1 
ATOM   1007 C  C5    . C   C 1 16 ? -22.086 -21.625 -13.094 1.00 36.27 ? 32 C   C C5    1 
ATOM   1008 C  C6    . C   C 1 16 ? -22.830 -22.340 -12.235 1.00 35.80 ? 32 C   C C6    1 
HETATM 1009 SR SR    . SR  D 2 .  ? 27.555  12.814  5.860   0.5  45.39 ? 17 SR  A SR    1 
HETATM 1010 SR SR    . SR  E 2 .  ? -28.619 -25.198 -10.955 1.00 42.28 ? 2  SR  C SR    1 
HETATM 1011 O  O     . HOH F 3 .  ? 25.532  3.834   3.086   1.00 17.72 ? 18 HOH A O     1 
HETATM 1012 O  O     . HOH F 3 .  ? 15.726  6.210   -16.075 1.00 16.97 ? 19 HOH A O     1 
HETATM 1013 O  O     . HOH F 3 .  ? 16.931  0.757   -2.248  1.00 26.89 ? 20 HOH A O     1 
HETATM 1014 O  O     . HOH F 3 .  ? 18.070  3.525   2.025   1.00 27.14 ? 21 HOH A O     1 
HETATM 1015 O  O     . HOH F 3 .  ? 14.752  11.779  -2.328  1.00 23.08 ? 22 HOH A O     1 
HETATM 1016 O  O     . HOH F 3 .  ? 23.876  -0.193  -11.818 1.00 27.12 ? 23 HOH A O     1 
HETATM 1017 O  O     . HOH F 3 .  ? 29.708  5.319   4.121   1.00 43.48 ? 24 HOH A O     1 
HETATM 1018 O  O     . HOH F 3 .  ? 29.034  12.700  8.176   1.00 20.69 ? 25 HOH A O     1 
HETATM 1019 O  O     . HOH F 3 .  ? 29.166  16.206  8.287   1.00 40.92 ? 26 HOH A O     1 
HETATM 1020 O  O     . HOH F 3 .  ? 33.363  7.382   -1.996  1.00 28.17 ? 27 HOH A O     1 
HETATM 1021 O  O     . HOH F 3 .  ? 19.485  10.067  -6.931  1.00 28.71 ? 28 HOH A O     1 
HETATM 1022 O  O     . HOH F 3 .  ? 36.954  1.593   8.168   1.00 38.59 ? 29 HOH A O     1 
HETATM 1023 O  O     . HOH F 3 .  ? 30.432  16.912  5.324   1.00 33.23 ? 30 HOH A O     1 
HETATM 1024 O  O     . HOH F 3 .  ? 15.679  1.003   -6.605  1.00 31.53 ? 31 HOH A O     1 
HETATM 1025 O  O     . HOH F 3 .  ? 15.634  2.386   -15.916 1.00 31.66 ? 32 HOH A O     1 
HETATM 1026 O  O     . HOH F 3 .  ? 19.070  -0.456  11.801  1.00 55.98 ? 33 HOH A O     1 
HETATM 1027 O  O     . HOH F 3 .  ? 15.367  3.004   3.012   1.00 33.17 ? 34 HOH A O     1 
HETATM 1028 O  O     . HOH F 3 .  ? 29.126  10.526  5.769   1.00 30.89 ? 35 HOH A O     1 
HETATM 1029 O  O     . HOH F 3 .  ? 25.001  1.252   -10.108 1.00 37.73 ? 36 HOH A O     1 
HETATM 1030 O  O     . HOH F 3 .  ? 19.484  3.420   13.010  1.00 39.42 ? 37 HOH A O     1 
HETATM 1031 O  O     . HOH F 3 .  ? 27.278  15.334  6.612   1.00 29.58 ? 38 HOH A O     1 
HETATM 1032 O  O     . HOH F 3 .  ? 28.335  13.934  10.572  1.00 36.02 ? 39 HOH A O     1 
HETATM 1033 O  O     . HOH F 3 .  ? 29.620  14.466  5.254   1.00 22.46 ? 40 HOH A O     1 
HETATM 1034 O  O     . HOH F 3 .  ? 31.250  14.247  2.947   1.00 35.04 ? 41 HOH A O     1 
HETATM 1035 O  O     . HOH G 3 .  ? -14.969 11.792  0.587   1.00 27.58 ? 17 HOH B O     1 
HETATM 1036 O  O     . HOH G 3 .  ? -10.536 6.470   18.763  1.00 25.48 ? 18 HOH B O     1 
HETATM 1037 O  O     . HOH G 3 .  ? -8.091  -1.755  12.844  1.00 40.29 ? 19 HOH B O     1 
HETATM 1038 O  O     . HOH G 3 .  ? -5.777  5.208   6.576   1.00 34.98 ? 20 HOH B O     1 
HETATM 1039 O  O     . HOH G 3 .  ? -7.259  5.920   3.929   1.00 40.82 ? 21 HOH B O     1 
HETATM 1040 O  O     . HOH G 3 .  ? -12.694 4.084   -10.280 1.00 37.74 ? 22 HOH B O     1 
HETATM 1041 O  O     . HOH G 3 .  ? -19.461 -15.925 -15.265 1.00 35.46 ? 23 HOH B O     1 
HETATM 1042 O  O     . HOH G 3 .  ? -28.957 -14.791 -4.446  1.00 31.94 ? 24 HOH B O     1 
HETATM 1043 O  O     . HOH G 3 .  ? -7.278  4.192   0.537   1.00 40.94 ? 25 HOH B O     1 
HETATM 1044 O  O     . HOH G 3 .  ? -3.430  -11.082 -8.437  1.00 53.14 ? 26 HOH B O     1 
HETATM 1045 O  O     . HOH G 3 .  ? -20.577 -13.281 -13.271 1.00 41.27 ? 27 HOH B O     1 
HETATM 1046 O  O     . HOH G 3 .  ? -1.851  5.944   20.876  1.00 37.56 ? 28 HOH B O     1 
HETATM 1047 O  O     . HOH G 3 .  ? -12.805 -6.721  -0.427  1.00 39.09 ? 29 HOH B O     1 
HETATM 1048 O  O     . HOH G 3 .  ? -7.765  -3.347  -3.868  1.00 38.90 ? 30 HOH B O     1 
HETATM 1049 O  O     . HOH G 3 .  ? -13.628 -6.604  -3.582  1.00 38.21 ? 31 HOH B O     1 
HETATM 1050 O  O     . HOH G 3 .  ? -8.460  3.374   -1.916  1.00 39.84 ? 32 HOH B O     1 
HETATM 1051 O  O     . HOH G 3 .  ? -7.594  3.448   -5.563  1.00 41.58 ? 33 HOH B O     1 
HETATM 1052 O  O     . HOH G 3 .  ? -22.715 -9.759  -16.159 1.00 37.03 ? 34 HOH B O     1 
HETATM 1053 O  O     . HOH G 3 .  ? -13.345 1.327   9.768   1.00 30.80 ? 35 HOH B O     1 
HETATM 1054 O  O     . HOH G 3 .  ? -19.575 -12.614 -5.767  1.00 32.51 ? 36 HOH B O     1 
HETATM 1055 O  O     . HOH G 3 .  ? -18.087 -12.697 1.840   1.00 26.74 ? 37 HOH B O     1 
HETATM 1056 O  O     . HOH H 3 .  ? -17.359 -10.069 -11.313 1.00 25.04 ? 33 HOH C O     1 
HETATM 1057 O  O     . HOH H 3 .  ? -20.264 5.923   -5.467  1.00 26.60 ? 34 HOH C O     1 
HETATM 1058 O  O     . HOH H 3 .  ? -14.206 1.723   -12.255 1.00 37.36 ? 35 HOH C O     1 
HETATM 1059 O  O     . HOH H 3 .  ? -14.912 -2.810  -2.162  1.00 43.27 ? 36 HOH C O     1 
HETATM 1060 O  O     . HOH H 3 .  ? -10.014 -4.238  10.515  1.00 37.17 ? 37 HOH C O     1 
HETATM 1061 O  O     . HOH H 3 .  ? -14.715 0.040   7.985   1.00 46.98 ? 38 HOH C O     1 
HETATM 1062 O  O     . HOH H 3 .  ? -20.271 -2.072  -4.966  1.00 29.30 ? 39 HOH C O     1 
HETATM 1063 O  O     . HOH H 3 .  ? -20.715 -3.132  -8.535  1.00 33.68 ? 40 HOH C O     1 
HETATM 1064 O  O     . HOH H 3 .  ? -18.068 -4.317  -3.382  1.00 38.26 ? 41 HOH C O     1 
HETATM 1065 O  O     . HOH H 3 .  ? -29.977 -23.469 -9.530  1.00 24.03 ? 42 HOH C O     1 
HETATM 1066 O  O     . HOH H 3 .  ? -5.664  -2.071  2.814   1.00 38.29 ? 43 HOH C O     1 
HETATM 1067 O  O     . HOH H 3 .  ? -21.694 -21.981 -6.672  1.00 31.79 ? 44 HOH C O     1 
HETATM 1068 O  O     . HOH H 3 .  ? -16.478 -20.864 -14.310 1.00 46.56 ? 45 HOH C O     1 
HETATM 1069 O  O     . HOH H 3 .  ? -16.399 -24.432 -6.894  1.00 36.83 ? 46 HOH C O     1 
HETATM 1070 O  O     . HOH H 3 .  ? -15.788 -23.757 -16.333 1.00 29.11 ? 47 HOH C O     1 
HETATM 1071 O  O     . HOH H 3 .  ? -19.217 -27.569 -14.709 1.00 46.64 ? 48 HOH C O     1 
HETATM 1072 O  O     . HOH H 3 .  ? -17.504 -5.250  -7.819  1.00 33.80 ? 49 HOH C O     1 
HETATM 1073 O  O     . HOH H 3 .  ? -16.758 -12.961 -13.244 1.00 38.49 ? 50 HOH C O     1 
HETATM 1074 O  O     . HOH H 3 .  ? -24.495 -22.602 -21.441 1.00 58.12 ? 51 HOH C O     1 
HETATM 1075 O  O     . HOH H 3 .  ? -30.219 -26.987 -9.816  1.00 38.01 ? 52 HOH C O     1 
HETATM 1076 O  O     . HOH H 3 .  ? -28.872 -26.362 -13.215 0.50 14.79 ? 53 HOH C O     1 
HETATM 1077 O  O     . HOH H 3 .  ? -26.149 -27.663 -13.348 1.00 53.51 ? 54 HOH C O     1 
# 
loop_
_pdbx_poly_seq_scheme.asym_id 
_pdbx_poly_seq_scheme.entity_id 
_pdbx_poly_seq_scheme.seq_id 
_pdbx_poly_seq_scheme.mon_id 
_pdbx_poly_seq_scheme.ndb_seq_num 
_pdbx_poly_seq_scheme.pdb_seq_num 
_pdbx_poly_seq_scheme.auth_seq_num 
_pdbx_poly_seq_scheme.pdb_mon_id 
_pdbx_poly_seq_scheme.auth_mon_id 
_pdbx_poly_seq_scheme.pdb_strand_id 
_pdbx_poly_seq_scheme.pdb_ins_code 
_pdbx_poly_seq_scheme.hetero 
A 1 1  G 1  1  1  G GUA A . n 
A 1 2  C 2  2  2  C CYT A . n 
A 1 3  A 3  3  3  A ADE A . n 
A 1 4  G 4  4  4  G GUA A . n 
A 1 5  A 5  5  5  A ADE A . n 
A 1 6  C 6  6  6  C CYT A . n 
A 1 7  U 7  7  7  U URI A . n 
A 1 8  U 8  8  8  U URI A . n 
A 1 9  A 9  9  9  A ADE A . n 
A 1 10 A 10 10 10 A ADE A . n 
A 1 11 A 11 11 11 A ADE A . n 
A 1 12 U 12 12 12 U URI A . n 
A 1 13 C 13 13 13 C CYT A . n 
A 1 14 U 14 14 14 U URI A . n 
A 1 15 G 15 15 15 G GUA A . n 
A 1 16 C 16 16 16 C CYT A . n 
B 1 1  G 1  1  1  G GUA B . n 
B 1 2  C 2  2  2  C CYT B . n 
B 1 3  A 3  3  3  A ADE B . n 
B 1 4  G 4  4  4  G GUA B . n 
B 1 5  A 5  5  5  A ADE B . n 
B 1 6  C 6  6  6  C CYT B . n 
B 1 7  U 7  7  7  U URI B . n 
B 1 8  U 8  8  8  U URI B . n 
B 1 9  A 9  9  9  A ADE B . n 
B 1 10 A 10 10 10 A ADE B . n 
B 1 11 A 11 11 11 A ADE B . n 
B 1 12 U 12 12 12 U URI B . n 
B 1 13 C 13 13 13 C CYT B . n 
B 1 14 U 14 14 14 U URI B . n 
B 1 15 G 15 15 15 G GUA B . n 
B 1 16 C 16 16 16 C CYT B . n 
C 1 1  G 1  17 17 G GUA C . n 
C 1 2  C 2  18 18 C CYT C . n 
C 1 3  A 3  19 19 A ADE C . n 
C 1 4  G 4  20 20 G GUA C . n 
C 1 5  A 5  21 21 A ADE C . n 
C 1 6  C 6  22 22 C CYT C . n 
C 1 7  U 7  23 23 U URI C . n 
C 1 8  U 8  24 24 U URI C . n 
C 1 9  A 9  25 25 A ADE C . n 
C 1 10 A 10 26 26 A ADE C . n 
C 1 11 A 11 27 27 A ADE C . n 
C 1 12 U 12 28 28 U URI C . n 
C 1 13 C 13 29 29 C CYT C . n 
C 1 14 U 14 30 30 U URI C . n 
C 1 15 G 15 31 31 G GUA C . n 
C 1 16 C 16 32 32 C CYT C . n 
# 
loop_
_pdbx_nonpoly_scheme.asym_id 
_pdbx_nonpoly_scheme.entity_id 
_pdbx_nonpoly_scheme.mon_id 
_pdbx_nonpoly_scheme.ndb_seq_num 
_pdbx_nonpoly_scheme.pdb_seq_num 
_pdbx_nonpoly_scheme.auth_seq_num 
_pdbx_nonpoly_scheme.pdb_mon_id 
_pdbx_nonpoly_scheme.auth_mon_id 
_pdbx_nonpoly_scheme.pdb_strand_id 
_pdbx_nonpoly_scheme.pdb_ins_code 
D 2 SR  1  17 1  SR  SR  A . 
E 2 SR  1  2  2  SR  SR  C . 
F 3 HOH 1  18 3  HOH HOH A . 
F 3 HOH 2  19 4  HOH HOH A . 
F 3 HOH 3  20 5  HOH HOH A . 
F 3 HOH 4  21 11 HOH HOH A . 
F 3 HOH 5  22 12 HOH HOH A . 
F 3 HOH 6  23 13 HOH HOH A . 
F 3 HOH 7  24 19 HOH HOH A . 
F 3 HOH 8  25 24 HOH HOH A . 
F 3 HOH 9  26 30 HOH HOH A . 
F 3 HOH 10 27 31 HOH HOH A . 
F 3 HOH 11 28 32 HOH HOH A . 
F 3 HOH 12 29 35 HOH HOH A . 
F 3 HOH 13 30 37 HOH HOH A . 
F 3 HOH 14 31 38 HOH HOH A . 
F 3 HOH 15 32 39 HOH HOH A . 
F 3 HOH 16 33 43 HOH HOH A . 
F 3 HOH 17 34 48 HOH HOH A . 
F 3 HOH 18 35 50 HOH HOH A . 
F 3 HOH 19 36 53 HOH HOH A . 
F 3 HOH 20 37 59 HOH HOH A . 
F 3 HOH 21 38 63 HOH HOH A . 
F 3 HOH 22 39 68 HOH HOH A . 
F 3 HOH 23 40 69 HOH HOH A . 
F 3 HOH 24 41 70 HOH HOH A . 
G 3 HOH 1  17 9  HOH HOH B . 
G 3 HOH 2  18 10 HOH HOH B . 
G 3 HOH 3  19 15 HOH HOH B . 
G 3 HOH 4  20 17 HOH HOH B . 
G 3 HOH 5  21 18 HOH HOH B . 
G 3 HOH 6  22 20 HOH HOH B . 
G 3 HOH 7  23 21 HOH HOH B . 
G 3 HOH 8  24 22 HOH HOH B . 
G 3 HOH 9  25 23 HOH HOH B . 
G 3 HOH 10 26 27 HOH HOH B . 
G 3 HOH 11 27 28 HOH HOH B . 
G 3 HOH 12 28 33 HOH HOH B . 
G 3 HOH 13 29 34 HOH HOH B . 
G 3 HOH 14 30 36 HOH HOH B . 
G 3 HOH 15 31 41 HOH HOH B . 
G 3 HOH 16 32 42 HOH HOH B . 
G 3 HOH 17 33 44 HOH HOH B . 
G 3 HOH 18 34 45 HOH HOH B . 
G 3 HOH 19 35 55 HOH HOH B . 
G 3 HOH 20 36 57 HOH HOH B . 
G 3 HOH 21 37 62 HOH HOH B . 
H 3 HOH 1  33 6  HOH HOH C . 
H 3 HOH 2  34 8  HOH HOH C . 
H 3 HOH 3  35 14 HOH HOH C . 
H 3 HOH 4  36 16 HOH HOH C . 
H 3 HOH 5  37 25 HOH HOH C . 
H 3 HOH 6  38 26 HOH HOH C . 
H 3 HOH 7  39 29 HOH HOH C . 
H 3 HOH 8  40 40 HOH HOH C . 
H 3 HOH 9  41 46 HOH HOH C . 
H 3 HOH 10 42 47 HOH HOH C . 
H 3 HOH 11 43 49 HOH HOH C . 
H 3 HOH 12 44 51 HOH HOH C . 
H 3 HOH 13 45 52 HOH HOH C . 
H 3 HOH 14 46 54 HOH HOH C . 
H 3 HOH 15 47 56 HOH HOH C . 
H 3 HOH 16 48 58 HOH HOH C . 
H 3 HOH 17 49 60 HOH HOH C . 
H 3 HOH 18 50 61 HOH HOH C . 
H 3 HOH 19 51 64 HOH HOH C . 
H 3 HOH 20 52 65 HOH HOH C . 
H 3 HOH 21 53 66 HOH HOH C . 
H 3 HOH 22 54 67 HOH HOH C . 
# 
loop_
_pdbx_struct_assembly.id 
_pdbx_struct_assembly.details 
_pdbx_struct_assembly.method_details 
_pdbx_struct_assembly.oligomeric_details 
_pdbx_struct_assembly.oligomeric_count 
1 author_defined_assembly ? dimeric 2 
2 author_defined_assembly ? dimeric 2 
# 
loop_
_pdbx_struct_assembly_gen.assembly_id 
_pdbx_struct_assembly_gen.oper_expression 
_pdbx_struct_assembly_gen.asym_id_list 
1 1,2 A,D,F     
2 1   B,C,E,G,H 
# 
loop_
_pdbx_struct_oper_list.id 
_pdbx_struct_oper_list.type 
_pdbx_struct_oper_list.name 
_pdbx_struct_oper_list.symmetry_operation 
_pdbx_struct_oper_list.matrix[1][1] 
_pdbx_struct_oper_list.matrix[1][2] 
_pdbx_struct_oper_list.matrix[1][3] 
_pdbx_struct_oper_list.vector[1] 
_pdbx_struct_oper_list.matrix[2][1] 
_pdbx_struct_oper_list.matrix[2][2] 
_pdbx_struct_oper_list.matrix[2][3] 
_pdbx_struct_oper_list.vector[2] 
_pdbx_struct_oper_list.matrix[3][1] 
_pdbx_struct_oper_list.matrix[3][2] 
_pdbx_struct_oper_list.matrix[3][3] 
_pdbx_struct_oper_list.vector[3] 
1 'identity operation'         1_555 x,y,z              1.0000000000  0.0000000000 0.0000000000  0.0000000000  0.0000000000 1.0000000000 0.0000000000  0.0000000000  0.0000000000  0.0000000000  1.0000000000  0.0000000000  
2 'crystal symmetry operation' 6_765 -x+2,-x+y+1,-z+1/3 -0.9934206259 0.0832434475 -0.0786510558 54.3185724640 0.0832434475 0.0532113535 -0.9951075722 15.6715432651 -0.0786510558 -0.9951075722 -0.0597907277 21.1304919349 
# 
_pdbx_struct_special_symmetry.id              1 
_pdbx_struct_special_symmetry.PDB_model_num   1 
_pdbx_struct_special_symmetry.auth_asym_id    A 
_pdbx_struct_special_symmetry.auth_comp_id    SR 
_pdbx_struct_special_symmetry.auth_seq_id     17 
_pdbx_struct_special_symmetry.PDB_ins_code    ? 
_pdbx_struct_special_symmetry.label_asym_id   D 
_pdbx_struct_special_symmetry.label_comp_id   SR 
_pdbx_struct_special_symmetry.label_seq_id    . 
# 
loop_
_pdbx_struct_conn_angle.id 
_pdbx_struct_conn_angle.ptnr1_label_atom_id 
_pdbx_struct_conn_angle.ptnr1_label_alt_id 
_pdbx_struct_conn_angle.ptnr1_label_asym_id 
_pdbx_struct_conn_angle.ptnr1_label_comp_id 
_pdbx_struct_conn_angle.ptnr1_label_seq_id 
_pdbx_struct_conn_angle.ptnr1_auth_atom_id 
_pdbx_struct_conn_angle.ptnr1_auth_asym_id 
_pdbx_struct_conn_angle.ptnr1_auth_comp_id 
_pdbx_struct_conn_angle.ptnr1_auth_seq_id 
_pdbx_struct_conn_angle.ptnr1_PDB_ins_code 
_pdbx_struct_conn_angle.ptnr1_symmetry 
_pdbx_struct_conn_angle.ptnr2_label_atom_id 
_pdbx_struct_conn_angle.ptnr2_label_alt_id 
_pdbx_struct_conn_angle.ptnr2_label_asym_id 
_pdbx_struct_conn_angle.ptnr2_label_comp_id 
_pdbx_struct_conn_angle.ptnr2_label_seq_id 
_pdbx_struct_conn_angle.ptnr2_auth_atom_id 
_pdbx_struct_conn_angle.ptnr2_auth_asym_id 
_pdbx_struct_conn_angle.ptnr2_auth_comp_id 
_pdbx_struct_conn_angle.ptnr2_auth_seq_id 
_pdbx_struct_conn_angle.ptnr2_PDB_ins_code 
_pdbx_struct_conn_angle.ptnr2_symmetry 
_pdbx_struct_conn_angle.ptnr3_label_atom_id 
_pdbx_struct_conn_angle.ptnr3_label_alt_id 
_pdbx_struct_conn_angle.ptnr3_label_asym_id 
_pdbx_struct_conn_angle.ptnr3_label_comp_id 
_pdbx_struct_conn_angle.ptnr3_label_seq_id 
_pdbx_struct_conn_angle.ptnr3_auth_atom_id 
_pdbx_struct_conn_angle.ptnr3_auth_asym_id 
_pdbx_struct_conn_angle.ptnr3_auth_comp_id 
_pdbx_struct_conn_angle.ptnr3_auth_seq_id 
_pdbx_struct_conn_angle.ptnr3_PDB_ins_code 
_pdbx_struct_conn_angle.ptnr3_symmetry 
_pdbx_struct_conn_angle.value 
_pdbx_struct_conn_angle.value_esd 
1  O     ? F HOH .  ? A HOH 25 ? 1_555 SR ? D SR . ? A SR 17 ? 1_555 O     ? F HOH .  ? A HOH 25 ? 6_765 109.6 ? 
2  O     ? F HOH .  ? A HOH 25 ? 1_555 SR ? D SR . ? A SR 17 ? 1_555 O     ? F HOH .  ? A HOH 35 ? 1_555 71.9  ? 
3  O     ? F HOH .  ? A HOH 25 ? 6_765 SR ? D SR . ? A SR 17 ? 1_555 O     ? F HOH .  ? A HOH 35 ? 1_555 71.7  ? 
4  O     ? F HOH .  ? A HOH 25 ? 1_555 SR ? D SR . ? A SR 17 ? 1_555 O     ? F HOH .  ? A HOH 35 ? 6_765 71.7  ? 
5  O     ? F HOH .  ? A HOH 25 ? 6_765 SR ? D SR . ? A SR 17 ? 1_555 O     ? F HOH .  ? A HOH 35 ? 6_765 71.8  ? 
6  O     ? F HOH .  ? A HOH 35 ? 1_555 SR ? D SR . ? A SR 17 ? 1_555 O     ? F HOH .  ? A HOH 35 ? 6_765 114.3 ? 
7  O     ? F HOH .  ? A HOH 25 ? 1_555 SR ? D SR . ? A SR 17 ? 1_555 O     ? F HOH .  ? A HOH 38 ? 1_555 81.8  ? 
8  O     ? F HOH .  ? A HOH 25 ? 6_765 SR ? D SR . ? A SR 17 ? 1_555 O     ? F HOH .  ? A HOH 38 ? 1_555 135.1 ? 
9  O     ? F HOH .  ? A HOH 35 ? 1_555 SR ? D SR . ? A SR 17 ? 1_555 O     ? F HOH .  ? A HOH 38 ? 1_555 148.6 ? 
10 O     ? F HOH .  ? A HOH 35 ? 6_765 SR ? D SR . ? A SR 17 ? 1_555 O     ? F HOH .  ? A HOH 38 ? 1_555 71.3  ? 
11 O     ? F HOH .  ? A HOH 25 ? 1_555 SR ? D SR . ? A SR 17 ? 1_555 O     ? F HOH .  ? A HOH 38 ? 6_765 135.3 ? 
12 O     ? F HOH .  ? A HOH 25 ? 6_765 SR ? D SR . ? A SR 17 ? 1_555 O     ? F HOH .  ? A HOH 38 ? 6_765 81.8  ? 
13 O     ? F HOH .  ? A HOH 35 ? 1_555 SR ? D SR . ? A SR 17 ? 1_555 O     ? F HOH .  ? A HOH 38 ? 6_765 71.4  ? 
14 O     ? F HOH .  ? A HOH 35 ? 6_765 SR ? D SR . ? A SR 17 ? 1_555 O     ? F HOH .  ? A HOH 38 ? 6_765 148.5 ? 
15 O     ? F HOH .  ? A HOH 38 ? 1_555 SR ? D SR . ? A SR 17 ? 1_555 O     ? F HOH .  ? A HOH 38 ? 6_765 121.2 ? 
16 O     ? F HOH .  ? A HOH 25 ? 1_555 SR ? D SR . ? A SR 17 ? 1_555 O     ? F HOH .  ? A HOH 40 ? 1_555 78.7  ? 
17 O     ? F HOH .  ? A HOH 25 ? 6_765 SR ? D SR . ? A SR 17 ? 1_555 O     ? F HOH .  ? A HOH 40 ? 1_555 158.9 ? 
18 O     ? F HOH .  ? A HOH 35 ? 1_555 SR ? D SR . ? A SR 17 ? 1_555 O     ? F HOH .  ? A HOH 40 ? 1_555 93.7  ? 
19 O     ? F HOH .  ? A HOH 35 ? 6_765 SR ? D SR . ? A SR 17 ? 1_555 O     ? F HOH .  ? A HOH 40 ? 1_555 129.0 ? 
20 O     ? F HOH .  ? A HOH 38 ? 1_555 SR ? D SR . ? A SR 17 ? 1_555 O     ? F HOH .  ? A HOH 40 ? 1_555 64.1  ? 
21 O     ? F HOH .  ? A HOH 38 ? 6_765 SR ? D SR . ? A SR 17 ? 1_555 O     ? F HOH .  ? A HOH 40 ? 1_555 79.1  ? 
22 O     ? F HOH .  ? A HOH 25 ? 1_555 SR ? D SR . ? A SR 17 ? 1_555 O     ? F HOH .  ? A HOH 40 ? 6_765 158.8 ? 
23 O     ? F HOH .  ? A HOH 25 ? 6_765 SR ? D SR . ? A SR 17 ? 1_555 O     ? F HOH .  ? A HOH 40 ? 6_765 78.6  ? 
24 O     ? F HOH .  ? A HOH 35 ? 1_555 SR ? D SR . ? A SR 17 ? 1_555 O     ? F HOH .  ? A HOH 40 ? 6_765 129.1 ? 
25 O     ? F HOH .  ? A HOH 35 ? 6_765 SR ? D SR . ? A SR 17 ? 1_555 O     ? F HOH .  ? A HOH 40 ? 6_765 93.5  ? 
26 O     ? F HOH .  ? A HOH 38 ? 1_555 SR ? D SR . ? A SR 17 ? 1_555 O     ? F HOH .  ? A HOH 40 ? 6_765 79.0  ? 
27 O     ? F HOH .  ? A HOH 38 ? 6_765 SR ? D SR . ? A SR 17 ? 1_555 O     ? F HOH .  ? A HOH 40 ? 6_765 64.1  ? 
28 O     ? F HOH .  ? A HOH 40 ? 1_555 SR ? D SR . ? A SR 17 ? 1_555 O     ? F HOH .  ? A HOH 40 ? 6_765 100.7 ? 
29 "O2'" ? C C   16 ? C C   32 ? 1_555 SR ? E SR . ? C SR 2  ? 1_555 "O3'" ? C C   16 ? C C   32 ? 1_555 68.0  ? 
30 "O2'" ? C C   16 ? C C   32 ? 1_555 SR ? E SR . ? C SR 2  ? 1_555 O     ? H HOH .  ? C HOH 42 ? 1_555 72.9  ? 
31 "O3'" ? C C   16 ? C C   32 ? 1_555 SR ? E SR . ? C SR 2  ? 1_555 O     ? H HOH .  ? C HOH 42 ? 1_555 140.0 ? 
32 "O2'" ? C C   16 ? C C   32 ? 1_555 SR ? E SR . ? C SR 2  ? 1_555 O     ? H HOH .  ? C HOH 52 ? 1_555 142.9 ? 
33 "O3'" ? C C   16 ? C C   32 ? 1_555 SR ? E SR . ? C SR 2  ? 1_555 O     ? H HOH .  ? C HOH 52 ? 1_555 133.4 ? 
34 O     ? H HOH .  ? C HOH 42 ? 1_555 SR ? E SR . ? C SR 2  ? 1_555 O     ? H HOH .  ? C HOH 52 ? 1_555 84.2  ? 
35 "O2'" ? C C   16 ? C C   32 ? 1_555 SR ? E SR . ? C SR 2  ? 1_555 O     ? H HOH .  ? C HOH 53 ? 1_555 125.9 ? 
36 "O3'" ? C C   16 ? C C   32 ? 1_555 SR ? E SR . ? C SR 2  ? 1_555 O     ? H HOH .  ? C HOH 53 ? 1_555 67.0  ? 
37 O     ? H HOH .  ? C HOH 42 ? 1_555 SR ? E SR . ? C SR 2  ? 1_555 O     ? H HOH .  ? C HOH 53 ? 1_555 136.9 ? 
38 O     ? H HOH .  ? C HOH 52 ? 1_555 SR ? E SR . ? C SR 2  ? 1_555 O     ? H HOH .  ? C HOH 53 ? 1_555 90.7  ? 
# 
loop_
_pdbx_audit_revision_history.ordinal 
_pdbx_audit_revision_history.data_content_type 
_pdbx_audit_revision_history.major_revision 
_pdbx_audit_revision_history.minor_revision 
_pdbx_audit_revision_history.revision_date 
1 'Structure model' 1 0 2005-10-18 
2 'Structure model' 1 1 2008-04-30 
3 'Structure model' 1 2 2011-07-13 
4 'Structure model' 1 3 2011-11-16 
5 'Structure model' 1 4 2023-08-23 
# 
_pdbx_audit_revision_details.ordinal             1 
_pdbx_audit_revision_details.revision_ordinal    1 
_pdbx_audit_revision_details.data_content_type   'Structure model' 
_pdbx_audit_revision_details.provider            repository 
_pdbx_audit_revision_details.type                'Initial release' 
_pdbx_audit_revision_details.description         ? 
_pdbx_audit_revision_details.details             ? 
# 
loop_
_pdbx_audit_revision_group.ordinal 
_pdbx_audit_revision_group.revision_ordinal 
_pdbx_audit_revision_group.data_content_type 
_pdbx_audit_revision_group.group 
1 2 'Structure model' 'Version format compliance' 
2 3 'Structure model' 'Version format compliance' 
3 4 'Structure model' 'Atomic model'              
4 5 'Structure model' 'Data collection'           
5 5 'Structure model' 'Database references'       
6 5 'Structure model' 'Derived calculations'      
7 5 'Structure model' 'Refinement description'    
# 
loop_
_pdbx_audit_revision_category.ordinal 
_pdbx_audit_revision_category.revision_ordinal 
_pdbx_audit_revision_category.data_content_type 
_pdbx_audit_revision_category.category 
1 5 'Structure model' chem_comp_atom                
2 5 'Structure model' chem_comp_bond                
3 5 'Structure model' database_2                    
4 5 'Structure model' pdbx_initial_refinement_model 
5 5 'Structure model' pdbx_struct_conn_angle        
6 5 'Structure model' struct_conn                   
7 5 'Structure model' struct_site                   
# 
loop_
_pdbx_audit_revision_item.ordinal 
_pdbx_audit_revision_item.revision_ordinal 
_pdbx_audit_revision_item.data_content_type 
_pdbx_audit_revision_item.item 
1  5 'Structure model' '_database_2.pdbx_DOI'                        
2  5 'Structure model' '_database_2.pdbx_database_accession'         
3  5 'Structure model' '_pdbx_struct_conn_angle.ptnr1_auth_comp_id'  
4  5 'Structure model' '_pdbx_struct_conn_angle.ptnr1_auth_seq_id'   
5  5 'Structure model' '_pdbx_struct_conn_angle.ptnr1_label_asym_id' 
6  5 'Structure model' '_pdbx_struct_conn_angle.ptnr1_label_atom_id' 
7  5 'Structure model' '_pdbx_struct_conn_angle.ptnr1_label_comp_id' 
8  5 'Structure model' '_pdbx_struct_conn_angle.ptnr1_label_seq_id'  
9  5 'Structure model' '_pdbx_struct_conn_angle.ptnr1_symmetry'      
10 5 'Structure model' '_pdbx_struct_conn_angle.ptnr3_auth_comp_id'  
11 5 'Structure model' '_pdbx_struct_conn_angle.ptnr3_auth_seq_id'   
12 5 'Structure model' '_pdbx_struct_conn_angle.ptnr3_label_asym_id' 
13 5 'Structure model' '_pdbx_struct_conn_angle.ptnr3_label_atom_id' 
14 5 'Structure model' '_pdbx_struct_conn_angle.ptnr3_label_comp_id' 
15 5 'Structure model' '_pdbx_struct_conn_angle.ptnr3_label_seq_id'  
16 5 'Structure model' '_pdbx_struct_conn_angle.ptnr3_symmetry'      
17 5 'Structure model' '_pdbx_struct_conn_angle.value'               
18 5 'Structure model' '_struct_conn.pdbx_dist_value'                
19 5 'Structure model' '_struct_conn.ptnr1_auth_asym_id'             
20 5 'Structure model' '_struct_conn.ptnr1_auth_seq_id'              
21 5 'Structure model' '_struct_conn.ptnr1_label_asym_id'            
22 5 'Structure model' '_struct_conn.ptnr2_auth_asym_id'             
23 5 'Structure model' '_struct_conn.ptnr2_auth_comp_id'             
24 5 'Structure model' '_struct_conn.ptnr2_auth_seq_id'              
25 5 'Structure model' '_struct_conn.ptnr2_label_asym_id'            
26 5 'Structure model' '_struct_conn.ptnr2_label_atom_id'            
27 5 'Structure model' '_struct_conn.ptnr2_label_comp_id'            
28 5 'Structure model' '_struct_conn.ptnr2_label_seq_id'             
29 5 'Structure model' '_struct_conn.ptnr2_symmetry'                 
30 5 'Structure model' '_struct_site.pdbx_auth_asym_id'              
31 5 'Structure model' '_struct_site.pdbx_auth_comp_id'              
32 5 'Structure model' '_struct_site.pdbx_auth_seq_id'               
# 
loop_
_software.name 
_software.classification 
_software.version 
_software.citation_id 
_software.pdbx_ordinal 
CNS          refinement       1.1            ? 1 
CrystalClear 'data reduction' '(MSC/RIGAKU)' ? 2 
SCALEPACK    'data scaling'   .              ? 3 
CNS          phasing          .              ? 4 
# 
loop_
_chem_comp_atom.comp_id 
_chem_comp_atom.atom_id 
_chem_comp_atom.type_symbol 
_chem_comp_atom.pdbx_aromatic_flag 
_chem_comp_atom.pdbx_stereo_config 
_chem_comp_atom.pdbx_ordinal 
A   OP3    O  N N 1   
A   P      P  N N 2   
A   OP1    O  N N 3   
A   OP2    O  N N 4   
A   "O5'"  O  N N 5   
A   "C5'"  C  N N 6   
A   "C4'"  C  N R 7   
A   "O4'"  O  N N 8   
A   "C3'"  C  N S 9   
A   "O3'"  O  N N 10  
A   "C2'"  C  N R 11  
A   "O2'"  O  N N 12  
A   "C1'"  C  N R 13  
A   N9     N  Y N 14  
A   C8     C  Y N 15  
A   N7     N  Y N 16  
A   C5     C  Y N 17  
A   C6     C  Y N 18  
A   N6     N  N N 19  
A   N1     N  Y N 20  
A   C2     C  Y N 21  
A   N3     N  Y N 22  
A   C4     C  Y N 23  
A   HOP3   H  N N 24  
A   HOP2   H  N N 25  
A   "H5'"  H  N N 26  
A   "H5''" H  N N 27  
A   "H4'"  H  N N 28  
A   "H3'"  H  N N 29  
A   "HO3'" H  N N 30  
A   "H2'"  H  N N 31  
A   "HO2'" H  N N 32  
A   "H1'"  H  N N 33  
A   H8     H  N N 34  
A   H61    H  N N 35  
A   H62    H  N N 36  
A   H2     H  N N 37  
C   OP3    O  N N 38  
C   P      P  N N 39  
C   OP1    O  N N 40  
C   OP2    O  N N 41  
C   "O5'"  O  N N 42  
C   "C5'"  C  N N 43  
C   "C4'"  C  N R 44  
C   "O4'"  O  N N 45  
C   "C3'"  C  N S 46  
C   "O3'"  O  N N 47  
C   "C2'"  C  N R 48  
C   "O2'"  O  N N 49  
C   "C1'"  C  N R 50  
C   N1     N  N N 51  
C   C2     C  N N 52  
C   O2     O  N N 53  
C   N3     N  N N 54  
C   C4     C  N N 55  
C   N4     N  N N 56  
C   C5     C  N N 57  
C   C6     C  N N 58  
C   HOP3   H  N N 59  
C   HOP2   H  N N 60  
C   "H5'"  H  N N 61  
C   "H5''" H  N N 62  
C   "H4'"  H  N N 63  
C   "H3'"  H  N N 64  
C   "HO3'" H  N N 65  
C   "H2'"  H  N N 66  
C   "HO2'" H  N N 67  
C   "H1'"  H  N N 68  
C   H41    H  N N 69  
C   H42    H  N N 70  
C   H5     H  N N 71  
C   H6     H  N N 72  
G   OP3    O  N N 73  
G   P      P  N N 74  
G   OP1    O  N N 75  
G   OP2    O  N N 76  
G   "O5'"  O  N N 77  
G   "C5'"  C  N N 78  
G   "C4'"  C  N R 79  
G   "O4'"  O  N N 80  
G   "C3'"  C  N S 81  
G   "O3'"  O  N N 82  
G   "C2'"  C  N R 83  
G   "O2'"  O  N N 84  
G   "C1'"  C  N R 85  
G   N9     N  Y N 86  
G   C8     C  Y N 87  
G   N7     N  Y N 88  
G   C5     C  Y N 89  
G   C6     C  N N 90  
G   O6     O  N N 91  
G   N1     N  N N 92  
G   C2     C  N N 93  
G   N2     N  N N 94  
G   N3     N  N N 95  
G   C4     C  Y N 96  
G   HOP3   H  N N 97  
G   HOP2   H  N N 98  
G   "H5'"  H  N N 99  
G   "H5''" H  N N 100 
G   "H4'"  H  N N 101 
G   "H3'"  H  N N 102 
G   "HO3'" H  N N 103 
G   "H2'"  H  N N 104 
G   "HO2'" H  N N 105 
G   "H1'"  H  N N 106 
G   H8     H  N N 107 
G   H1     H  N N 108 
G   H21    H  N N 109 
G   H22    H  N N 110 
HOH O      O  N N 111 
HOH H1     H  N N 112 
HOH H2     H  N N 113 
SR  SR     SR N N 114 
U   OP3    O  N N 115 
U   P      P  N N 116 
U   OP1    O  N N 117 
U   OP2    O  N N 118 
U   "O5'"  O  N N 119 
U   "C5'"  C  N N 120 
U   "C4'"  C  N R 121 
U   "O4'"  O  N N 122 
U   "C3'"  C  N S 123 
U   "O3'"  O  N N 124 
U   "C2'"  C  N R 125 
U   "O2'"  O  N N 126 
U   "C1'"  C  N R 127 
U   N1     N  N N 128 
U   C2     C  N N 129 
U   O2     O  N N 130 
U   N3     N  N N 131 
U   C4     C  N N 132 
U   O4     O  N N 133 
U   C5     C  N N 134 
U   C6     C  N N 135 
U   HOP3   H  N N 136 
U   HOP2   H  N N 137 
U   "H5'"  H  N N 138 
U   "H5''" H  N N 139 
U   "H4'"  H  N N 140 
U   "H3'"  H  N N 141 
U   "HO3'" H  N N 142 
U   "H2'"  H  N N 143 
U   "HO2'" H  N N 144 
U   "H1'"  H  N N 145 
U   H3     H  N N 146 
U   H5     H  N N 147 
U   H6     H  N N 148 
# 
loop_
_chem_comp_bond.comp_id 
_chem_comp_bond.atom_id_1 
_chem_comp_bond.atom_id_2 
_chem_comp_bond.value_order 
_chem_comp_bond.pdbx_aromatic_flag 
_chem_comp_bond.pdbx_stereo_config 
_chem_comp_bond.pdbx_ordinal 
A   OP3   P      sing N N 1   
A   OP3   HOP3   sing N N 2   
A   P     OP1    doub N N 3   
A   P     OP2    sing N N 4   
A   P     "O5'"  sing N N 5   
A   OP2   HOP2   sing N N 6   
A   "O5'" "C5'"  sing N N 7   
A   "C5'" "C4'"  sing N N 8   
A   "C5'" "H5'"  sing N N 9   
A   "C5'" "H5''" sing N N 10  
A   "C4'" "O4'"  sing N N 11  
A   "C4'" "C3'"  sing N N 12  
A   "C4'" "H4'"  sing N N 13  
A   "O4'" "C1'"  sing N N 14  
A   "C3'" "O3'"  sing N N 15  
A   "C3'" "C2'"  sing N N 16  
A   "C3'" "H3'"  sing N N 17  
A   "O3'" "HO3'" sing N N 18  
A   "C2'" "O2'"  sing N N 19  
A   "C2'" "C1'"  sing N N 20  
A   "C2'" "H2'"  sing N N 21  
A   "O2'" "HO2'" sing N N 22  
A   "C1'" N9     sing N N 23  
A   "C1'" "H1'"  sing N N 24  
A   N9    C8     sing Y N 25  
A   N9    C4     sing Y N 26  
A   C8    N7     doub Y N 27  
A   C8    H8     sing N N 28  
A   N7    C5     sing Y N 29  
A   C5    C6     sing Y N 30  
A   C5    C4     doub Y N 31  
A   C6    N6     sing N N 32  
A   C6    N1     doub Y N 33  
A   N6    H61    sing N N 34  
A   N6    H62    sing N N 35  
A   N1    C2     sing Y N 36  
A   C2    N3     doub Y N 37  
A   C2    H2     sing N N 38  
A   N3    C4     sing Y N 39  
C   OP3   P      sing N N 40  
C   OP3   HOP3   sing N N 41  
C   P     OP1    doub N N 42  
C   P     OP2    sing N N 43  
C   P     "O5'"  sing N N 44  
C   OP2   HOP2   sing N N 45  
C   "O5'" "C5'"  sing N N 46  
C   "C5'" "C4'"  sing N N 47  
C   "C5'" "H5'"  sing N N 48  
C   "C5'" "H5''" sing N N 49  
C   "C4'" "O4'"  sing N N 50  
C   "C4'" "C3'"  sing N N 51  
C   "C4'" "H4'"  sing N N 52  
C   "O4'" "C1'"  sing N N 53  
C   "C3'" "O3'"  sing N N 54  
C   "C3'" "C2'"  sing N N 55  
C   "C3'" "H3'"  sing N N 56  
C   "O3'" "HO3'" sing N N 57  
C   "C2'" "O2'"  sing N N 58  
C   "C2'" "C1'"  sing N N 59  
C   "C2'" "H2'"  sing N N 60  
C   "O2'" "HO2'" sing N N 61  
C   "C1'" N1     sing N N 62  
C   "C1'" "H1'"  sing N N 63  
C   N1    C2     sing N N 64  
C   N1    C6     sing N N 65  
C   C2    O2     doub N N 66  
C   C2    N3     sing N N 67  
C   N3    C4     doub N N 68  
C   C4    N4     sing N N 69  
C   C4    C5     sing N N 70  
C   N4    H41    sing N N 71  
C   N4    H42    sing N N 72  
C   C5    C6     doub N N 73  
C   C5    H5     sing N N 74  
C   C6    H6     sing N N 75  
G   OP3   P      sing N N 76  
G   OP3   HOP3   sing N N 77  
G   P     OP1    doub N N 78  
G   P     OP2    sing N N 79  
G   P     "O5'"  sing N N 80  
G   OP2   HOP2   sing N N 81  
G   "O5'" "C5'"  sing N N 82  
G   "C5'" "C4'"  sing N N 83  
G   "C5'" "H5'"  sing N N 84  
G   "C5'" "H5''" sing N N 85  
G   "C4'" "O4'"  sing N N 86  
G   "C4'" "C3'"  sing N N 87  
G   "C4'" "H4'"  sing N N 88  
G   "O4'" "C1'"  sing N N 89  
G   "C3'" "O3'"  sing N N 90  
G   "C3'" "C2'"  sing N N 91  
G   "C3'" "H3'"  sing N N 92  
G   "O3'" "HO3'" sing N N 93  
G   "C2'" "O2'"  sing N N 94  
G   "C2'" "C1'"  sing N N 95  
G   "C2'" "H2'"  sing N N 96  
G   "O2'" "HO2'" sing N N 97  
G   "C1'" N9     sing N N 98  
G   "C1'" "H1'"  sing N N 99  
G   N9    C8     sing Y N 100 
G   N9    C4     sing Y N 101 
G   C8    N7     doub Y N 102 
G   C8    H8     sing N N 103 
G   N7    C5     sing Y N 104 
G   C5    C6     sing N N 105 
G   C5    C4     doub Y N 106 
G   C6    O6     doub N N 107 
G   C6    N1     sing N N 108 
G   N1    C2     sing N N 109 
G   N1    H1     sing N N 110 
G   C2    N2     sing N N 111 
G   C2    N3     doub N N 112 
G   N2    H21    sing N N 113 
G   N2    H22    sing N N 114 
G   N3    C4     sing N N 115 
HOH O     H1     sing N N 116 
HOH O     H2     sing N N 117 
U   OP3   P      sing N N 118 
U   OP3   HOP3   sing N N 119 
U   P     OP1    doub N N 120 
U   P     OP2    sing N N 121 
U   P     "O5'"  sing N N 122 
U   OP2   HOP2   sing N N 123 
U   "O5'" "C5'"  sing N N 124 
U   "C5'" "C4'"  sing N N 125 
U   "C5'" "H5'"  sing N N 126 
U   "C5'" "H5''" sing N N 127 
U   "C4'" "O4'"  sing N N 128 
U   "C4'" "C3'"  sing N N 129 
U   "C4'" "H4'"  sing N N 130 
U   "O4'" "C1'"  sing N N 131 
U   "C3'" "O3'"  sing N N 132 
U   "C3'" "C2'"  sing N N 133 
U   "C3'" "H3'"  sing N N 134 
U   "O3'" "HO3'" sing N N 135 
U   "C2'" "O2'"  sing N N 136 
U   "C2'" "C1'"  sing N N 137 
U   "C2'" "H2'"  sing N N 138 
U   "O2'" "HO2'" sing N N 139 
U   "C1'" N1     sing N N 140 
U   "C1'" "H1'"  sing N N 141 
U   N1    C2     sing N N 142 
U   N1    C6     sing N N 143 
U   C2    O2     doub N N 144 
U   C2    N3     sing N N 145 
U   N3    C4     sing N N 146 
U   N3    H3     sing N N 147 
U   C4    O4     doub N N 148 
U   C4    C5     sing N N 149 
U   C5    C6     doub N N 150 
U   C5    H5     sing N N 151 
U   C6    H6     sing N N 152 
# 
loop_
_ndb_struct_conf_na.entry_id 
_ndb_struct_conf_na.feature 
1Z7F 'double helix'         
1Z7F 'a-form double helix'  
1Z7F 'mismatched base pair' 
# 
loop_
_ndb_struct_na_base_pair.model_number 
_ndb_struct_na_base_pair.i_label_asym_id 
_ndb_struct_na_base_pair.i_label_comp_id 
_ndb_struct_na_base_pair.i_label_seq_id 
_ndb_struct_na_base_pair.i_symmetry 
_ndb_struct_na_base_pair.j_label_asym_id 
_ndb_struct_na_base_pair.j_label_comp_id 
_ndb_struct_na_base_pair.j_label_seq_id 
_ndb_struct_na_base_pair.j_symmetry 
_ndb_struct_na_base_pair.shear 
_ndb_struct_na_base_pair.stretch 
_ndb_struct_na_base_pair.stagger 
_ndb_struct_na_base_pair.buckle 
_ndb_struct_na_base_pair.propeller 
_ndb_struct_na_base_pair.opening 
_ndb_struct_na_base_pair.pair_number 
_ndb_struct_na_base_pair.pair_name 
_ndb_struct_na_base_pair.i_auth_asym_id 
_ndb_struct_na_base_pair.i_auth_seq_id 
_ndb_struct_na_base_pair.i_PDB_ins_code 
_ndb_struct_na_base_pair.j_auth_asym_id 
_ndb_struct_na_base_pair.j_auth_seq_id 
_ndb_struct_na_base_pair.j_PDB_ins_code 
_ndb_struct_na_base_pair.hbond_type_28 
_ndb_struct_na_base_pair.hbond_type_12 
1 B G 1  1_555 C C 16 1_555 -0.294 -0.032 -0.092 -3.558 -9.813  0.441  1  B_G1:C32_C  B 1  ? C 32 ? 19 1 
1 B C 2  1_555 C G 15 1_555 0.567  -0.139 0.047  1.783  -18.161 3.152  2  B_C2:G31_C  B 2  ? C 31 ? 19 1 
1 B A 3  1_555 C U 14 1_555 -0.041 -0.120 0.214  -5.524 -7.211  3.302  3  B_A3:U30_C  B 3  ? C 30 ? 20 1 
1 B G 4  1_555 C C 13 1_555 -0.472 -0.209 -0.043 -3.257 -15.929 2.619  4  B_G4:C29_C  B 4  ? C 29 ? 19 1 
1 B A 5  1_555 C U 12 1_555 -0.036 -0.200 -0.029 -6.749 -14.873 3.807  5  B_A5:U28_C  B 5  ? C 28 ? 20 1 
1 B C 6  1_555 C A 11 1_555 3.237  -0.434 0.300  -5.880 -11.311 10.117 6  B_C6:A27_C  B 6  ? C 27 ? ?  1 
1 B U 7  1_555 C A 10 1_555 0.219  -0.263 0.045  0.242  -12.185 3.520  7  B_U7:A26_C  B 7  ? C 26 ? 20 1 
1 B U 8  1_555 C A 9  1_555 0.040  -0.203 0.054  1.824  -8.999  3.898  8  B_U8:A25_C  B 8  ? C 25 ? 20 1 
1 B A 9  1_555 C U 8  1_555 0.017  -0.102 0.056  -1.195 -15.816 7.772  9  B_A9:U24_C  B 9  ? C 24 ? 20 1 
1 B A 10 1_555 C U 7  1_555 0.031  -0.176 0.214  1.956  -9.719  -0.044 10 B_A10:U23_C B 10 ? C 23 ? 20 1 
1 B A 11 1_555 C C 6  1_555 -3.009 -0.447 0.238  0.933  -16.203 12.849 11 B_A11:C22_C B 11 ? C 22 ? ?  1 
1 B U 12 1_555 C A 5  1_555 0.393  -0.272 0.039  2.790  -8.704  5.957  12 B_U12:A21_C B 12 ? C 21 ? 20 1 
1 B C 13 1_555 C G 4  1_555 0.175  -0.158 0.016  1.165  -13.688 1.423  13 B_C13:G20_C B 13 ? C 20 ? 19 1 
1 B U 14 1_555 C A 3  1_555 -0.075 -0.308 -0.037 -3.494 -7.938  2.531  14 B_U14:A19_C B 14 ? C 19 ? 20 1 
1 B G 15 1_555 C C 2  1_555 -0.153 -0.180 0.107  1.628  -8.193  3.718  15 B_G15:C18_C B 15 ? C 18 ? 19 1 
1 B C 16 1_555 C G 1  1_555 0.357  -0.257 -0.182 9.250  -13.793 -1.295 16 B_C16:G17_C B 16 ? C 17 ? 19 1 
1 A G 1  1_555 A C 16 6_765 -0.350 -0.234 -0.131 -8.598 -4.230  -1.002 17 A_G1:C16_A  A 1  ? A 16 ? 19 1 
1 A C 2  1_555 A G 15 6_765 0.392  -0.256 -0.113 1.300  -11.975 -0.660 18 A_C2:G15_A  A 2  ? A 15 ? 19 1 
1 A A 3  1_555 A U 14 6_765 -0.014 -0.084 -0.016 -1.621 -4.975  3.179  19 A_A3:U14_A  A 3  ? A 14 ? 20 1 
1 A G 4  1_555 A C 13 6_765 -0.334 -0.120 0.026  1.605  -7.947  -0.232 20 A_G4:C13_A  A 4  ? A 13 ? 19 1 
1 A A 5  1_555 A U 12 6_765 0.047  -0.193 -0.067 -5.541 -10.954 1.332  21 A_A5:U12_A  A 5  ? A 12 ? 20 1 
1 A C 6  1_555 A A 11 6_765 2.788  -0.455 -0.107 0.781  -14.604 4.153  22 A_C6:A11_A  A 6  ? A 11 ? ?  1 
1 A U 7  1_555 A A 10 6_765 0.107  -0.132 0.091  -3.165 -12.520 0.808  23 A_U7:A10_A  A 7  ? A 10 ? 20 1 
1 A U 8  1_555 A A 9  6_765 -0.125 -0.090 0.062  -0.094 -13.602 5.511  24 A_U8:A9_A   A 8  ? A 9  ? 20 1 
1 A A 9  1_555 A U 8  6_765 0.125  -0.090 0.062  0.094  -13.602 5.511  25 A_A9:U8_A   A 9  ? A 8  ? 20 1 
1 A A 10 1_555 A U 7  6_765 -0.107 -0.132 0.091  3.165  -12.520 0.808  26 A_A10:U7_A  A 10 ? A 7  ? 20 1 
1 A A 11 1_555 A C 6  6_765 -2.788 -0.455 -0.107 -0.781 -14.604 4.153  27 A_A11:C6_A  A 11 ? A 6  ? ?  1 
1 A U 12 1_555 A A 5  6_765 -0.047 -0.193 -0.067 5.541  -10.954 1.332  28 A_U12:A5_A  A 12 ? A 5  ? 20 1 
1 A C 13 1_555 A G 4  6_765 0.334  -0.120 0.026  -1.605 -7.947  -0.232 29 A_C13:G4_A  A 13 ? A 4  ? 19 1 
1 A U 14 1_555 A A 3  6_765 0.014  -0.084 -0.016 1.621  -4.975  3.179  30 A_U14:A3_A  A 14 ? A 3  ? 20 1 
1 A G 15 1_555 A C 2  6_765 -0.392 -0.256 -0.113 -1.300 -11.975 -0.660 31 A_G15:C2_A  A 15 ? A 2  ? 19 1 
1 A C 16 1_555 A G 1  6_765 0.350  -0.234 -0.131 8.598  -4.230  -1.002 32 A_C16:G1_A  A 16 ? A 1  ? 19 1 
# 
loop_
_ndb_struct_na_base_pair_step.model_number 
_ndb_struct_na_base_pair_step.i_label_asym_id_1 
_ndb_struct_na_base_pair_step.i_label_comp_id_1 
_ndb_struct_na_base_pair_step.i_label_seq_id_1 
_ndb_struct_na_base_pair_step.i_symmetry_1 
_ndb_struct_na_base_pair_step.j_label_asym_id_1 
_ndb_struct_na_base_pair_step.j_label_comp_id_1 
_ndb_struct_na_base_pair_step.j_label_seq_id_1 
_ndb_struct_na_base_pair_step.j_symmetry_1 
_ndb_struct_na_base_pair_step.i_label_asym_id_2 
_ndb_struct_na_base_pair_step.i_label_comp_id_2 
_ndb_struct_na_base_pair_step.i_label_seq_id_2 
_ndb_struct_na_base_pair_step.i_symmetry_2 
_ndb_struct_na_base_pair_step.j_label_asym_id_2 
_ndb_struct_na_base_pair_step.j_label_comp_id_2 
_ndb_struct_na_base_pair_step.j_label_seq_id_2 
_ndb_struct_na_base_pair_step.j_symmetry_2 
_ndb_struct_na_base_pair_step.shift 
_ndb_struct_na_base_pair_step.slide 
_ndb_struct_na_base_pair_step.rise 
_ndb_struct_na_base_pair_step.tilt 
_ndb_struct_na_base_pair_step.roll 
_ndb_struct_na_base_pair_step.twist 
_ndb_struct_na_base_pair_step.x_displacement 
_ndb_struct_na_base_pair_step.y_displacement 
_ndb_struct_na_base_pair_step.helical_rise 
_ndb_struct_na_base_pair_step.inclination 
_ndb_struct_na_base_pair_step.tip 
_ndb_struct_na_base_pair_step.helical_twist 
_ndb_struct_na_base_pair_step.step_number 
_ndb_struct_na_base_pair_step.step_name 
_ndb_struct_na_base_pair_step.i_auth_asym_id_1 
_ndb_struct_na_base_pair_step.i_auth_seq_id_1 
_ndb_struct_na_base_pair_step.i_PDB_ins_code_1 
_ndb_struct_na_base_pair_step.j_auth_asym_id_1 
_ndb_struct_na_base_pair_step.j_auth_seq_id_1 
_ndb_struct_na_base_pair_step.j_PDB_ins_code_1 
_ndb_struct_na_base_pair_step.i_auth_asym_id_2 
_ndb_struct_na_base_pair_step.i_auth_seq_id_2 
_ndb_struct_na_base_pair_step.i_PDB_ins_code_2 
_ndb_struct_na_base_pair_step.j_auth_asym_id_2 
_ndb_struct_na_base_pair_step.j_auth_seq_id_2 
_ndb_struct_na_base_pair_step.j_PDB_ins_code_2 
1 B G 1  1_555 C C 16 1_555 B C 2  1_555 C G 15 1_555 -0.321 -1.074 3.121 -1.973 3.440  38.295 -2.031  0.257  3.029 5.227  2.998   
38.492 1  BB_G1C2:G31C32_CC   B 1  ? C 32 ? B 2  ? C 31 ? 
1 B C 2  1_555 C G 15 1_555 B A 3  1_555 C U 14 1_555 -0.151 -1.320 3.164 -2.626 17.367 31.538 -4.298  -0.083 2.173 29.284 4.428   
35.990 2  BB_C2A3:U30G31_CC   B 2  ? C 31 ? B 3  ? C 30 ? 
1 B A 3  1_555 C U 14 1_555 B G 4  1_555 C C 13 1_555 0.063  -1.507 3.168 2.174  8.536  28.302 -4.579  0.292  2.609 16.945 -4.317  
29.615 3  BB_A3G4:C29U30_CC   B 3  ? C 30 ? B 4  ? C 29 ? 
1 B G 4  1_555 C C 13 1_555 B A 5  1_555 C U 12 1_555 0.843  -1.577 3.275 3.062  11.966 32.862 -4.297  -0.971 2.625 20.281 -5.190  
35.047 4  BB_G4A5:U28C29_CC   B 4  ? C 29 ? B 5  ? C 28 ? 
1 B A 5  1_555 C U 12 1_555 B C 6  1_555 C A 11 1_555 0.605  -1.139 3.275 1.781  6.232  44.563 -2.039  -0.633 3.117 8.166  -2.334  
45.008 5  BB_A5C6:A27U28_CC   B 5  ? C 28 ? B 6  ? C 27 ? 
1 B C 6  1_555 C A 11 1_555 B U 7  1_555 C A 10 1_555 -0.908 -2.083 2.814 2.674  7.128  16.361 -9.546  3.985  1.603 23.463 -8.802  
18.035 6  BB_C6U7:A26A27_CC   B 6  ? C 27 ? B 7  ? C 26 ? 
1 B U 7  1_555 C A 10 1_555 B U 8  1_555 C A 9  1_555 -0.113 -1.411 3.270 -2.308 4.425  29.899 -3.565  -0.235 3.034 8.502  4.434   
30.303 7  BB_U7U8:A25A26_CC   B 7  ? C 26 ? B 8  ? C 25 ? 
1 B U 8  1_555 C A 9  1_555 B A 9  1_555 C U 8  1_555 0.165  -1.345 3.108 0.312  13.946 32.481 -4.022  -0.232 2.353 23.620 -0.529  
35.276 8  BB_U8A9:U24A25_CC   B 8  ? C 25 ? B 9  ? C 24 ? 
1 B A 9  1_555 C U 8  1_555 B A 10 1_555 C U 7  1_555 -0.826 -1.159 3.090 -1.786 9.861  33.418 -3.288  1.135  2.690 16.688 3.022   
34.848 9  BB_A9A10:U23U24_CC  B 9  ? C 24 ? B 10 ? C 23 ? 
1 B A 10 1_555 C U 7  1_555 B A 11 1_555 C C 6  1_555 2.338  -2.131 3.025 4.387  12.913 13.805 -11.267 -5.266 1.273 42.472 -14.428 
19.382 10 BB_A10A11:C22U23_CC B 10 ? C 23 ? B 11 ? C 22 ? 
1 B A 11 1_555 C C 6  1_555 B U 12 1_555 C A 5  1_555 -0.204 -1.085 3.208 -1.826 8.736  43.866 -2.185  0.109  2.956 11.551 2.414   
44.720 11 BB_A11U12:A21C22_CC B 11 ? C 22 ? B 12 ? C 21 ? 
1 B U 12 1_555 C A 5  1_555 B C 13 1_555 C G 4  1_555 -0.522 -1.765 3.182 0.823  4.464  30.379 -4.151  1.136  2.885 8.460  -1.560  
30.708 12 BB_U12C13:G20A21_CC B 12 ? C 21 ? B 13 ? C 20 ? 
1 B C 13 1_555 C G 4  1_555 B U 14 1_555 C A 3  1_555 -0.743 -1.137 3.291 -0.816 11.057 29.335 -4.088  1.230  2.714 20.915 1.544   
31.318 13 BB_C13U14:A19G20_CC B 13 ? C 20 ? B 14 ? C 19 ? 
1 B U 14 1_555 C A 3  1_555 B G 15 1_555 C C 2  1_555 0.412  -1.263 3.005 -1.310 10.023 31.051 -3.745  -0.930 2.470 18.130 2.369   
32.616 14 BB_U14G15:C18A19_CC B 14 ? C 19 ? B 15 ? C 18 ? 
1 B G 15 1_555 C C 2  1_555 B C 16 1_555 C G 1  1_555 0.330  -1.707 3.047 5.307  -0.424 36.604 -2.638  0.152  3.082 -0.671 -8.396  
36.977 15 BB_G15C16:G17C18_CC B 15 ? C 18 ? B 16 ? C 17 ? 
1 A G 1  1_555 A C 16 6_765 A C 2  1_555 A G 15 6_765 -0.253 -1.643 3.027 -0.034 3.391  34.550 -3.222  0.419  2.858 5.692  0.057   
34.710 16 AA_G1C2:G15C16_AA   A 1  ? A 16 ? A 2  ? A 15 ? 
1 A C 2  1_555 A G 15 6_765 A A 3  1_555 A U 14 6_765 0.364  -1.668 3.215 -0.544 10.379 30.338 -4.710  -0.748 2.515 19.139 1.003   
32.029 17 AA_C2A3:U14G15_AA   A 2  ? A 15 ? A 3  ? A 14 ? 
1 A A 3  1_555 A U 14 6_765 A G 4  1_555 A C 13 6_765 -0.217 -1.506 3.125 -0.652 6.876  28.929 -4.240  0.298  2.707 13.521 1.282   
29.724 18 AA_A3G4:C13U14_AA   A 3  ? A 14 ? A 4  ? A 13 ? 
1 A G 4  1_555 A C 13 6_765 A A 5  1_555 A U 12 6_765 -0.195 -1.785 3.381 0.005  13.022 35.255 -4.382  0.304  2.585 20.650 -0.007  
37.511 19 AA_G4A5:U12C13_AA   A 4  ? A 13 ? A 5  ? A 12 ? 
1 A A 5  1_555 A U 12 6_765 A C 6  1_555 A A 11 6_765 0.273  -1.098 3.114 3.488  7.980  41.890 -2.247  -0.051 2.880 11.019 -4.816  
42.746 20 AA_A5C6:A11U12_AA   A 5  ? A 12 ? A 6  ? A 11 ? 
1 A C 6  1_555 A A 11 6_765 A U 7  1_555 A A 10 6_765 -0.021 -1.892 3.042 2.079  14.568 19.907 -7.735  0.523  1.351 36.394 -5.195  
24.711 21 AA_C6U7:A10A11_AA   A 6  ? A 11 ? A 7  ? A 10 ? 
1 A U 7  1_555 A A 10 6_765 A U 8  1_555 A A 9  6_765 0.224  -1.297 3.084 -0.346 6.701  31.925 -3.363  -0.453 2.760 12.017 0.620   
32.604 22 AA_U7U8:A9A10_AA    A 7  ? A 10 ? A 8  ? A 9  ? 
1 A U 8  1_555 A A 9  6_765 A A 9  1_555 A U 8  6_765 0.000  -1.333 3.025 0.000  14.196 34.219 -3.728  0.000  2.310 22.942 0.000   
36.965 23 AA_U8A9:U8A9_AA     A 8  ? A 9  ? A 9  ? A 8  ? 
1 A A 9  1_555 A U 8  6_765 A A 10 1_555 A U 7  6_765 -0.224 -1.297 3.084 0.346  6.701  31.925 -3.363  0.453  2.760 12.017 -0.620  
32.604 24 AA_A9A10:U7U8_AA    A 9  ? A 8  ? A 10 ? A 7  ? 
1 A A 10 1_555 A U 7  6_765 A A 11 1_555 A C 6  6_765 0.021  -1.892 3.042 -2.079 14.568 19.907 -7.735  -0.523 1.351 36.394 5.195   
24.711 25 AA_A10A11:C6U7_AA   A 10 ? A 7  ? A 11 ? A 6  ? 
1 A A 11 1_555 A C 6  6_765 A U 12 1_555 A A 5  6_765 -0.273 -1.098 3.114 -3.488 7.980  41.890 -2.247  0.051  2.880 11.019 4.816   
42.746 26 AA_A11U12:A5C6_AA   A 11 ? A 6  ? A 12 ? A 5  ? 
1 A U 12 1_555 A A 5  6_765 A C 13 1_555 A G 4  6_765 0.195  -1.785 3.381 -0.005 13.022 35.255 -4.382  -0.304 2.585 20.650 0.007   
37.511 27 AA_U12C13:G4A5_AA   A 12 ? A 5  ? A 13 ? A 4  ? 
1 A C 13 1_555 A G 4  6_765 A U 14 1_555 A A 3  6_765 0.217  -1.506 3.125 0.652  6.876  28.929 -4.240  -0.298 2.707 13.521 -1.282  
29.724 28 AA_C13U14:A3G4_AA   A 13 ? A 4  ? A 14 ? A 3  ? 
1 A U 14 1_555 A A 3  6_765 A G 15 1_555 A C 2  6_765 -0.364 -1.668 3.215 0.544  10.379 30.338 -4.710  0.748  2.515 19.139 -1.003  
32.029 29 AA_U14G15:C2A3_AA   A 14 ? A 3  ? A 15 ? A 2  ? 
1 A G 15 1_555 A C 2  6_765 A C 16 1_555 A G 1  6_765 0.253  -1.643 3.027 0.034  3.391  34.550 -3.222  -0.419 2.858 5.692  -0.057  
34.711 30 AA_G15C16:G1C2_AA   A 15 ? A 2  ? A 16 ? A 1  ? 
# 
loop_
_pdbx_entity_nonpoly.entity_id 
_pdbx_entity_nonpoly.name 
_pdbx_entity_nonpoly.comp_id 
2 'STRONTIUM ION' SR  
3 water           HOH 
# 
_pdbx_initial_refinement_model.id               1 
_pdbx_initial_refinement_model.entity_id_list   ? 
_pdbx_initial_refinement_model.type             'experimental model' 
_pdbx_initial_refinement_model.source_name      PDB 
_pdbx_initial_refinement_model.accession_code   1YRM 
_pdbx_initial_refinement_model.details          'pdb entry 1YRM' 
# 
